data_8ZAS
# 
_entry.id   8ZAS 
# 
_audit_conform.dict_name       mmcif_pdbx.dic 
_audit_conform.dict_version    5.404 
_audit_conform.dict_location   http://mmcif.pdb.org/dictionaries/ascii/mmcif_pdbx.dic 
# 
loop_
_database_2.database_id 
_database_2.database_code 
_database_2.pdbx_database_accession 
_database_2.pdbx_DOI 
PDB   8ZAS         pdb_00008zas 10.2210/pdb8zas/pdb 
WWPDB D_1300047328 ?            ?                   
# 
loop_
_pdbx_audit_revision_history.ordinal 
_pdbx_audit_revision_history.data_content_type 
_pdbx_audit_revision_history.major_revision 
_pdbx_audit_revision_history.minor_revision 
_pdbx_audit_revision_history.revision_date 
_pdbx_audit_revision_history.part_number 
1 'Structure model' 1 0 2025-04-16 ? 
2 'Structure model' 1 1 2025-06-11 ? 
3 'Structure model' 1 2 2025-06-25 ? 
# 
_pdbx_audit_revision_details.ordinal             1 
_pdbx_audit_revision_details.revision_ordinal    1 
_pdbx_audit_revision_details.data_content_type   'Structure model' 
_pdbx_audit_revision_details.provider            repository 
_pdbx_audit_revision_details.type                'Initial release' 
_pdbx_audit_revision_details.description         ? 
_pdbx_audit_revision_details.details             ? 
# 
loop_
_pdbx_audit_revision_group.ordinal 
_pdbx_audit_revision_group.revision_ordinal 
_pdbx_audit_revision_group.data_content_type 
_pdbx_audit_revision_group.group 
1 2 'Structure model' 'Database references' 
2 3 'Structure model' 'Database references' 
# 
loop_
_pdbx_audit_revision_category.ordinal 
_pdbx_audit_revision_category.revision_ordinal 
_pdbx_audit_revision_category.data_content_type 
_pdbx_audit_revision_category.category 
1 2 'Structure model' citation 
2 3 'Structure model' citation 
# 
loop_
_pdbx_audit_revision_item.ordinal 
_pdbx_audit_revision_item.revision_ordinal 
_pdbx_audit_revision_item.data_content_type 
_pdbx_audit_revision_item.item 
1 2 'Structure model' '_citation.journal_volume' 
2 2 'Structure model' '_citation.page_first'     
3 2 'Structure model' '_citation.page_last'      
4 3 'Structure model' '_citation.page_first'     
5 3 'Structure model' '_citation.page_last'      
# 
_pdbx_database_status.status_code                     REL 
_pdbx_database_status.status_code_sf                  REL 
_pdbx_database_status.status_code_mr                  ? 
_pdbx_database_status.entry_id                        8ZAS 
_pdbx_database_status.recvd_initial_deposition_date   2024-04-25 
_pdbx_database_status.SG_entry                        N 
_pdbx_database_status.deposit_site                    PDBJ 
_pdbx_database_status.process_site                    PDBC 
_pdbx_database_status.status_code_cs                  ? 
_pdbx_database_status.status_code_nmr_data            ? 
_pdbx_database_status.methods_development_category    ? 
_pdbx_database_status.pdb_format_compatible           Y 
# 
_pdbx_contact_author.id                 2 
_pdbx_contact_author.email              huanglin36@mail.sysu.edu.cn 
_pdbx_contact_author.name_first         Lin 
_pdbx_contact_author.name_last          Huang 
_pdbx_contact_author.name_mi            ? 
_pdbx_contact_author.role               'principal investigator/group leader' 
_pdbx_contact_author.identifier_ORCID   0000-0002-2121-365X 
# 
loop_
_audit_author.name 
_audit_author.pdbx_ordinal 
_audit_author.identifier_ORCID 
'Lin, X.'   1 0000-0002-8033-0186 
'Huang, L.' 2 0000-0002-2121-365X 
# 
_citation.abstract                  ? 
_citation.abstract_id_CAS           ? 
_citation.book_id_ISBN              ? 
_citation.book_publisher            ? 
_citation.book_publisher_city       ? 
_citation.book_title                ? 
_citation.coordinate_linkage        ? 
_citation.country                   GE 
_citation.database_id_Medline       ? 
_citation.details                   ? 
_citation.id                        primary 
_citation.journal_abbrev            Angew.Chem.Int.Ed.Engl. 
_citation.journal_id_ASTM           ACIEAY 
_citation.journal_id_CSD            0179 
_citation.journal_id_ISSN           1521-3773 
_citation.journal_full              ? 
_citation.journal_issue             ? 
_citation.journal_volume            64 
_citation.language                  ? 
_citation.page_first                e202504107 
_citation.page_last                 e202504107 
_citation.title                     
'From Theophylline to Adenine or preQ 1 : Repurposing a DNA Aptamer Revealed by Crystal Structure Analysis.' 
_citation.year                      2025 
_citation.database_id_CSD           ? 
_citation.pdbx_database_id_DOI      10.1002/anie.202504107 
_citation.pdbx_database_id_PubMed   40101171 
_citation.pdbx_database_id_patent   ? 
_citation.unpublished_flag          ? 
# 
loop_
_citation_author.citation_id 
_citation_author.name 
_citation_author.ordinal 
_citation_author.identifier_ORCID 
primary 'Lin, X.'    1  ? 
primary 'Huang, Y.'  2  ? 
primary 'Huang, J.'  3  ? 
primary 'Yuan, H.'   4  ? 
primary 'Luo, Y.'    5  ? 
primary 'Lu, Z.'     6  ? 
primary 'Ao, Y.'     7  ? 
primary 'Huang, J.'  8  ? 
primary 'Chen, S.B.' 9  ? 
primary 'Miao, Z.'   10 ? 
primary 'Huang, L.'  11 ? 
# 
loop_
_entity.id 
_entity.type 
_entity.src_method 
_entity.pdbx_description 
_entity.formula_weight 
_entity.pdbx_number_of_molecules 
_entity.pdbx_ec 
_entity.pdbx_mutation 
_entity.pdbx_fragment 
_entity.details 
1 polymer     syn 
;DNA (5'-D(*GP*GP*GP*CP*GP*GP*TP*GP*GP*TP*CP*TP*AP*TP*T)-3')
;
4672.017 1 ? ? ? ? 
2 polymer     syn 
;DNA (5'-D(*CP*AP*TP*TP*GP*GP*CP*GP*TP*CP*CP*GP*CP*CP*GP*CP*CP*C)-3')
;
5429.492 1 ? ? ? ? 
3 non-polymer syn ADENINE                                                                135.127  1 ? ? ? ? 
4 non-polymer syn 'SODIUM ION'                                                           22.990   1 ? ? ? ? 
# 
loop_
_entity_poly.entity_id 
_entity_poly.type 
_entity_poly.nstd_linkage 
_entity_poly.nstd_monomer 
_entity_poly.pdbx_seq_one_letter_code 
_entity_poly.pdbx_seq_one_letter_code_can 
_entity_poly.pdbx_strand_id 
_entity_poly.pdbx_target_identifier 
1 polydeoxyribonucleotide no no '(DG)(DG)(DG)(DC)(DG)(DG)(DT)(DG)(DG)(DT)(DC)(DT)(DA)(DT)(DT)'             GGGCGGTGGTCTATT    A ? 
2 polydeoxyribonucleotide no no '(DC)(DA)(DT)(DT)(DG)(DG)(DC)(DG)(DT)(DC)(DC)(DG)(DC)(DC)(DG)(DC)(DC)(DC)' CATTGGCGTCCGCCGCCC B ? 
# 
loop_
_pdbx_entity_nonpoly.entity_id 
_pdbx_entity_nonpoly.name 
_pdbx_entity_nonpoly.comp_id 
3 ADENINE      ADE 
4 'SODIUM ION' NA  
# 
loop_
_entity_poly_seq.entity_id 
_entity_poly_seq.num 
_entity_poly_seq.mon_id 
_entity_poly_seq.hetero 
1 1  DG n 
1 2  DG n 
1 3  DG n 
1 4  DC n 
1 5  DG n 
1 6  DG n 
1 7  DT n 
1 8  DG n 
1 9  DG n 
1 10 DT n 
1 11 DC n 
1 12 DT n 
1 13 DA n 
1 14 DT n 
1 15 DT n 
2 1  DC n 
2 2  DA n 
2 3  DT n 
2 4  DT n 
2 5  DG n 
2 6  DG n 
2 7  DC n 
2 8  DG n 
2 9  DT n 
2 10 DC n 
2 11 DC n 
2 12 DG n 
2 13 DC n 
2 14 DC n 
2 15 DG n 
2 16 DC n 
2 17 DC n 
2 18 DC n 
# 
loop_
_pdbx_entity_src_syn.entity_id 
_pdbx_entity_src_syn.pdbx_src_id 
_pdbx_entity_src_syn.pdbx_alt_source_flag 
_pdbx_entity_src_syn.pdbx_beg_seq_num 
_pdbx_entity_src_syn.pdbx_end_seq_num 
_pdbx_entity_src_syn.organism_scientific 
_pdbx_entity_src_syn.organism_common_name 
_pdbx_entity_src_syn.ncbi_taxonomy_id 
_pdbx_entity_src_syn.details 
1 1 sample 1 15 'synthetic construct' ? 32630 ? 
2 1 sample 1 18 'synthetic construct' ? 32630 ? 
# 
loop_
_chem_comp.id 
_chem_comp.type 
_chem_comp.mon_nstd_flag 
_chem_comp.name 
_chem_comp.pdbx_synonyms 
_chem_comp.formula 
_chem_comp.formula_weight 
ADE non-polymer   . ADENINE                              ? 'C5 H5 N5'        135.127 
DA  'DNA linking' y "2'-DEOXYADENOSINE-5'-MONOPHOSPHATE" ? 'C10 H14 N5 O6 P' 331.222 
DC  'DNA linking' y "2'-DEOXYCYTIDINE-5'-MONOPHOSPHATE"  ? 'C9 H14 N3 O7 P'  307.197 
DG  'DNA linking' y "2'-DEOXYGUANOSINE-5'-MONOPHOSPHATE" ? 'C10 H14 N5 O7 P' 347.221 
DT  'DNA linking' y "THYMIDINE-5'-MONOPHOSPHATE"         ? 'C10 H15 N2 O8 P' 322.208 
NA  non-polymer   . 'SODIUM ION'                         ? 'Na 1'            22.990  
# 
loop_
_pdbx_poly_seq_scheme.asym_id 
_pdbx_poly_seq_scheme.entity_id 
_pdbx_poly_seq_scheme.seq_id 
_pdbx_poly_seq_scheme.mon_id 
_pdbx_poly_seq_scheme.ndb_seq_num 
_pdbx_poly_seq_scheme.pdb_seq_num 
_pdbx_poly_seq_scheme.auth_seq_num 
_pdbx_poly_seq_scheme.pdb_mon_id 
_pdbx_poly_seq_scheme.auth_mon_id 
_pdbx_poly_seq_scheme.pdb_strand_id 
_pdbx_poly_seq_scheme.pdb_ins_code 
_pdbx_poly_seq_scheme.hetero 
A 1 1  DG 1  -1 -1 DG DG A . n 
A 1 2  DG 2  0  0  DG DG A . n 
A 1 3  DG 3  1  1  DG DG A . n 
A 1 4  DC 4  2  2  DC DC A . n 
A 1 5  DG 5  3  3  DG DG A . n 
A 1 6  DG 6  4  4  DG DG A . n 
A 1 7  DT 7  5  5  DT DT A . n 
A 1 8  DG 8  6  6  DG DG A . n 
A 1 9  DG 9  7  7  DG DG A . n 
A 1 10 DT 10 8  8  DT DT A . n 
A 1 11 DC 11 9  9  DC DC A . n 
A 1 12 DT 12 10 10 DT DT A . n 
A 1 13 DA 13 11 11 DA DA A . n 
A 1 14 DT 14 12 12 DT DT A . n 
A 1 15 DT 15 13 13 DT DT A . n 
B 2 1  DC 1  14 14 DC DC B . n 
B 2 2  DA 2  15 15 DA DA B . n 
B 2 3  DT 3  16 16 DT DT B . n 
B 2 4  DT 4  17 17 DT DT B . n 
B 2 5  DG 5  18 18 DG DG B . n 
B 2 6  DG 6  19 19 DG DG B . n 
B 2 7  DC 7  20 20 DC DC B . n 
B 2 8  DG 8  21 21 DG DG B . n 
B 2 9  DT 9  22 22 DT DT B . n 
B 2 10 DC 10 23 23 DC DC B . n 
B 2 11 DC 11 24 24 DC DC B . n 
B 2 12 DG 12 25 25 DG DG B . n 
B 2 13 DC 13 26 26 DC DC B . n 
B 2 14 DC 14 27 27 DC DC B . n 
B 2 15 DG 15 28 28 DG DG B . n 
B 2 16 DC 16 29 29 DC DC B . n 
B 2 17 DC 17 30 30 DC DC B . n 
B 2 18 DC 18 31 31 DC DC B . n 
# 
_pdbx_entity_instance_feature.ordinal        1 
_pdbx_entity_instance_feature.comp_id        ADE 
_pdbx_entity_instance_feature.asym_id        ? 
_pdbx_entity_instance_feature.seq_num        ? 
_pdbx_entity_instance_feature.auth_comp_id   ADE 
_pdbx_entity_instance_feature.auth_asym_id   ? 
_pdbx_entity_instance_feature.auth_seq_num   ? 
_pdbx_entity_instance_feature.feature_type   'SUBJECT OF INVESTIGATION' 
_pdbx_entity_instance_feature.details        ? 
# 
loop_
_pdbx_nonpoly_scheme.asym_id 
_pdbx_nonpoly_scheme.entity_id 
_pdbx_nonpoly_scheme.mon_id 
_pdbx_nonpoly_scheme.ndb_seq_num 
_pdbx_nonpoly_scheme.pdb_seq_num 
_pdbx_nonpoly_scheme.auth_seq_num 
_pdbx_nonpoly_scheme.pdb_mon_id 
_pdbx_nonpoly_scheme.auth_mon_id 
_pdbx_nonpoly_scheme.pdb_strand_id 
_pdbx_nonpoly_scheme.pdb_ins_code 
C 3 ADE 1 101 101 ADE ADE A . 
D 4 NA  1 102 1   NA  NA  A . 
# 
loop_
_software.citation_id 
_software.classification 
_software.compiler_name 
_software.compiler_version 
_software.contact_author 
_software.contact_author_email 
_software.date 
_software.description 
_software.dependencies 
_software.hardware 
_software.language 
_software.location 
_software.mods 
_software.name 
_software.os 
_software.os_version 
_software.type 
_software.version 
_software.pdbx_ordinal 
? refinement       ? ? ? ? ? ? ? ? ? ? ? PHENIX   ? ? ? 1.20.1_4487 1 
? refinement       ? ? ? ? ? ? ? ? ? ? ? PHENIX   ? ? ? 1.20.1_4487 2 
? 'data reduction' ? ? ? ? ? ? ? ? ? ? ? autoPROC ? ? ? .           3 
? 'data scaling'   ? ? ? ? ? ? ? ? ? ? ? autoPROC ? ? ? .           4 
? phasing          ? ? ? ? ? ? ? ? ? ? ? PHASER   ? ? ? .           5 
# 
_cell.angle_alpha                  90.000 
_cell.angle_alpha_esd              ? 
_cell.angle_beta                   96.380 
_cell.angle_beta_esd               ? 
_cell.angle_gamma                  90.000 
_cell.angle_gamma_esd              ? 
_cell.entry_id                     8ZAS 
_cell.details                      ? 
_cell.formula_units_Z              ? 
_cell.length_a                     61.366 
_cell.length_a_esd                 ? 
_cell.length_b                     26.929 
_cell.length_b_esd                 ? 
_cell.length_c                     63.532 
_cell.length_c_esd                 ? 
_cell.volume                       104338.003 
_cell.volume_esd                   ? 
_cell.Z_PDB                        4 
_cell.reciprocal_angle_alpha       ? 
_cell.reciprocal_angle_beta        ? 
_cell.reciprocal_angle_gamma       ? 
_cell.reciprocal_angle_alpha_esd   ? 
_cell.reciprocal_angle_beta_esd    ? 
_cell.reciprocal_angle_gamma_esd   ? 
_cell.reciprocal_length_a          ? 
_cell.reciprocal_length_b          ? 
_cell.reciprocal_length_c          ? 
_cell.reciprocal_length_a_esd      ? 
_cell.reciprocal_length_b_esd      ? 
_cell.reciprocal_length_c_esd      ? 
_cell.pdbx_unique_axis             ? 
_cell.pdbx_esd_method              ? 
# 
_symmetry.entry_id                         8ZAS 
_symmetry.cell_setting                     ? 
_symmetry.Int_Tables_number                5 
_symmetry.space_group_name_Hall            'C 2y' 
_symmetry.space_group_name_H-M             'C 1 2 1' 
_symmetry.pdbx_full_space_group_name_H-M   ? 
# 
_exptl.absorpt_coefficient_mu     ? 
_exptl.absorpt_correction_T_max   ? 
_exptl.absorpt_correction_T_min   ? 
_exptl.absorpt_correction_type    ? 
_exptl.absorpt_process_details    ? 
_exptl.entry_id                   8ZAS 
_exptl.crystals_number            1 
_exptl.details                    ? 
_exptl.method                     'X-RAY DIFFRACTION' 
_exptl.method_details             ? 
# 
_exptl_crystal.colour                       ? 
_exptl_crystal.density_diffrn               ? 
_exptl_crystal.density_Matthews             2.58 
_exptl_crystal.density_method               ? 
_exptl_crystal.density_percent_sol          52.37 
_exptl_crystal.description                  ? 
_exptl_crystal.F_000                        ? 
_exptl_crystal.id                           1 
_exptl_crystal.preparation                  ? 
_exptl_crystal.size_max                     ? 
_exptl_crystal.size_mid                     ? 
_exptl_crystal.size_min                     ? 
_exptl_crystal.size_rad                     ? 
_exptl_crystal.colour_lustre                ? 
_exptl_crystal.colour_modifier              ? 
_exptl_crystal.colour_primary               ? 
_exptl_crystal.density_meas                 ? 
_exptl_crystal.density_meas_esd             ? 
_exptl_crystal.density_meas_gt              ? 
_exptl_crystal.density_meas_lt              ? 
_exptl_crystal.density_meas_temp            ? 
_exptl_crystal.density_meas_temp_esd        ? 
_exptl_crystal.density_meas_temp_gt         ? 
_exptl_crystal.density_meas_temp_lt         ? 
_exptl_crystal.pdbx_crystal_image_url       ? 
_exptl_crystal.pdbx_crystal_image_format    ? 
_exptl_crystal.pdbx_mosaicity               ? 
_exptl_crystal.pdbx_mosaicity_esd           ? 
_exptl_crystal.pdbx_mosaic_method           ? 
_exptl_crystal.pdbx_mosaic_block_size       ? 
_exptl_crystal.pdbx_mosaic_block_size_esd   ? 
# 
_exptl_crystal_grow.apparatus       ? 
_exptl_crystal_grow.atmosphere      ? 
_exptl_crystal_grow.crystal_id      1 
_exptl_crystal_grow.details         ? 
_exptl_crystal_grow.method          'VAPOR DIFFUSION, HANGING DROP' 
_exptl_crystal_grow.method_ref      ? 
_exptl_crystal_grow.pH              6.0 
_exptl_crystal_grow.pressure        ? 
_exptl_crystal_grow.pressure_esd    ? 
_exptl_crystal_grow.seeding         ? 
_exptl_crystal_grow.seeding_ref     ? 
_exptl_crystal_grow.temp_details    ? 
_exptl_crystal_grow.temp_esd        ? 
_exptl_crystal_grow.time            ? 
_exptl_crystal_grow.pdbx_details    
;0.08 M Sodium chloride, 
0.02 M Magnesium chloride hexahydrate
0.04 M Sodium cacodylate trihydrate pH 6.0
35% v/v (+/-)-2-Methyl-2,4-pentanediol
0.012 M Spermine tetrahydrochloride
;
_exptl_crystal_grow.pdbx_pH_range   ? 
_exptl_crystal_grow.temp            291 
# 
_diffrn.ambient_environment              ? 
_diffrn.ambient_temp                     100 
_diffrn.ambient_temp_details             ? 
_diffrn.ambient_temp_esd                 ? 
_diffrn.crystal_id                       1 
_diffrn.crystal_support                  ? 
_diffrn.crystal_treatment                ? 
_diffrn.details                          ? 
_diffrn.id                               1 
_diffrn.ambient_pressure                 ? 
_diffrn.ambient_pressure_esd             ? 
_diffrn.ambient_pressure_gt              ? 
_diffrn.ambient_pressure_lt              ? 
_diffrn.ambient_temp_gt                  ? 
_diffrn.ambient_temp_lt                  ? 
_diffrn.pdbx_serial_crystal_experiment   N 
# 
_diffrn_detector.details                      ? 
_diffrn_detector.detector                     PIXEL 
_diffrn_detector.diffrn_id                    1 
_diffrn_detector.type                         'DECTRIS EIGER2 S 9M' 
_diffrn_detector.area_resol_mean              ? 
_diffrn_detector.dtime                        ? 
_diffrn_detector.pdbx_frames_total            ? 
_diffrn_detector.pdbx_collection_time_total   ? 
_diffrn_detector.pdbx_collection_date         2024-01-06 
_diffrn_detector.pdbx_frequency               ? 
_diffrn_detector.id                           ? 
_diffrn_detector.number_of_axes               ? 
# 
_diffrn_radiation.collimation                      ? 
_diffrn_radiation.diffrn_id                        1 
_diffrn_radiation.filter_edge                      ? 
_diffrn_radiation.inhomogeneity                    ? 
_diffrn_radiation.monochromator                    ? 
_diffrn_radiation.polarisn_norm                    ? 
_diffrn_radiation.polarisn_ratio                   ? 
_diffrn_radiation.probe                            ? 
_diffrn_radiation.type                             ? 
_diffrn_radiation.xray_symbol                      ? 
_diffrn_radiation.wavelength_id                    1 
_diffrn_radiation.pdbx_monochromatic_or_laue_m_l   M 
_diffrn_radiation.pdbx_wavelength_list             ? 
_diffrn_radiation.pdbx_wavelength                  ? 
_diffrn_radiation.pdbx_diffrn_protocol             'SINGLE WAVELENGTH' 
_diffrn_radiation.pdbx_analyzer                    ? 
_diffrn_radiation.pdbx_scattering_type             x-ray 
# 
_diffrn_radiation_wavelength.id           1 
_diffrn_radiation_wavelength.wavelength   0.97915 
_diffrn_radiation_wavelength.wt           1.0 
# 
_diffrn_source.current                     ? 
_diffrn_source.details                     ? 
_diffrn_source.diffrn_id                   1 
_diffrn_source.power                       ? 
_diffrn_source.size                        ? 
_diffrn_source.source                      SYNCHROTRON 
_diffrn_source.target                      ? 
_diffrn_source.type                        'SSRF BEAMLINE BL02U1' 
_diffrn_source.voltage                     ? 
_diffrn_source.take-off_angle              ? 
_diffrn_source.pdbx_wavelength_list        0.97915 
_diffrn_source.pdbx_wavelength             ? 
_diffrn_source.pdbx_synchrotron_beamline   BL02U1 
_diffrn_source.pdbx_synchrotron_site       SSRF 
# 
_reflns.B_iso_Wilson_estimate                          88.28 
_reflns.entry_id                                       8ZAS 
_reflns.data_reduction_details                         ? 
_reflns.data_reduction_method                          ? 
_reflns.d_resolution_high                              2.54 
_reflns.d_resolution_low                               31.57 
_reflns.details                                        ? 
_reflns.limit_h_max                                    ? 
_reflns.limit_h_min                                    ? 
_reflns.limit_k_max                                    ? 
_reflns.limit_k_min                                    ? 
_reflns.limit_l_max                                    ? 
_reflns.limit_l_min                                    ? 
_reflns.number_all                                     ? 
_reflns.number_obs                                     3530 
_reflns.observed_criterion                             ? 
_reflns.observed_criterion_F_max                       ? 
_reflns.observed_criterion_F_min                       ? 
_reflns.observed_criterion_I_max                       ? 
_reflns.observed_criterion_I_min                       ? 
_reflns.observed_criterion_sigma_F                     ? 
_reflns.observed_criterion_sigma_I                     ? 
_reflns.percent_possible_obs                           95.34 
_reflns.R_free_details                                 ? 
_reflns.Rmerge_F_all                                   ? 
_reflns.Rmerge_F_obs                                   ? 
_reflns.Friedel_coverage                               ? 
_reflns.number_gt                                      ? 
_reflns.threshold_expression                           ? 
_reflns.pdbx_redundancy                                6.7 
_reflns.pdbx_netI_over_av_sigmaI                       ? 
_reflns.pdbx_netI_over_sigmaI                          6.0 
_reflns.pdbx_res_netI_over_av_sigmaI_2                 ? 
_reflns.pdbx_res_netI_over_sigmaI_2                    ? 
_reflns.pdbx_chi_squared                               ? 
_reflns.pdbx_scaling_rejects                           ? 
_reflns.pdbx_d_res_high_opt                            ? 
_reflns.pdbx_d_res_low_opt                             ? 
_reflns.pdbx_d_res_opt_method                          ? 
_reflns.phase_calculation_details                      ? 
_reflns.pdbx_Rrim_I_all                                ? 
_reflns.pdbx_Rpim_I_all                                0.061 
_reflns.pdbx_d_opt                                     ? 
_reflns.pdbx_number_measured_all                       ? 
_reflns.pdbx_diffrn_id                                 1 
_reflns.pdbx_ordinal                                   1 
_reflns.pdbx_CC_half                                   0.994 
_reflns.pdbx_CC_star                                   ? 
_reflns.pdbx_R_split                                   ? 
_reflns.pdbx_Rmerge_I_obs                              0.095 
_reflns.pdbx_Rmerge_I_all                              ? 
_reflns.pdbx_Rsym_value                                ? 
_reflns.pdbx_CC_split_method                           ? 
_reflns.pdbx_aniso_diffraction_limit_axis_1_ortho[1]   ? 
_reflns.pdbx_aniso_diffraction_limit_axis_1_ortho[2]   ? 
_reflns.pdbx_aniso_diffraction_limit_axis_1_ortho[3]   ? 
_reflns.pdbx_aniso_diffraction_limit_axis_2_ortho[1]   ? 
_reflns.pdbx_aniso_diffraction_limit_axis_2_ortho[2]   ? 
_reflns.pdbx_aniso_diffraction_limit_axis_2_ortho[3]   ? 
_reflns.pdbx_aniso_diffraction_limit_axis_3_ortho[1]   ? 
_reflns.pdbx_aniso_diffraction_limit_axis_3_ortho[2]   ? 
_reflns.pdbx_aniso_diffraction_limit_axis_3_ortho[3]   ? 
_reflns.pdbx_aniso_diffraction_limit_1                 ? 
_reflns.pdbx_aniso_diffraction_limit_2                 ? 
_reflns.pdbx_aniso_diffraction_limit_3                 ? 
_reflns.pdbx_aniso_B_tensor_eigenvector_1_ortho[1]     ? 
_reflns.pdbx_aniso_B_tensor_eigenvector_1_ortho[2]     ? 
_reflns.pdbx_aniso_B_tensor_eigenvector_1_ortho[3]     ? 
_reflns.pdbx_aniso_B_tensor_eigenvector_2_ortho[1]     ? 
_reflns.pdbx_aniso_B_tensor_eigenvector_2_ortho[2]     ? 
_reflns.pdbx_aniso_B_tensor_eigenvector_2_ortho[3]     ? 
_reflns.pdbx_aniso_B_tensor_eigenvector_3_ortho[1]     ? 
_reflns.pdbx_aniso_B_tensor_eigenvector_3_ortho[2]     ? 
_reflns.pdbx_aniso_B_tensor_eigenvector_3_ortho[3]     ? 
_reflns.pdbx_aniso_B_tensor_eigenvalue_1               ? 
_reflns.pdbx_aniso_B_tensor_eigenvalue_2               ? 
_reflns.pdbx_aniso_B_tensor_eigenvalue_3               ? 
_reflns.pdbx_orthogonalization_convention              ? 
_reflns.pdbx_percent_possible_ellipsoidal              ? 
_reflns.pdbx_percent_possible_spherical                ? 
_reflns.pdbx_percent_possible_ellipsoidal_anomalous    ? 
_reflns.pdbx_percent_possible_spherical_anomalous      ? 
_reflns.pdbx_redundancy_anomalous                      ? 
_reflns.pdbx_CC_half_anomalous                         ? 
_reflns.pdbx_absDiff_over_sigma_anomalous              ? 
_reflns.pdbx_percent_possible_anomalous                ? 
_reflns.pdbx_observed_signal_threshold                 ? 
_reflns.pdbx_signal_type                               ? 
_reflns.pdbx_signal_details                            ? 
_reflns.pdbx_signal_software_id                        ? 
# 
_reflns_shell.d_res_high                                    2.54 
_reflns_shell.d_res_low                                     2.631 
_reflns_shell.meanI_over_sigI_all                           ? 
_reflns_shell.meanI_over_sigI_obs                           0.6 
_reflns_shell.number_measured_all                           ? 
_reflns_shell.number_measured_obs                           ? 
_reflns_shell.number_possible                               ? 
_reflns_shell.number_unique_all                             ? 
_reflns_shell.number_unique_obs                             319 
_reflns_shell.percent_possible_obs                          ? 
_reflns_shell.Rmerge_F_all                                  ? 
_reflns_shell.Rmerge_F_obs                                  ? 
_reflns_shell.meanI_over_sigI_gt                            ? 
_reflns_shell.meanI_over_uI_all                             ? 
_reflns_shell.meanI_over_uI_gt                              ? 
_reflns_shell.number_measured_gt                            ? 
_reflns_shell.number_unique_gt                              ? 
_reflns_shell.percent_possible_gt                           ? 
_reflns_shell.Rmerge_F_gt                                   ? 
_reflns_shell.Rmerge_I_gt                                   ? 
_reflns_shell.pdbx_redundancy                               ? 
_reflns_shell.pdbx_chi_squared                              ? 
_reflns_shell.pdbx_netI_over_sigmaI_all                     ? 
_reflns_shell.pdbx_netI_over_sigmaI_obs                     ? 
_reflns_shell.pdbx_Rrim_I_all                               ? 
_reflns_shell.pdbx_Rpim_I_all                               0.045 
_reflns_shell.pdbx_rejects                                  ? 
_reflns_shell.pdbx_ordinal                                  1 
_reflns_shell.pdbx_diffrn_id                                1 
_reflns_shell.pdbx_CC_half                                  0.773 
_reflns_shell.pdbx_CC_star                                  ? 
_reflns_shell.pdbx_R_split                                  ? 
_reflns_shell.percent_possible_all                          87.28 
_reflns_shell.Rmerge_I_all                                  ? 
_reflns_shell.Rmerge_I_obs                                  0.065 
_reflns_shell.pdbx_Rsym_value                               ? 
_reflns_shell.pdbx_percent_possible_ellipsoidal             ? 
_reflns_shell.pdbx_percent_possible_spherical               ? 
_reflns_shell.pdbx_percent_possible_ellipsoidal_anomalous   ? 
_reflns_shell.pdbx_percent_possible_spherical_anomalous     ? 
_reflns_shell.pdbx_redundancy_anomalous                     ? 
_reflns_shell.pdbx_CC_half_anomalous                        ? 
_reflns_shell.pdbx_absDiff_over_sigma_anomalous             ? 
_reflns_shell.pdbx_percent_possible_anomalous               ? 
# 
_refine.aniso_B[1][1]                            ? 
_refine.aniso_B[1][2]                            ? 
_refine.aniso_B[1][3]                            ? 
_refine.aniso_B[2][2]                            ? 
_refine.aniso_B[2][3]                            ? 
_refine.aniso_B[3][3]                            ? 
_refine.B_iso_max                                ? 
_refine.B_iso_mean                               97.29 
_refine.B_iso_min                                ? 
_refine.correlation_coeff_Fo_to_Fc               ? 
_refine.correlation_coeff_Fo_to_Fc_free          ? 
_refine.details                                  ? 
_refine.diff_density_max                         ? 
_refine.diff_density_max_esd                     ? 
_refine.diff_density_min                         ? 
_refine.diff_density_min_esd                     ? 
_refine.diff_density_rms                         ? 
_refine.diff_density_rms_esd                     ? 
_refine.entry_id                                 8ZAS 
_refine.pdbx_refine_id                           'X-RAY DIFFRACTION' 
_refine.ls_abs_structure_details                 ? 
_refine.ls_abs_structure_Flack                   ? 
_refine.ls_abs_structure_Flack_esd               ? 
_refine.ls_abs_structure_Rogers                  ? 
_refine.ls_abs_structure_Rogers_esd              ? 
_refine.ls_d_res_high                            2.54 
_refine.ls_d_res_low                             31.57 
_refine.ls_extinction_coef                       ? 
_refine.ls_extinction_coef_esd                   ? 
_refine.ls_extinction_expression                 ? 
_refine.ls_extinction_method                     ? 
_refine.ls_goodness_of_fit_all                   ? 
_refine.ls_goodness_of_fit_all_esd               ? 
_refine.ls_goodness_of_fit_obs                   ? 
_refine.ls_goodness_of_fit_obs_esd               ? 
_refine.ls_hydrogen_treatment                    ? 
_refine.ls_matrix_type                           ? 
_refine.ls_number_constraints                    ? 
_refine.ls_number_parameters                     ? 
_refine.ls_number_reflns_all                     ? 
_refine.ls_number_reflns_obs                     3397 
_refine.ls_number_reflns_R_free                  181 
_refine.ls_number_reflns_R_work                  3219 
_refine.ls_number_restraints                     ? 
_refine.ls_percent_reflns_obs                    95.34 
_refine.ls_percent_reflns_R_free                 5.32 
_refine.ls_R_factor_all                          ? 
_refine.ls_R_factor_obs                          0.2200 
_refine.ls_R_factor_R_free                       0.2751 
_refine.ls_R_factor_R_free_error                 ? 
_refine.ls_R_factor_R_free_error_details         ? 
_refine.ls_R_factor_R_work                       0.2180 
_refine.ls_R_Fsqd_factor_obs                     ? 
_refine.ls_R_I_factor_obs                        ? 
_refine.ls_redundancy_reflns_all                 ? 
_refine.ls_redundancy_reflns_obs                 ? 
_refine.ls_restrained_S_all                      ? 
_refine.ls_restrained_S_obs                      ? 
_refine.ls_shift_over_esd_max                    ? 
_refine.ls_shift_over_esd_mean                   ? 
_refine.ls_structure_factor_coef                 ? 
_refine.ls_weighting_details                     ? 
_refine.ls_weighting_scheme                      ? 
_refine.ls_wR_factor_all                         ? 
_refine.ls_wR_factor_obs                         ? 
_refine.ls_wR_factor_R_free                      ? 
_refine.ls_wR_factor_R_work                      ? 
_refine.occupancy_max                            ? 
_refine.occupancy_min                            ? 
_refine.solvent_model_details                    'FLAT BULK SOLVENT MODEL' 
_refine.solvent_model_param_bsol                 ? 
_refine.solvent_model_param_ksol                 ? 
_refine.pdbx_R_complete                          ? 
_refine.ls_R_factor_gt                           ? 
_refine.ls_goodness_of_fit_gt                    ? 
_refine.ls_goodness_of_fit_ref                   ? 
_refine.ls_shift_over_su_max                     ? 
_refine.ls_shift_over_su_max_lt                  ? 
_refine.ls_shift_over_su_mean                    ? 
_refine.ls_shift_over_su_mean_lt                 ? 
_refine.pdbx_ls_sigma_I                          ? 
_refine.pdbx_ls_sigma_F                          1.33 
_refine.pdbx_ls_sigma_Fsqd                       ? 
_refine.pdbx_data_cutoff_high_absF               ? 
_refine.pdbx_data_cutoff_high_rms_absF           ? 
_refine.pdbx_data_cutoff_low_absF                ? 
_refine.pdbx_isotropic_thermal_model             ? 
_refine.pdbx_ls_cross_valid_method               'FREE R-VALUE' 
_refine.pdbx_method_to_determine_struct          'MOLECULAR REPLACEMENT' 
_refine.pdbx_starting_model                      8K0W 
_refine.pdbx_stereochemistry_target_values       'GeoStd + Monomer Library + CDL v1.2' 
_refine.pdbx_R_Free_selection_details            ? 
_refine.pdbx_stereochem_target_val_spec_case     ? 
_refine.pdbx_overall_ESU_R                       ? 
_refine.pdbx_overall_ESU_R_Free                  ? 
_refine.pdbx_solvent_vdw_probe_radii             1.1000 
_refine.pdbx_solvent_ion_probe_radii             ? 
_refine.pdbx_solvent_shrinkage_radii             0.9000 
_refine.pdbx_real_space_R                        ? 
_refine.pdbx_density_correlation                 ? 
_refine.pdbx_pd_number_of_powder_patterns        ? 
_refine.pdbx_pd_number_of_points                 ? 
_refine.pdbx_pd_meas_number_of_points            ? 
_refine.pdbx_pd_proc_ls_prof_R_factor            ? 
_refine.pdbx_pd_proc_ls_prof_wR_factor           ? 
_refine.pdbx_pd_Marquardt_correlation_coeff      ? 
_refine.pdbx_pd_Fsqrd_R_factor                   ? 
_refine.pdbx_pd_ls_matrix_band_width             ? 
_refine.pdbx_overall_phase_error                 35.3925 
_refine.pdbx_overall_SU_R_free_Cruickshank_DPI   ? 
_refine.pdbx_overall_SU_R_free_Blow_DPI          ? 
_refine.pdbx_overall_SU_R_Blow_DPI               ? 
_refine.pdbx_TLS_residual_ADP_flag               ? 
_refine.pdbx_diffrn_id                           1 
_refine.overall_SU_B                             ? 
_refine.overall_SU_ML                            0.2811 
_refine.overall_SU_R_Cruickshank_DPI             ? 
_refine.overall_SU_R_free                        ? 
_refine.overall_FOM_free_R_set                   ? 
_refine.overall_FOM_work_R_set                   ? 
_refine.pdbx_average_fsc_overall                 ? 
_refine.pdbx_average_fsc_work                    ? 
_refine.pdbx_average_fsc_free                    ? 
# 
_refine_hist.pdbx_refine_id                   'X-RAY DIFFRACTION' 
_refine_hist.cycle_id                         LAST 
_refine_hist.details                          ? 
_refine_hist.d_res_high                       2.54 
_refine_hist.d_res_low                        31.57 
_refine_hist.number_atoms_solvent             0 
_refine_hist.number_atoms_total               680 
_refine_hist.number_reflns_all                ? 
_refine_hist.number_reflns_obs                ? 
_refine_hist.number_reflns_R_free             ? 
_refine_hist.number_reflns_R_work             ? 
_refine_hist.R_factor_all                     ? 
_refine_hist.R_factor_obs                     ? 
_refine_hist.R_factor_R_free                  ? 
_refine_hist.R_factor_R_work                  ? 
_refine_hist.pdbx_number_residues_total       ? 
_refine_hist.pdbx_B_iso_mean_ligand           ? 
_refine_hist.pdbx_B_iso_mean_solvent          ? 
_refine_hist.pdbx_number_atoms_protein        0 
_refine_hist.pdbx_number_atoms_nucleic_acid   669 
_refine_hist.pdbx_number_atoms_ligand         11 
_refine_hist.pdbx_number_atoms_lipid          ? 
_refine_hist.pdbx_number_atoms_carb           ? 
_refine_hist.pdbx_pseudo_atom_details         ? 
# 
loop_
_refine_ls_restr.pdbx_refine_id 
_refine_ls_restr.criterion 
_refine_ls_restr.dev_ideal 
_refine_ls_restr.dev_ideal_target 
_refine_ls_restr.number 
_refine_ls_restr.rejects 
_refine_ls_restr.type 
_refine_ls_restr.weight 
_refine_ls_restr.pdbx_restraint_function 
'X-RAY DIFFRACTION' ? 0.0049  ? 758  ? f_bond_d           ? ? 
'X-RAY DIFFRACTION' ? 0.7078  ? 1165 ? f_angle_d          ? ? 
'X-RAY DIFFRACTION' ? 0.0334  ? 130  ? f_chiral_restr     ? ? 
'X-RAY DIFFRACTION' ? 0.0035  ? 34   ? f_plane_restr      ? ? 
'X-RAY DIFFRACTION' ? 34.6576 ? 322  ? f_dihedral_angle_d ? ? 
# 
_refine_ls_shell.pdbx_refine_id                   'X-RAY DIFFRACTION' 
_refine_ls_shell.d_res_high                       2.54 
_refine_ls_shell.d_res_low                        2.67 
_refine_ls_shell.number_reflns_all                ? 
_refine_ls_shell.number_reflns_obs                ? 
_refine_ls_shell.number_reflns_R_free             181 
_refine_ls_shell.number_reflns_R_work             3219 
_refine_ls_shell.percent_reflns_obs               95.05 
_refine_ls_shell.percent_reflns_R_free            ? 
_refine_ls_shell.R_factor_all                     ? 
_refine_ls_shell.R_factor_obs                     ? 
_refine_ls_shell.R_factor_R_free_error            ? 
_refine_ls_shell.R_factor_R_work                  0.2172 
_refine_ls_shell.redundancy_reflns_all            ? 
_refine_ls_shell.redundancy_reflns_obs            ? 
_refine_ls_shell.wR_factor_all                    ? 
_refine_ls_shell.wR_factor_obs                    ? 
_refine_ls_shell.wR_factor_R_free                 ? 
_refine_ls_shell.wR_factor_R_work                 ? 
_refine_ls_shell.pdbx_R_complete                  ? 
_refine_ls_shell.pdbx_total_number_of_bins_used   ? 
_refine_ls_shell.pdbx_phase_error                 ? 
_refine_ls_shell.pdbx_fsc_work                    ? 
_refine_ls_shell.pdbx_fsc_free                    ? 
_refine_ls_shell.R_factor_R_free                  0.2757 
# 
_struct.entry_id                     8ZAS 
_struct.title                        'Crystal structure of Adenine DNA aptamer bound with adenine' 
_struct.pdbx_model_details           ? 
_struct.pdbx_formula_weight          ? 
_struct.pdbx_formula_weight_method   ? 
_struct.pdbx_model_type_details      ? 
_struct.pdbx_CASP_flag               N 
# 
_struct_keywords.entry_id        8ZAS 
_struct_keywords.text            'Aptamer, DNA, Adenine' 
_struct_keywords.pdbx_keywords   DNA 
# 
loop_
_struct_asym.id 
_struct_asym.pdbx_blank_PDB_chainid_flag 
_struct_asym.pdbx_modified 
_struct_asym.entity_id 
_struct_asym.details 
A N N 1 ? 
B N N 2 ? 
C N N 3 ? 
D N N 4 ? 
# 
loop_
_struct_ref.id 
_struct_ref.db_name 
_struct_ref.db_code 
_struct_ref.pdbx_db_accession 
_struct_ref.pdbx_db_isoform 
_struct_ref.entity_id 
_struct_ref.pdbx_seq_one_letter_code 
_struct_ref.pdbx_align_begin 
1 PDB 8ZAS 8ZAS ? 1 ? 1 
2 PDB 8ZAS 8ZAS ? 2 ? 1 
# 
loop_
_struct_ref_seq.align_id 
_struct_ref_seq.ref_id 
_struct_ref_seq.pdbx_PDB_id_code 
_struct_ref_seq.pdbx_strand_id 
_struct_ref_seq.seq_align_beg 
_struct_ref_seq.pdbx_seq_align_beg_ins_code 
_struct_ref_seq.seq_align_end 
_struct_ref_seq.pdbx_seq_align_end_ins_code 
_struct_ref_seq.pdbx_db_accession 
_struct_ref_seq.db_align_beg 
_struct_ref_seq.pdbx_db_align_beg_ins_code 
_struct_ref_seq.db_align_end 
_struct_ref_seq.pdbx_db_align_end_ins_code 
_struct_ref_seq.pdbx_auth_seq_align_beg 
_struct_ref_seq.pdbx_auth_seq_align_end 
1 1 8ZAS A 1 ? 15 ? 8ZAS -1 ? 13 ? -1 13 
2 2 8ZAS B 1 ? 18 ? 8ZAS 14 ? 31 ? 14 31 
# 
_pdbx_struct_assembly.id                   1 
_pdbx_struct_assembly.details              author_and_software_defined_assembly 
_pdbx_struct_assembly.method_details       PISA 
_pdbx_struct_assembly.oligomeric_details   dimeric 
_pdbx_struct_assembly.oligomeric_count     2 
# 
loop_
_pdbx_struct_assembly_prop.biol_id 
_pdbx_struct_assembly_prop.type 
_pdbx_struct_assembly_prop.value 
_pdbx_struct_assembly_prop.details 
1 'ABSA (A^2)' 2530 ? 
1 MORE         -24  ? 
1 'SSA (A^2)'  5600 ? 
# 
_pdbx_struct_assembly_gen.assembly_id       1 
_pdbx_struct_assembly_gen.oper_expression   1 
_pdbx_struct_assembly_gen.asym_id_list      A,B,C,D 
# 
_pdbx_struct_assembly_auth_evidence.id                     1 
_pdbx_struct_assembly_auth_evidence.assembly_id            1 
_pdbx_struct_assembly_auth_evidence.experimental_support   none 
_pdbx_struct_assembly_auth_evidence.details                ? 
# 
_pdbx_struct_oper_list.id                   1 
_pdbx_struct_oper_list.type                 'identity operation' 
_pdbx_struct_oper_list.name                 1_555 
_pdbx_struct_oper_list.symmetry_operation   x,y,z 
_pdbx_struct_oper_list.matrix[1][1]         1.0000000000 
_pdbx_struct_oper_list.matrix[1][2]         0.0000000000 
_pdbx_struct_oper_list.matrix[1][3]         0.0000000000 
_pdbx_struct_oper_list.vector[1]            0.0000000000 
_pdbx_struct_oper_list.matrix[2][1]         0.0000000000 
_pdbx_struct_oper_list.matrix[2][2]         1.0000000000 
_pdbx_struct_oper_list.matrix[2][3]         0.0000000000 
_pdbx_struct_oper_list.vector[2]            0.0000000000 
_pdbx_struct_oper_list.matrix[3][1]         0.0000000000 
_pdbx_struct_oper_list.matrix[3][2]         0.0000000000 
_pdbx_struct_oper_list.matrix[3][3]         1.0000000000 
_pdbx_struct_oper_list.vector[3]            0.0000000000 
# 
loop_
_struct_conn.id 
_struct_conn.conn_type_id 
_struct_conn.pdbx_leaving_atom_flag 
_struct_conn.pdbx_PDB_id 
_struct_conn.ptnr1_label_asym_id 
_struct_conn.ptnr1_label_comp_id 
_struct_conn.ptnr1_label_seq_id 
_struct_conn.ptnr1_label_atom_id 
_struct_conn.pdbx_ptnr1_label_alt_id 
_struct_conn.pdbx_ptnr1_PDB_ins_code 
_struct_conn.pdbx_ptnr1_standard_comp_id 
_struct_conn.ptnr1_symmetry 
_struct_conn.ptnr2_label_asym_id 
_struct_conn.ptnr2_label_comp_id 
_struct_conn.ptnr2_label_seq_id 
_struct_conn.ptnr2_label_atom_id 
_struct_conn.pdbx_ptnr2_label_alt_id 
_struct_conn.pdbx_ptnr2_PDB_ins_code 
_struct_conn.ptnr1_auth_asym_id 
_struct_conn.ptnr1_auth_comp_id 
_struct_conn.ptnr1_auth_seq_id 
_struct_conn.ptnr2_auth_asym_id 
_struct_conn.ptnr2_auth_comp_id 
_struct_conn.ptnr2_auth_seq_id 
_struct_conn.ptnr2_symmetry 
_struct_conn.pdbx_ptnr3_label_atom_id 
_struct_conn.pdbx_ptnr3_label_seq_id 
_struct_conn.pdbx_ptnr3_label_comp_id 
_struct_conn.pdbx_ptnr3_label_asym_id 
_struct_conn.pdbx_ptnr3_label_alt_id 
_struct_conn.pdbx_ptnr3_PDB_ins_code 
_struct_conn.details 
_struct_conn.pdbx_dist_value 
_struct_conn.pdbx_value_order 
_struct_conn.pdbx_role 
metalc1  metalc ? ? A DG 6  O6 ? ? ? 1_555 D NA .  NA ? ? A DG 4   A NA 102 1_555 ? ? ? ? ? ? ?            2.816 ? ? 
metalc2  metalc ? ? A DT 7  O4 ? ? ? 1_555 D NA .  NA ? ? A DT 5   A NA 102 1_555 ? ? ? ? ? ? ?            2.922 ? ? 
metalc3  metalc ? ? D NA .  NA ? ? ? 1_555 B DG 12 O6 ? ? A NA 102 B DG 25  1_555 ? ? ? ? ? ? ?            2.916 ? ? 
hydrog1  hydrog ? ? A DG 1  N1 ? ? ? 1_555 B DC 18 N3 ? ? A DG -1  B DC 31  1_555 ? ? ? ? ? ? WATSON-CRICK ?     ? ? 
hydrog2  hydrog ? ? A DG 1  N2 ? ? ? 1_555 B DC 18 O2 ? ? A DG -1  B DC 31  1_555 ? ? ? ? ? ? WATSON-CRICK ?     ? ? 
hydrog3  hydrog ? ? A DG 1  O6 ? ? ? 1_555 B DC 18 N4 ? ? A DG -1  B DC 31  1_555 ? ? ? ? ? ? WATSON-CRICK ?     ? ? 
hydrog4  hydrog ? ? A DG 2  N1 ? ? ? 1_555 B DC 17 N3 ? ? A DG 0   B DC 30  1_555 ? ? ? ? ? ? WATSON-CRICK ?     ? ? 
hydrog5  hydrog ? ? A DG 2  N2 ? ? ? 1_555 B DC 17 O2 ? ? A DG 0   B DC 30  1_555 ? ? ? ? ? ? WATSON-CRICK ?     ? ? 
hydrog6  hydrog ? ? A DG 2  O6 ? ? ? 1_555 B DC 17 N4 ? ? A DG 0   B DC 30  1_555 ? ? ? ? ? ? WATSON-CRICK ?     ? ? 
hydrog7  hydrog ? ? A DG 3  N1 ? ? ? 1_555 B DC 16 N3 ? ? A DG 1   B DC 29  1_555 ? ? ? ? ? ? WATSON-CRICK ?     ? ? 
hydrog8  hydrog ? ? A DG 3  N2 ? ? ? 1_555 B DC 16 O2 ? ? A DG 1   B DC 29  1_555 ? ? ? ? ? ? WATSON-CRICK ?     ? ? 
hydrog9  hydrog ? ? A DG 3  O6 ? ? ? 1_555 B DC 16 N4 ? ? A DG 1   B DC 29  1_555 ? ? ? ? ? ? WATSON-CRICK ?     ? ? 
hydrog10 hydrog ? ? A DC 4  N3 ? ? ? 1_555 B DG 15 N1 ? ? A DC 2   B DG 28  1_555 ? ? ? ? ? ? WATSON-CRICK ?     ? ? 
hydrog11 hydrog ? ? A DC 4  N4 ? ? ? 1_555 B DG 15 O6 ? ? A DC 2   B DG 28  1_555 ? ? ? ? ? ? WATSON-CRICK ?     ? ? 
hydrog12 hydrog ? ? A DC 4  O2 ? ? ? 1_555 B DG 15 N2 ? ? A DC 2   B DG 28  1_555 ? ? ? ? ? ? WATSON-CRICK ?     ? ? 
hydrog13 hydrog ? ? A DG 5  N1 ? ? ? 1_555 B DC 14 N3 ? ? A DG 3   B DC 27  1_555 ? ? ? ? ? ? WATSON-CRICK ?     ? ? 
hydrog14 hydrog ? ? A DG 5  N2 ? ? ? 1_555 B DC 14 O2 ? ? A DG 3   B DC 27  1_555 ? ? ? ? ? ? WATSON-CRICK ?     ? ? 
hydrog15 hydrog ? ? A DG 5  O6 ? ? ? 1_555 B DC 14 N4 ? ? A DG 3   B DC 27  1_555 ? ? ? ? ? ? WATSON-CRICK ?     ? ? 
hydrog16 hydrog ? ? A DG 6  N1 ? ? ? 1_555 B DC 13 N3 ? ? A DG 4   B DC 26  1_555 ? ? ? ? ? ? WATSON-CRICK ?     ? ? 
hydrog17 hydrog ? ? A DG 6  N2 ? ? ? 1_555 B DC 13 O2 ? ? A DG 4   B DC 26  1_555 ? ? ? ? ? ? WATSON-CRICK ?     ? ? 
hydrog18 hydrog ? ? A DG 6  O6 ? ? ? 1_555 B DC 13 N4 ? ? A DG 4   B DC 26  1_555 ? ? ? ? ? ? WATSON-CRICK ?     ? ? 
hydrog19 hydrog ? ? A DT 7  N3 ? ? ? 1_555 B DG 12 O6 ? ? A DT 5   B DG 25  1_555 ? ? ? ? ? ? TYPE_28_PAIR ?     ? ? 
hydrog20 hydrog ? ? A DT 7  O2 ? ? ? 1_555 B DG 12 N1 ? ? A DT 5   B DG 25  1_555 ? ? ? ? ? ? TYPE_28_PAIR ?     ? ? 
hydrog21 hydrog ? ? A DG 8  N7 ? ? ? 1_555 B DG 6  N1 ? ? A DG 6   B DG 19  1_555 ? ? ? ? ? ? TYPE_7_PAIR  ?     ? ? 
hydrog22 hydrog ? ? A DG 8  O6 ? ? ? 1_555 B DG 6  N2 ? ? A DG 6   B DG 19  1_555 ? ? ? ? ? ? TYPE_7_PAIR  ?     ? ? 
hydrog23 hydrog ? ? A DG 8  N1 ? ? ? 1_555 B DC 11 N3 ? ? A DG 6   B DC 24  1_555 ? ? ? ? ? ? WATSON-CRICK ?     ? ? 
hydrog24 hydrog ? ? A DG 8  N2 ? ? ? 1_555 B DC 11 O2 ? ? A DG 6   B DC 24  1_555 ? ? ? ? ? ? WATSON-CRICK ?     ? ? 
hydrog25 hydrog ? ? A DG 8  O6 ? ? ? 1_555 B DC 11 N4 ? ? A DG 6   B DC 24  1_555 ? ? ? ? ? ? WATSON-CRICK ?     ? ? 
hydrog26 hydrog ? ? A DG 9  N7 ? ? ? 1_555 B DG 5  N1 ? ? A DG 7   B DG 18  1_555 ? ? ? ? ? ? TYPE_7_PAIR  ?     ? ? 
hydrog27 hydrog ? ? A DG 9  O6 ? ? ? 1_555 B DG 5  N2 ? ? A DG 7   B DG 18  1_555 ? ? ? ? ? ? TYPE_7_PAIR  ?     ? ? 
hydrog28 hydrog ? ? A DG 9  N1 ? ? ? 1_555 B DC 10 N3 ? ? A DG 7   B DC 23  1_555 ? ? ? ? ? ? WATSON-CRICK ?     ? ? 
hydrog29 hydrog ? ? A DG 9  N2 ? ? ? 1_555 B DC 10 O2 ? ? A DG 7   B DC 23  1_555 ? ? ? ? ? ? WATSON-CRICK ?     ? ? 
hydrog30 hydrog ? ? A DG 9  O6 ? ? ? 1_555 B DC 10 N4 ? ? A DG 7   B DC 23  1_555 ? ? ? ? ? ? WATSON-CRICK ?     ? ? 
hydrog31 hydrog ? ? A DT 10 O2 ? ? ? 1_555 A DA 13 N6 ? ? A DT 8   A DA 11  1_555 ? ? ? ? ? ? 'DT-DA PAIR' ?     ? ? 
hydrog32 hydrog ? ? A DC 11 N3 ? ? ? 1_555 B DG 8  N1 ? ? A DC 9   B DG 21  1_555 ? ? ? ? ? ? WATSON-CRICK ?     ? ? 
hydrog33 hydrog ? ? A DC 11 N4 ? ? ? 1_555 B DG 8  O6 ? ? A DC 9   B DG 21  1_555 ? ? ? ? ? ? WATSON-CRICK ?     ? ? 
hydrog34 hydrog ? ? A DC 11 O2 ? ? ? 1_555 B DG 8  N2 ? ? A DC 9   B DG 21  1_555 ? ? ? ? ? ? WATSON-CRICK ?     ? ? 
hydrog35 hydrog ? ? A DA 13 N1 ? ? ? 1_555 B DT 3  N3 ? ? A DA 11  B DT 16  1_555 ? ? ? ? ? ? WATSON-CRICK ?     ? ? 
hydrog36 hydrog ? ? A DA 13 N6 ? ? ? 1_555 B DT 3  O4 ? ? A DA 11  B DT 16  1_555 ? ? ? ? ? ? WATSON-CRICK ?     ? ? 
hydrog37 hydrog ? ? A DT 14 N3 ? ? ? 1_555 B DA 2  N1 ? ? A DT 12  B DA 15  1_555 ? ? ? ? ? ? WATSON-CRICK ?     ? ? 
hydrog38 hydrog ? ? A DT 14 O4 ? ? ? 1_555 B DA 2  N6 ? ? A DT 12  B DA 15  1_555 ? ? ? ? ? ? WATSON-CRICK ?     ? ? 
hydrog39 hydrog ? ? A DT 15 N3 ? ? ? 1_555 B DC 1  N3 ? ? A DT 13  B DC 14  1_555 ? ? ? ? ? ? TYPE_18_PAIR ?     ? ? 
hydrog40 hydrog ? ? A DT 15 O4 ? ? ? 1_555 B DC 1  N4 ? ? A DT 13  B DC 14  1_555 ? ? ? ? ? ? TYPE_18_PAIR ?     ? ? 
# 
loop_
_struct_conn_type.id 
_struct_conn_type.criteria 
_struct_conn_type.reference 
metalc ? ? 
hydrog ? ? 
# 
loop_
_pdbx_struct_conn_angle.id 
_pdbx_struct_conn_angle.ptnr1_label_atom_id 
_pdbx_struct_conn_angle.ptnr1_label_alt_id 
_pdbx_struct_conn_angle.ptnr1_label_asym_id 
_pdbx_struct_conn_angle.ptnr1_label_comp_id 
_pdbx_struct_conn_angle.ptnr1_label_seq_id 
_pdbx_struct_conn_angle.ptnr1_auth_atom_id 
_pdbx_struct_conn_angle.ptnr1_auth_asym_id 
_pdbx_struct_conn_angle.ptnr1_auth_comp_id 
_pdbx_struct_conn_angle.ptnr1_auth_seq_id 
_pdbx_struct_conn_angle.ptnr1_PDB_ins_code 
_pdbx_struct_conn_angle.ptnr1_symmetry 
_pdbx_struct_conn_angle.ptnr2_label_atom_id 
_pdbx_struct_conn_angle.ptnr2_label_alt_id 
_pdbx_struct_conn_angle.ptnr2_label_asym_id 
_pdbx_struct_conn_angle.ptnr2_label_comp_id 
_pdbx_struct_conn_angle.ptnr2_label_seq_id 
_pdbx_struct_conn_angle.ptnr2_auth_atom_id 
_pdbx_struct_conn_angle.ptnr2_auth_asym_id 
_pdbx_struct_conn_angle.ptnr2_auth_comp_id 
_pdbx_struct_conn_angle.ptnr2_auth_seq_id 
_pdbx_struct_conn_angle.ptnr2_PDB_ins_code 
_pdbx_struct_conn_angle.ptnr2_symmetry 
_pdbx_struct_conn_angle.ptnr3_label_atom_id 
_pdbx_struct_conn_angle.ptnr3_label_alt_id 
_pdbx_struct_conn_angle.ptnr3_label_asym_id 
_pdbx_struct_conn_angle.ptnr3_label_comp_id 
_pdbx_struct_conn_angle.ptnr3_label_seq_id 
_pdbx_struct_conn_angle.ptnr3_auth_atom_id 
_pdbx_struct_conn_angle.ptnr3_auth_asym_id 
_pdbx_struct_conn_angle.ptnr3_auth_comp_id 
_pdbx_struct_conn_angle.ptnr3_auth_seq_id 
_pdbx_struct_conn_angle.ptnr3_PDB_ins_code 
_pdbx_struct_conn_angle.ptnr3_symmetry 
_pdbx_struct_conn_angle.value 
_pdbx_struct_conn_angle.value_esd 
1 O6 ? A DG 6 ? A DG 4 ? 1_555 NA ? D NA . ? A NA 102 ? 1_555 O4 ? A DT 7  ? A DT 5  ? 1_555 77.4 ? 
2 O6 ? A DG 6 ? A DG 4 ? 1_555 NA ? D NA . ? A NA 102 ? 1_555 O6 ? B DG 12 ? B DG 25 ? 1_555 74.0 ? 
3 O4 ? A DT 7 ? A DT 5 ? 1_555 NA ? D NA . ? A NA 102 ? 1_555 O6 ? B DG 12 ? B DG 25 ? 1_555 69.7 ? 
# 
_pdbx_entry_details.entry_id                   8ZAS 
_pdbx_entry_details.has_ligand_of_interest     Y 
_pdbx_entry_details.compound_details           ? 
_pdbx_entry_details.source_details             ? 
_pdbx_entry_details.nonpolymer_details         ? 
_pdbx_entry_details.sequence_details           ? 
_pdbx_entry_details.has_protein_modification   N 
# 
_pdbx_validate_rmsd_angle.id                         1 
_pdbx_validate_rmsd_angle.PDB_model_num              1 
_pdbx_validate_rmsd_angle.auth_atom_id_1             "O4'" 
_pdbx_validate_rmsd_angle.auth_asym_id_1             A 
_pdbx_validate_rmsd_angle.auth_comp_id_1             DG 
_pdbx_validate_rmsd_angle.auth_seq_id_1              1 
_pdbx_validate_rmsd_angle.PDB_ins_code_1             ? 
_pdbx_validate_rmsd_angle.label_alt_id_1             ? 
_pdbx_validate_rmsd_angle.auth_atom_id_2             "C1'" 
_pdbx_validate_rmsd_angle.auth_asym_id_2             A 
_pdbx_validate_rmsd_angle.auth_comp_id_2             DG 
_pdbx_validate_rmsd_angle.auth_seq_id_2              1 
_pdbx_validate_rmsd_angle.PDB_ins_code_2             ? 
_pdbx_validate_rmsd_angle.label_alt_id_2             ? 
_pdbx_validate_rmsd_angle.auth_atom_id_3             N9 
_pdbx_validate_rmsd_angle.auth_asym_id_3             A 
_pdbx_validate_rmsd_angle.auth_comp_id_3             DG 
_pdbx_validate_rmsd_angle.auth_seq_id_3              1 
_pdbx_validate_rmsd_angle.PDB_ins_code_3             ? 
_pdbx_validate_rmsd_angle.label_alt_id_3             ? 
_pdbx_validate_rmsd_angle.angle_value                111.23 
_pdbx_validate_rmsd_angle.angle_target_value         108.30 
_pdbx_validate_rmsd_angle.angle_deviation            2.93 
_pdbx_validate_rmsd_angle.angle_standard_deviation   0.30 
_pdbx_validate_rmsd_angle.linker_flag                N 
# 
loop_
_space_group_symop.id 
_space_group_symop.operation_xyz 
1 x,y,z           
2 -x,y,-z         
3 x+1/2,y+1/2,z   
4 -x+1/2,y+1/2,-z 
# 
loop_
_pdbx_refine_tls.id 
_pdbx_refine_tls.pdbx_refine_id 
_pdbx_refine_tls.details 
_pdbx_refine_tls.method 
_pdbx_refine_tls.origin_x 
_pdbx_refine_tls.origin_y 
_pdbx_refine_tls.origin_z 
_pdbx_refine_tls.T[1][1] 
_pdbx_refine_tls.T[1][1]_esd 
_pdbx_refine_tls.T[1][2] 
_pdbx_refine_tls.T[1][2]_esd 
_pdbx_refine_tls.T[1][3] 
_pdbx_refine_tls.T[1][3]_esd 
_pdbx_refine_tls.T[2][2] 
_pdbx_refine_tls.T[2][2]_esd 
_pdbx_refine_tls.T[2][3] 
_pdbx_refine_tls.T[2][3]_esd 
_pdbx_refine_tls.T[3][3] 
_pdbx_refine_tls.T[3][3]_esd 
_pdbx_refine_tls.L[1][1] 
_pdbx_refine_tls.L[1][1]_esd 
_pdbx_refine_tls.L[1][2] 
_pdbx_refine_tls.L[1][2]_esd 
_pdbx_refine_tls.L[1][3] 
_pdbx_refine_tls.L[1][3]_esd 
_pdbx_refine_tls.L[2][2] 
_pdbx_refine_tls.L[2][2]_esd 
_pdbx_refine_tls.L[2][3] 
_pdbx_refine_tls.L[2][3]_esd 
_pdbx_refine_tls.L[3][3] 
_pdbx_refine_tls.L[3][3]_esd 
_pdbx_refine_tls.S[1][1] 
_pdbx_refine_tls.S[1][1]_esd 
_pdbx_refine_tls.S[1][2] 
_pdbx_refine_tls.S[1][2]_esd 
_pdbx_refine_tls.S[1][3] 
_pdbx_refine_tls.S[1][3]_esd 
_pdbx_refine_tls.S[2][1] 
_pdbx_refine_tls.S[2][1]_esd 
_pdbx_refine_tls.S[2][2] 
_pdbx_refine_tls.S[2][2]_esd 
_pdbx_refine_tls.S[2][3] 
_pdbx_refine_tls.S[2][3]_esd 
_pdbx_refine_tls.S[3][1] 
_pdbx_refine_tls.S[3][1]_esd 
_pdbx_refine_tls.S[3][2] 
_pdbx_refine_tls.S[3][2]_esd 
_pdbx_refine_tls.S[3][3] 
_pdbx_refine_tls.S[3][3]_esd 
1 'X-RAY DIFFRACTION' ? refined 1.0778450108   -0.6165332071  0.3771831910  1.06457981834 ? -0.099604873940 ? 0.097829217157  ? 0.90852350806  ? -0.119813291291 ? 1.259312638896 ? 3.22439548708 ? 2.436890116260 ? 0.64723538362   ? 1.208574355363 ? 1.06613889245   ? 2.32381252626 ? 0.181403742692  ? -0.181863579866 ? -1.088869122365 ? 0.394508302773  ? -0.376277229018 ? -0.58141611006  ? 0.736934533176  ? -0.171141090571 ? 0.280177982946  ? 
2 'X-RAY DIFFRACTION' ? refined -2.84162917807 -6.1714973830  -2.2669951101 1.5355983668  ? -1.080516321225 ? -0.006969621320 ? 1.93260046361  ? 0.672202675632  ? 0.52988626060  ? 5.79196390214 ? -6.26330959753 ? -1.44763265409  ? 7.35246780461  ? 0.68943445377   ? 1.6774826911  ? -0.6319825643   ? -3.4129255585   ? -2.41722880919  ? 0.20381583312   ? 2.10182668163   ? 2.09935027558   ? -0.865171442663 ? -0.668089764365 ? -1.7603932737   ? 
3 'X-RAY DIFFRACTION' ? refined -9.55560937165 -5.90327432378 -9.1678388211 1.01890369158 ? -0.020608709665 ? -0.048791954153 ? 0.795485528816 ? -0.100127515620 ? 0.781592638955 ? 4.59852417990 ? 2.36703570284  ? -0.06501144170  ? 6.67315914530  ? -2.6146605726   ? 1.64206913286 ? -1.23664325815  ? -0.645547598103 ? 0.83795300705   ? -1.652668879035 ? 0.4979264308    ? -0.180335026680 ? -0.68644301509  ? -0.332600760088 ? 0.784700149387  ? 
4 'X-RAY DIFFRACTION' ? refined -5.58685941782 -4.2424979037  5.3277512092  1.17505379798 ? -0.027070863940 ? 0.000510030208  ? 1.07372677807  ? -0.054713902905 ? 1.28928501729  ? 0.08628804712 ? 0.518718766317 ? -0.427045310754 ? 1.76699525915  ? -0.436295080760 ? 2.23361880117 ? -0.190677684044 ? 0.046020222098  ? -0.62247117539  ? 0.326004195716  ? -0.09090150986  ? 0.238850752190  ? -0.090911870647 ? 0.047094103556  ? 0.176488939954  ? 
5 'X-RAY DIFFRACTION' ? refined 7.4678292519   8.15895996385  1.71221816980 1.0745953187  ? -0.038106086652 ? -0.032970733938 ? 1.03120236863  ? -0.063223966980 ? 1.19842378701  ? 2.84771585807 ? 0.14073520163  ? 0.238027967887  ? 3.64167121441  ? 1.71821184183   ? 2.38164667561 ? -0.255299551648 ? -0.532550937996 ? -0.521791780841 ? -0.300801434863 ? 0.452986216897  ? -0.529309307824 ? -0.134168563777 ? 0.492374725314  ? -0.196425386050 ? 
# 
loop_
_pdbx_refine_tls_group.id 
_pdbx_refine_tls_group.pdbx_refine_id 
_pdbx_refine_tls_group.refine_tls_id 
_pdbx_refine_tls_group.beg_label_asym_id 
_pdbx_refine_tls_group.beg_label_seq_id 
_pdbx_refine_tls_group.beg_auth_asym_id 
_pdbx_refine_tls_group.beg_auth_seq_id 
_pdbx_refine_tls_group.beg_PDB_ins_code 
_pdbx_refine_tls_group.end_label_asym_id 
_pdbx_refine_tls_group.end_label_seq_id 
_pdbx_refine_tls_group.end_auth_asym_id 
_pdbx_refine_tls_group.end_auth_seq_id 
_pdbx_refine_tls_group.end_PDB_ins_code 
_pdbx_refine_tls_group.selection 
_pdbx_refine_tls_group.selection_details 
1 'X-RAY DIFFRACTION' 1 A ? A -1  ? A ? A 13  ? ? 
;chain 'A' and (resid -1 through 13 )
;
2 'X-RAY DIFFRACTION' 2 B ? A 101 ? B ? A 101 ? ? 
;chain 'A' and (resid 101 through 101 )
;
3 'X-RAY DIFFRACTION' 3 C ? B 14  ? C ? B 18  ? ? 
;chain 'B' and (resid 14 through 18 )
;
4 'X-RAY DIFFRACTION' 4 C ? B 19  ? C ? B 23  ? ? 
;chain 'B' and (resid 19 through 23 )
;
5 'X-RAY DIFFRACTION' 5 C ? B 24  ? C ? B 31  ? ? 
;chain 'B' and (resid 24 through 31 )
;
# 
loop_
_chem_comp_atom.comp_id 
_chem_comp_atom.atom_id 
_chem_comp_atom.type_symbol 
_chem_comp_atom.pdbx_aromatic_flag 
_chem_comp_atom.pdbx_stereo_config 
_chem_comp_atom.pdbx_ordinal 
ADE N9     N  Y N 1   
ADE C8     C  Y N 2   
ADE N7     N  Y N 3   
ADE C5     C  Y N 4   
ADE C6     C  Y N 5   
ADE N6     N  N N 6   
ADE N1     N  Y N 7   
ADE C2     C  Y N 8   
ADE N3     N  Y N 9   
ADE C4     C  Y N 10  
ADE HN9    H  N N 11  
ADE H8     H  N N 12  
ADE HN61   H  N N 13  
ADE HN62   H  N N 14  
ADE H2     H  N N 15  
DA  OP3    O  N N 16  
DA  P      P  N N 17  
DA  OP1    O  N N 18  
DA  OP2    O  N N 19  
DA  "O5'"  O  N N 20  
DA  "C5'"  C  N N 21  
DA  "C4'"  C  N R 22  
DA  "O4'"  O  N N 23  
DA  "C3'"  C  N S 24  
DA  "O3'"  O  N N 25  
DA  "C2'"  C  N N 26  
DA  "C1'"  C  N R 27  
DA  N9     N  Y N 28  
DA  C8     C  Y N 29  
DA  N7     N  Y N 30  
DA  C5     C  Y N 31  
DA  C6     C  Y N 32  
DA  N6     N  N N 33  
DA  N1     N  Y N 34  
DA  C2     C  Y N 35  
DA  N3     N  Y N 36  
DA  C4     C  Y N 37  
DA  HOP3   H  N N 38  
DA  HOP2   H  N N 39  
DA  "H5'"  H  N N 40  
DA  "H5''" H  N N 41  
DA  "H4'"  H  N N 42  
DA  "H3'"  H  N N 43  
DA  "HO3'" H  N N 44  
DA  "H2'"  H  N N 45  
DA  "H2''" H  N N 46  
DA  "H1'"  H  N N 47  
DA  H8     H  N N 48  
DA  H61    H  N N 49  
DA  H62    H  N N 50  
DA  H2     H  N N 51  
DC  OP3    O  N N 52  
DC  P      P  N N 53  
DC  OP1    O  N N 54  
DC  OP2    O  N N 55  
DC  "O5'"  O  N N 56  
DC  "C5'"  C  N N 57  
DC  "C4'"  C  N R 58  
DC  "O4'"  O  N N 59  
DC  "C3'"  C  N S 60  
DC  "O3'"  O  N N 61  
DC  "C2'"  C  N N 62  
DC  "C1'"  C  N R 63  
DC  N1     N  N N 64  
DC  C2     C  N N 65  
DC  O2     O  N N 66  
DC  N3     N  N N 67  
DC  C4     C  N N 68  
DC  N4     N  N N 69  
DC  C5     C  N N 70  
DC  C6     C  N N 71  
DC  HOP3   H  N N 72  
DC  HOP2   H  N N 73  
DC  "H5'"  H  N N 74  
DC  "H5''" H  N N 75  
DC  "H4'"  H  N N 76  
DC  "H3'"  H  N N 77  
DC  "HO3'" H  N N 78  
DC  "H2'"  H  N N 79  
DC  "H2''" H  N N 80  
DC  "H1'"  H  N N 81  
DC  H41    H  N N 82  
DC  H42    H  N N 83  
DC  H5     H  N N 84  
DC  H6     H  N N 85  
DG  OP3    O  N N 86  
DG  P      P  N N 87  
DG  OP1    O  N N 88  
DG  OP2    O  N N 89  
DG  "O5'"  O  N N 90  
DG  "C5'"  C  N N 91  
DG  "C4'"  C  N R 92  
DG  "O4'"  O  N N 93  
DG  "C3'"  C  N S 94  
DG  "O3'"  O  N N 95  
DG  "C2'"  C  N N 96  
DG  "C1'"  C  N R 97  
DG  N9     N  Y N 98  
DG  C8     C  Y N 99  
DG  N7     N  Y N 100 
DG  C5     C  Y N 101 
DG  C6     C  N N 102 
DG  O6     O  N N 103 
DG  N1     N  N N 104 
DG  C2     C  N N 105 
DG  N2     N  N N 106 
DG  N3     N  N N 107 
DG  C4     C  Y N 108 
DG  HOP3   H  N N 109 
DG  HOP2   H  N N 110 
DG  "H5'"  H  N N 111 
DG  "H5''" H  N N 112 
DG  "H4'"  H  N N 113 
DG  "H3'"  H  N N 114 
DG  "HO3'" H  N N 115 
DG  "H2'"  H  N N 116 
DG  "H2''" H  N N 117 
DG  "H1'"  H  N N 118 
DG  H8     H  N N 119 
DG  H1     H  N N 120 
DG  H21    H  N N 121 
DG  H22    H  N N 122 
DT  OP3    O  N N 123 
DT  P      P  N N 124 
DT  OP1    O  N N 125 
DT  OP2    O  N N 126 
DT  "O5'"  O  N N 127 
DT  "C5'"  C  N N 128 
DT  "C4'"  C  N R 129 
DT  "O4'"  O  N N 130 
DT  "C3'"  C  N S 131 
DT  "O3'"  O  N N 132 
DT  "C2'"  C  N N 133 
DT  "C1'"  C  N R 134 
DT  N1     N  N N 135 
DT  C2     C  N N 136 
DT  O2     O  N N 137 
DT  N3     N  N N 138 
DT  C4     C  N N 139 
DT  O4     O  N N 140 
DT  C5     C  N N 141 
DT  C7     C  N N 142 
DT  C6     C  N N 143 
DT  HOP3   H  N N 144 
DT  HOP2   H  N N 145 
DT  "H5'"  H  N N 146 
DT  "H5''" H  N N 147 
DT  "H4'"  H  N N 148 
DT  "H3'"  H  N N 149 
DT  "HO3'" H  N N 150 
DT  "H2'"  H  N N 151 
DT  "H2''" H  N N 152 
DT  "H1'"  H  N N 153 
DT  H3     H  N N 154 
DT  H71    H  N N 155 
DT  H72    H  N N 156 
DT  H73    H  N N 157 
DT  H6     H  N N 158 
NA  NA     NA N N 159 
# 
loop_
_chem_comp_bond.comp_id 
_chem_comp_bond.atom_id_1 
_chem_comp_bond.atom_id_2 
_chem_comp_bond.value_order 
_chem_comp_bond.pdbx_aromatic_flag 
_chem_comp_bond.pdbx_stereo_config 
_chem_comp_bond.pdbx_ordinal 
ADE N9    C8     sing Y N 1   
ADE N9    C4     sing Y N 2   
ADE N9    HN9    sing N N 3   
ADE C8    N7     doub Y N 4   
ADE C8    H8     sing N N 5   
ADE N7    C5     sing Y N 6   
ADE C5    C6     sing Y N 7   
ADE C5    C4     doub Y N 8   
ADE C6    N6     sing N N 9   
ADE C6    N1     doub Y N 10  
ADE N6    HN61   sing N N 11  
ADE N6    HN62   sing N N 12  
ADE N1    C2     sing Y N 13  
ADE C2    N3     doub Y N 14  
ADE C2    H2     sing N N 15  
ADE N3    C4     sing Y N 16  
DA  OP3   P      sing N N 17  
DA  OP3   HOP3   sing N N 18  
DA  P     OP1    doub N N 19  
DA  P     OP2    sing N N 20  
DA  P     "O5'"  sing N N 21  
DA  OP2   HOP2   sing N N 22  
DA  "O5'" "C5'"  sing N N 23  
DA  "C5'" "C4'"  sing N N 24  
DA  "C5'" "H5'"  sing N N 25  
DA  "C5'" "H5''" sing N N 26  
DA  "C4'" "O4'"  sing N N 27  
DA  "C4'" "C3'"  sing N N 28  
DA  "C4'" "H4'"  sing N N 29  
DA  "O4'" "C1'"  sing N N 30  
DA  "C3'" "O3'"  sing N N 31  
DA  "C3'" "C2'"  sing N N 32  
DA  "C3'" "H3'"  sing N N 33  
DA  "O3'" "HO3'" sing N N 34  
DA  "C2'" "C1'"  sing N N 35  
DA  "C2'" "H2'"  sing N N 36  
DA  "C2'" "H2''" sing N N 37  
DA  "C1'" N9     sing N N 38  
DA  "C1'" "H1'"  sing N N 39  
DA  N9    C8     sing Y N 40  
DA  N9    C4     sing Y N 41  
DA  C8    N7     doub Y N 42  
DA  C8    H8     sing N N 43  
DA  N7    C5     sing Y N 44  
DA  C5    C6     sing Y N 45  
DA  C5    C4     doub Y N 46  
DA  C6    N6     sing N N 47  
DA  C6    N1     doub Y N 48  
DA  N6    H61    sing N N 49  
DA  N6    H62    sing N N 50  
DA  N1    C2     sing Y N 51  
DA  C2    N3     doub Y N 52  
DA  C2    H2     sing N N 53  
DA  N3    C4     sing Y N 54  
DC  OP3   P      sing N N 55  
DC  OP3   HOP3   sing N N 56  
DC  P     OP1    doub N N 57  
DC  P     OP2    sing N N 58  
DC  P     "O5'"  sing N N 59  
DC  OP2   HOP2   sing N N 60  
DC  "O5'" "C5'"  sing N N 61  
DC  "C5'" "C4'"  sing N N 62  
DC  "C5'" "H5'"  sing N N 63  
DC  "C5'" "H5''" sing N N 64  
DC  "C4'" "O4'"  sing N N 65  
DC  "C4'" "C3'"  sing N N 66  
DC  "C4'" "H4'"  sing N N 67  
DC  "O4'" "C1'"  sing N N 68  
DC  "C3'" "O3'"  sing N N 69  
DC  "C3'" "C2'"  sing N N 70  
DC  "C3'" "H3'"  sing N N 71  
DC  "O3'" "HO3'" sing N N 72  
DC  "C2'" "C1'"  sing N N 73  
DC  "C2'" "H2'"  sing N N 74  
DC  "C2'" "H2''" sing N N 75  
DC  "C1'" N1     sing N N 76  
DC  "C1'" "H1'"  sing N N 77  
DC  N1    C2     sing N N 78  
DC  N1    C6     sing N N 79  
DC  C2    O2     doub N N 80  
DC  C2    N3     sing N N 81  
DC  N3    C4     doub N N 82  
DC  C4    N4     sing N N 83  
DC  C4    C5     sing N N 84  
DC  N4    H41    sing N N 85  
DC  N4    H42    sing N N 86  
DC  C5    C6     doub N N 87  
DC  C5    H5     sing N N 88  
DC  C6    H6     sing N N 89  
DG  OP3   P      sing N N 90  
DG  OP3   HOP3   sing N N 91  
DG  P     OP1    doub N N 92  
DG  P     OP2    sing N N 93  
DG  P     "O5'"  sing N N 94  
DG  OP2   HOP2   sing N N 95  
DG  "O5'" "C5'"  sing N N 96  
DG  "C5'" "C4'"  sing N N 97  
DG  "C5'" "H5'"  sing N N 98  
DG  "C5'" "H5''" sing N N 99  
DG  "C4'" "O4'"  sing N N 100 
DG  "C4'" "C3'"  sing N N 101 
DG  "C4'" "H4'"  sing N N 102 
DG  "O4'" "C1'"  sing N N 103 
DG  "C3'" "O3'"  sing N N 104 
DG  "C3'" "C2'"  sing N N 105 
DG  "C3'" "H3'"  sing N N 106 
DG  "O3'" "HO3'" sing N N 107 
DG  "C2'" "C1'"  sing N N 108 
DG  "C2'" "H2'"  sing N N 109 
DG  "C2'" "H2''" sing N N 110 
DG  "C1'" N9     sing N N 111 
DG  "C1'" "H1'"  sing N N 112 
DG  N9    C8     sing Y N 113 
DG  N9    C4     sing Y N 114 
DG  C8    N7     doub Y N 115 
DG  C8    H8     sing N N 116 
DG  N7    C5     sing Y N 117 
DG  C5    C6     sing N N 118 
DG  C5    C4     doub Y N 119 
DG  C6    O6     doub N N 120 
DG  C6    N1     sing N N 121 
DG  N1    C2     sing N N 122 
DG  N1    H1     sing N N 123 
DG  C2    N2     sing N N 124 
DG  C2    N3     doub N N 125 
DG  N2    H21    sing N N 126 
DG  N2    H22    sing N N 127 
DG  N3    C4     sing N N 128 
DT  OP3   P      sing N N 129 
DT  OP3   HOP3   sing N N 130 
DT  P     OP1    doub N N 131 
DT  P     OP2    sing N N 132 
DT  P     "O5'"  sing N N 133 
DT  OP2   HOP2   sing N N 134 
DT  "O5'" "C5'"  sing N N 135 
DT  "C5'" "C4'"  sing N N 136 
DT  "C5'" "H5'"  sing N N 137 
DT  "C5'" "H5''" sing N N 138 
DT  "C4'" "O4'"  sing N N 139 
DT  "C4'" "C3'"  sing N N 140 
DT  "C4'" "H4'"  sing N N 141 
DT  "O4'" "C1'"  sing N N 142 
DT  "C3'" "O3'"  sing N N 143 
DT  "C3'" "C2'"  sing N N 144 
DT  "C3'" "H3'"  sing N N 145 
DT  "O3'" "HO3'" sing N N 146 
DT  "C2'" "C1'"  sing N N 147 
DT  "C2'" "H2'"  sing N N 148 
DT  "C2'" "H2''" sing N N 149 
DT  "C1'" N1     sing N N 150 
DT  "C1'" "H1'"  sing N N 151 
DT  N1    C2     sing N N 152 
DT  N1    C6     sing N N 153 
DT  C2    O2     doub N N 154 
DT  C2    N3     sing N N 155 
DT  N3    C4     sing N N 156 
DT  N3    H3     sing N N 157 
DT  C4    O4     doub N N 158 
DT  C4    C5     sing N N 159 
DT  C5    C7     sing N N 160 
DT  C5    C6     doub N N 161 
DT  C7    H71    sing N N 162 
DT  C7    H72    sing N N 163 
DT  C7    H73    sing N N 164 
DT  C6    H6     sing N N 165 
# 
loop_
_ndb_struct_conf_na.entry_id 
_ndb_struct_conf_na.feature 
8ZAS 'double helix'         
8ZAS 'b-form double helix'  
8ZAS 'mismatched base pair' 
# 
loop_
_ndb_struct_na_base_pair.model_number 
_ndb_struct_na_base_pair.i_label_asym_id 
_ndb_struct_na_base_pair.i_label_comp_id 
_ndb_struct_na_base_pair.i_label_seq_id 
_ndb_struct_na_base_pair.i_symmetry 
_ndb_struct_na_base_pair.j_label_asym_id 
_ndb_struct_na_base_pair.j_label_comp_id 
_ndb_struct_na_base_pair.j_label_seq_id 
_ndb_struct_na_base_pair.j_symmetry 
_ndb_struct_na_base_pair.shear 
_ndb_struct_na_base_pair.stretch 
_ndb_struct_na_base_pair.stagger 
_ndb_struct_na_base_pair.buckle 
_ndb_struct_na_base_pair.propeller 
_ndb_struct_na_base_pair.opening 
_ndb_struct_na_base_pair.pair_number 
_ndb_struct_na_base_pair.pair_name 
_ndb_struct_na_base_pair.i_auth_asym_id 
_ndb_struct_na_base_pair.i_auth_seq_id 
_ndb_struct_na_base_pair.i_PDB_ins_code 
_ndb_struct_na_base_pair.j_auth_asym_id 
_ndb_struct_na_base_pair.j_auth_seq_id 
_ndb_struct_na_base_pair.j_PDB_ins_code 
_ndb_struct_na_base_pair.hbond_type_28 
_ndb_struct_na_base_pair.hbond_type_12 
1 A DG 1  1_555 B DC 18 1_555 -0.211 -0.113 -0.043 -0.303 -2.754  1.028  1  A_DG-1:DC31_B A -1 ? B 31 ? 19 1 
1 A DG 2  1_555 B DC 17 1_555 -0.189 -0.140 -0.138 -2.469 -4.565  -0.387 2  A_DG0:DC30_B  A 0  ? B 30 ? 19 1 
1 A DG 3  1_555 B DC 16 1_555 -0.159 -0.090 0.224  3.017  -5.885  1.212  3  A_DG1:DC29_B  A 1  ? B 29 ? 19 1 
1 A DC 4  1_555 B DG 15 1_555 0.110  -0.195 0.633  -2.411 -13.672 -5.407 4  A_DC2:DG28_B  A 2  ? B 28 ? 19 1 
1 A DG 5  1_555 B DC 14 1_555 -0.220 -0.151 0.569  0.862  2.506   2.365  5  A_DG3:DC27_B  A 3  ? B 27 ? 19 1 
1 A DG 6  1_555 B DC 13 1_555 -0.193 -0.105 0.333  1.789  -0.422  -0.716 6  A_DG4:DC26_B  A 4  ? B 26 ? 19 1 
1 A DT 7  1_555 B DG 12 1_555 1.708  -0.475 -0.209 2.134  -0.889  -3.889 7  A_DT5:DG25_B  A 5  ? B 25 ? 28 1 
1 A DG 8  1_555 B DC 11 1_555 -0.095 -0.207 0.826  8.501  -12.224 -2.838 8  A_DG6:DC24_B  A 6  ? B 24 ? 19 1 
1 A DG 9  1_555 B DC 10 1_555 -0.142 -0.279 0.786  2.034  -12.815 -2.387 9  A_DG7:DC23_B  A 7  ? B 23 ? 19 1 
1 A DC 11 1_555 B DG 8  1_555 0.197  -0.122 0.448  -6.672 -2.720  1.511  10 A_DC9:DG21_B  A 9  ? B 21 ? 19 1 
1 A DA 13 1_555 B DT 3  1_555 -0.001 -0.282 -0.934 -9.254 -10.616 4.836  11 A_DA11:DT16_B A 11 ? B 16 ? 20 1 
1 A DT 14 1_555 B DA 2  1_555 -0.035 -0.257 -0.839 -2.106 -12.394 10.648 12 A_DT12:DA15_B A 12 ? B 15 ? 20 1 
1 A DT 15 1_555 B DC 1  1_555 -0.607 -1.609 -0.605 -3.097 -14.579 9.623  13 A_DT13:DC14_B A 13 ? B 14 ? 18 1 
# 
loop_
_ndb_struct_na_base_pair_step.model_number 
_ndb_struct_na_base_pair_step.i_label_asym_id_1 
_ndb_struct_na_base_pair_step.i_label_comp_id_1 
_ndb_struct_na_base_pair_step.i_label_seq_id_1 
_ndb_struct_na_base_pair_step.i_symmetry_1 
_ndb_struct_na_base_pair_step.j_label_asym_id_1 
_ndb_struct_na_base_pair_step.j_label_comp_id_1 
_ndb_struct_na_base_pair_step.j_label_seq_id_1 
_ndb_struct_na_base_pair_step.j_symmetry_1 
_ndb_struct_na_base_pair_step.i_label_asym_id_2 
_ndb_struct_na_base_pair_step.i_label_comp_id_2 
_ndb_struct_na_base_pair_step.i_label_seq_id_2 
_ndb_struct_na_base_pair_step.i_symmetry_2 
_ndb_struct_na_base_pair_step.j_label_asym_id_2 
_ndb_struct_na_base_pair_step.j_label_comp_id_2 
_ndb_struct_na_base_pair_step.j_label_seq_id_2 
_ndb_struct_na_base_pair_step.j_symmetry_2 
_ndb_struct_na_base_pair_step.shift 
_ndb_struct_na_base_pair_step.slide 
_ndb_struct_na_base_pair_step.rise 
_ndb_struct_na_base_pair_step.tilt 
_ndb_struct_na_base_pair_step.roll 
_ndb_struct_na_base_pair_step.twist 
_ndb_struct_na_base_pair_step.x_displacement 
_ndb_struct_na_base_pair_step.y_displacement 
_ndb_struct_na_base_pair_step.helical_rise 
_ndb_struct_na_base_pair_step.inclination 
_ndb_struct_na_base_pair_step.tip 
_ndb_struct_na_base_pair_step.helical_twist 
_ndb_struct_na_base_pair_step.step_number 
_ndb_struct_na_base_pair_step.step_name 
_ndb_struct_na_base_pair_step.i_auth_asym_id_1 
_ndb_struct_na_base_pair_step.i_auth_seq_id_1 
_ndb_struct_na_base_pair_step.i_PDB_ins_code_1 
_ndb_struct_na_base_pair_step.j_auth_asym_id_1 
_ndb_struct_na_base_pair_step.j_auth_seq_id_1 
_ndb_struct_na_base_pair_step.j_PDB_ins_code_1 
_ndb_struct_na_base_pair_step.i_auth_asym_id_2 
_ndb_struct_na_base_pair_step.i_auth_seq_id_2 
_ndb_struct_na_base_pair_step.i_PDB_ins_code_2 
_ndb_struct_na_base_pair_step.j_auth_asym_id_2 
_ndb_struct_na_base_pair_step.j_auth_seq_id_2 
_ndb_struct_na_base_pair_step.j_PDB_ins_code_2 
1 A DG 1  1_555 B DC 18 1_555 A DG 2  1_555 B DC 17 1_555 -0.684 -0.689 3.241 -0.806 2.687  34.765  -1.552 1.020  3.195 4.489   
1.347  34.875  1  AA_DG-1DG0:DC30DC31_BB  A -1 ? B 31 ? A 0  ? B 30 ? 
1 A DG 2  1_555 B DC 17 1_555 A DG 3  1_555 B DC 16 1_555 1.075  0.522  3.169 0.513  0.939  33.566  0.753  -1.778 3.198 1.625   
-0.888 33.583  2  AA_DG0DG1:DC29DC30_BB   A 0  ? B 30 ? A 1  ? B 29 ? 
1 A DG 3  1_555 B DC 16 1_555 A DC 4  1_555 B DG 15 1_555 -1.230 0.095  3.456 -5.737 0.492  39.777  0.077  1.085  3.592 0.719   
8.378  40.175  3  AA_DG1DC2:DG28DC29_BB   A 1  ? B 29 ? A 2  ? B 28 ? 
1 A DC 4  1_555 B DG 15 1_555 A DG 5  1_555 B DC 14 1_555 0.919  1.065  3.309 2.268  -8.473 37.978  2.610  -1.108 3.058 -12.811 
-3.430 38.942  4  AA_DC2DG3:DC27DG28_BB   A 2  ? B 28 ? A 3  ? B 27 ? 
1 A DG 5  1_555 B DC 14 1_555 A DG 6  1_555 B DC 13 1_555 -0.713 0.004  3.483 -2.205 4.048  34.757  -0.645 0.829  3.498 6.739   
3.671  35.052  5  AA_DG3DG4:DC26DC27_BB   A 3  ? B 27 ? A 4  ? B 26 ? 
1 A DG 6  1_555 B DC 13 1_555 A DT 7  1_555 B DG 12 1_555 0.311  -0.633 3.257 6.192  3.035  37.729  -1.343 0.299  3.208 4.646   
-9.479 38.332  6  AA_DG4DT5:DG25DC26_BB   A 4  ? B 26 ? A 5  ? B 25 ? 
1 A DT 7  1_555 B DG 12 1_555 A DG 8  1_555 B DC 11 1_555 -0.104 -0.049 2.907 -5.329 12.321 29.261  -2.058 -0.663 2.652 22.929  
9.917  32.132  7  AA_DT5DG6:DC24DG25_BB   A 5  ? B 25 ? A 6  ? B 24 ? 
1 A DG 8  1_555 B DC 11 1_555 A DG 9  1_555 B DC 10 1_555 0.184  -1.353 3.262 -1.926 2.325  32.849  -2.771 -0.645 3.146 4.101   
3.396  32.984  8  AA_DG6DG7:DC23DC24_BB   A 6  ? B 24 ? A 7  ? B 23 ? 
1 A DG 9  1_555 B DC 10 1_555 A DC 11 1_555 B DG 8  1_555 0.216  -1.270 6.722 4.606  -6.219 68.685  -0.648 0.159  6.802 -5.494  
-4.069 69.067  9  AA_DG7DC9:DG21DC23_BB   A 7  ? B 23 ? A 9  ? B 21 ? 
1 A DC 11 1_555 B DG 8  1_555 A DA 13 1_555 B DT 3  1_555 5.855  -0.161 4.345 -1.725 24.937 109.604 -0.489 -3.569 4.210 15.141  
1.047  111.508 10 AA_DC9DA11:DT16DG21_BB  A 9  ? B 21 ? A 11 ? B 16 ? 
1 A DA 13 1_555 B DT 3  1_555 A DT 14 1_555 B DA 2  1_555 -0.296 0.101  3.085 -0.020 0.201  33.732  0.143  0.507  3.085 0.346   
0.035  33.733  11 AA_DA11DT12:DA15DT16_BB A 11 ? B 16 ? A 12 ? B 15 ? 
1 A DT 14 1_555 B DA 2  1_555 A DT 15 1_555 B DC 1  1_555 -0.295 1.043  3.311 -3.421 -2.935 38.092  1.956  0.019  3.238 -4.478  
5.219  38.348  12 AA_DT12DT13:DC14DA15_BB A 12 ? B 15 ? A 13 ? B 14 ? 
# 
_pdbx_audit_support.funding_organization   'National Natural Science Foundation of China (NSFC)' 
_pdbx_audit_support.country                China 
_pdbx_audit_support.grant_number           32171191 
_pdbx_audit_support.ordinal                1 
# 
_pdbx_initial_refinement_model.id               1 
_pdbx_initial_refinement_model.entity_id_list   ? 
_pdbx_initial_refinement_model.type             'experimental model' 
_pdbx_initial_refinement_model.source_name      PDB 
_pdbx_initial_refinement_model.accession_code   8K0W 
_pdbx_initial_refinement_model.details          ? 
# 
_space_group.name_H-M_alt     'C 1 2 1' 
_space_group.name_Hall        'C 2y' 
_space_group.IT_number        5 
_space_group.crystal_system   monoclinic 
_space_group.id               1 
# 
_atom_sites.entry_id                    8ZAS 
_atom_sites.Cartn_transf_matrix[1][1]   ? 
_atom_sites.Cartn_transf_matrix[1][2]   ? 
_atom_sites.Cartn_transf_matrix[1][3]   ? 
_atom_sites.Cartn_transf_matrix[2][1]   ? 
_atom_sites.Cartn_transf_matrix[2][2]   ? 
_atom_sites.Cartn_transf_matrix[2][3]   ? 
_atom_sites.Cartn_transf_matrix[3][1]   ? 
_atom_sites.Cartn_transf_matrix[3][2]   ? 
_atom_sites.Cartn_transf_matrix[3][3]   ? 
_atom_sites.Cartn_transf_vector[1]      ? 
_atom_sites.Cartn_transf_vector[2]      ? 
_atom_sites.Cartn_transf_vector[3]      ? 
_atom_sites.Cartn_transform_axes        ? 
_atom_sites.fract_transf_matrix[1][1]   0.01623962 
_atom_sites.fract_transf_matrix[1][2]   0.00200396 
_atom_sites.fract_transf_matrix[1][3]   -0.00106684 
_atom_sites.fract_transf_matrix[2][1]   0.00470917 
_atom_sites.fract_transf_matrix[2][2]   -0.02273145 
_atom_sites.fract_transf_matrix[2][3]   0.02898471 
_atom_sites.fract_transf_matrix[3][1]   0.00261743 
_atom_sites.fract_transf_matrix[3][2]   -0.01208184 
_atom_sites.fract_transf_matrix[3][3]   -0.00990052 
_atom_sites.fract_transf_vector[1]      0.227515 
_atom_sites.fract_transf_vector[2]      0.360727 
_atom_sites.fract_transf_vector[3]      0.251196 
_atom_sites.solution_primary            ? 
_atom_sites.solution_secondary          ? 
_atom_sites.solution_hydrogens          ? 
_atom_sites.special_details             ? 
# 
loop_
_atom_type.symbol 
_atom_type.scat_dispersion_real 
_atom_type.scat_dispersion_imag 
_atom_type.scat_Cromer_Mann_a1 
_atom_type.scat_Cromer_Mann_a2 
_atom_type.scat_Cromer_Mann_a3 
_atom_type.scat_Cromer_Mann_a4 
_atom_type.scat_Cromer_Mann_b1 
_atom_type.scat_Cromer_Mann_b2 
_atom_type.scat_Cromer_Mann_b3 
_atom_type.scat_Cromer_Mann_b4 
_atom_type.scat_Cromer_Mann_c 
_atom_type.scat_source 
_atom_type.scat_dispersion_source 
C  ? ? 3.54356 2.42580 ? ? 25.62398 1.50364  ? ? 0.0 
;2-Gaussian fit: Grosse-Kunstleve RW, Sauter NK, Adams PD: Newsletter of the IUCr Commission on Crystallographic Computing 2004, 3, 22-31.
;
? 
H  ? ? 0.51345 0.48472 ? ? 24.73122 6.32584  ? ? 0.0 
;2-Gaussian fit: Grosse-Kunstleve RW, Sauter NK, Adams PD: Newsletter of the IUCr Commission on Crystallographic Computing 2004, 3, 22-31.
;
? 
N  ? ? 4.01032 2.96436 ? ? 19.97189 1.75589  ? ? 0.0 
;2-Gaussian fit: Grosse-Kunstleve RW, Sauter NK, Adams PD: Newsletter of the IUCr Commission on Crystallographic Computing 2004, 3, 22-31.
;
? 
NA ? ? 9.38062 1.54875 ? ? 3.38349  72.32734 ? ? 0.0 
;2-Gaussian fit: Grosse-Kunstleve RW, Sauter NK, Adams PD: Newsletter of the IUCr Commission on Crystallographic Computing 2004, 3, 22-31.
;
? 
O  ? ? 4.49882 3.47563 ? ? 15.80542 1.70748  ? ? 0.0 
;2-Gaussian fit: Grosse-Kunstleve RW, Sauter NK, Adams PD: Newsletter of the IUCr Commission on Crystallographic Computing 2004, 3, 22-31.
;
? 
P  ? ? 9.51135 5.44231 ? ? 1.42069  35.72801 ? ? 0.0 
;2-Gaussian fit: Grosse-Kunstleve RW, Sauter NK, Adams PD: Newsletter of the IUCr Commission on Crystallographic Computing 2004, 3, 22-31.
;
? 
# 
loop_
_atom_site.group_PDB 
_atom_site.id 
_atom_site.type_symbol 
_atom_site.label_atom_id 
_atom_site.label_alt_id 
_atom_site.label_comp_id 
_atom_site.label_asym_id 
_atom_site.label_entity_id 
_atom_site.label_seq_id 
_atom_site.pdbx_PDB_ins_code 
_atom_site.Cartn_x 
_atom_site.Cartn_y 
_atom_site.Cartn_z 
_atom_site.occupancy 
_atom_site.B_iso_or_equiv 
_atom_site.pdbx_formal_charge 
_atom_site.auth_seq_id 
_atom_site.auth_comp_id 
_atom_site.auth_asym_id 
_atom_site.auth_atom_id 
_atom_site.pdbx_PDB_model_num 
ATOM   1   O  "O5'" . DG  A 1 1  ? 20.74310  13.57863  3.22440   1.000 90.65475  ? -1  DG  A "O5'" 1 
ATOM   2   C  "C5'" . DG  A 1 1  ? 21.91912  13.34588  3.99446   1.000 89.99057  ? -1  DG  A "C5'" 1 
ATOM   3   C  "C4'" . DG  A 1 1  ? 21.59665  12.56685  5.26070   1.000 90.15096  ? -1  DG  A "C4'" 1 
ATOM   4   O  "O4'" . DG  A 1 1  ? 20.62808  13.30175  6.04906   1.000 90.16079  ? -1  DG  A "O4'" 1 
ATOM   5   C  "C3'" . DG  A 1 1  ? 20.96202  11.20395  5.03709   1.000 91.90480  ? -1  DG  A "C3'" 1 
ATOM   6   O  "O3'" . DG  A 1 1  ? 21.22858  10.35913  6.15232   1.000 91.92909  ? -1  DG  A "O3'" 1 
ATOM   7   C  "C2'" . DG  A 1 1  ? 19.48216  11.55538  4.94300   1.000 90.11478  ? -1  DG  A "C2'" 1 
ATOM   8   C  "C1'" . DG  A 1 1  ? 19.36787  12.65428  5.99472   1.000 90.85559  ? -1  DG  A "C1'" 1 
ATOM   9   N  N9    . DG  A 1 1  ? 18.35340  13.66060  5.69592   1.000 89.11076  ? -1  DG  A N9    1 
ATOM   10  C  C8    . DG  A 1 1  ? 18.25893  14.43462  4.56587   1.000 90.23566  ? -1  DG  A C8    1 
ATOM   11  N  N7    . DG  A 1 1  ? 17.24883  15.25884  4.58380   1.000 90.47547  ? -1  DG  A N7    1 
ATOM   12  C  C5    . DG  A 1 1  ? 16.64012  15.02128  5.80963   1.000 90.22459  ? -1  DG  A C5    1 
ATOM   13  C  C6    . DG  A 1 1  ? 15.49662  15.61816  6.39322   1.000 89.83920  ? -1  DG  A C6    1 
ATOM   14  O  O6    . DG  A 1 1  ? 14.76748  16.50786  5.92497   1.000 89.78272  ? -1  DG  A O6    1 
ATOM   15  N  N1    . DG  A 1 1  ? 15.22230  15.08264  7.64902   1.000 89.25797  ? -1  DG  A N1    1 
ATOM   16  C  C2    . DG  A 1 1  ? 15.95928  14.09838  8.26330   1.000 88.61458  ? -1  DG  A C2    1 
ATOM   17  N  N2    . DG  A 1 1  ? 15.54508  13.70430  9.47549   1.000 89.08167  ? -1  DG  A N2    1 
ATOM   18  N  N3    . DG  A 1 1  ? 17.02982  13.53389  7.72681   1.000 89.24566  ? -1  DG  A N3    1 
ATOM   19  C  C4    . DG  A 1 1  ? 17.31082  14.04225  6.50477   1.000 88.93939  ? -1  DG  A C4    1 
ATOM   20  P  P     . DG  A 1 2  ? 20.54232  8.91010   6.24794   1.000 90.65662  ? 0   DG  A P     1 
ATOM   21  O  OP1   . DG  A 1 2  ? 21.44273  8.03225   7.02776   1.000 89.13736  ? 0   DG  A OP1   1 
ATOM   22  O  OP2   . DG  A 1 2  ? 20.14692  8.51969   4.87807   1.000 91.19670  ? 0   DG  A OP2   1 
ATOM   23  O  "O5'" . DG  A 1 2  ? 19.21973  9.16495   7.11334   1.000 91.25917  ? 0   DG  A "O5'" 1 
ATOM   24  C  "C5'" . DG  A 1 2  ? 19.33683  9.47985   8.49546   1.000 90.60804  ? 0   DG  A "C5'" 1 
ATOM   25  C  "C4'" . DG  A 1 2  ? 18.13206  8.99257   9.28941   1.000 92.90026  ? 0   DG  A "C4'" 1 
ATOM   26  O  "O4'" . DG  A 1 2  ? 17.03525  9.93230   9.15911   1.000 92.57867  ? 0   DG  A "O4'" 1 
ATOM   27  C  "C3'" . DG  A 1 2  ? 17.55176  7.65423   8.86790   1.000 92.00516  ? 0   DG  A "C3'" 1 
ATOM   28  O  "O3'" . DG  A 1 2  ? 16.89644  7.08696   9.98143   1.000 93.54450  ? 0   DG  A "O3'" 1 
ATOM   29  C  "C2'" . DG  A 1 2  ? 16.55070  8.07909   7.80208   1.000 90.63166  ? 0   DG  A "C2'" 1 
ATOM   30  C  "C1'" . DG  A 1 2  ? 15.96788  9.32825   8.44918   1.000 91.05277  ? 0   DG  A "C1'" 1 
ATOM   31  N  N9    . DG  A 1 2  ? 15.47564  10.30998  7.50063   1.000 90.34197  ? 0   DG  A N9    1 
ATOM   32  C  C8    . DG  A 1 2  ? 16.03883  10.64024  6.29965   1.000 91.25976  ? 0   DG  A C8    1 
ATOM   33  N  N7    . DG  A 1 2  ? 15.39827  11.57962  5.67128   1.000 91.26337  ? 0   DG  A N7    1 
ATOM   34  C  C5    . DG  A 1 2  ? 14.34690  11.90036  6.50873   1.000 90.46323  ? 0   DG  A C5    1 
ATOM   35  C  C6    . DG  A 1 2  ? 13.32190  12.85467  6.34729   1.000 90.41993  ? 0   DG  A C6    1 
ATOM   36  O  O6    . DG  A 1 2  ? 13.13794  13.62423  5.39428   1.000 90.81586  ? 0   DG  A O6    1 
ATOM   37  N  N1    . DG  A 1 2  ? 12.45379  12.86644  7.43463   1.000 90.84279  ? 0   DG  A N1    1 
ATOM   38  C  C2    . DG  A 1 2  ? 12.56698  12.05511  8.53959   1.000 90.51194  ? 0   DG  A C2    1 
ATOM   39  N  N2    . DG  A 1 2  ? 11.63535  12.20828  9.49322   1.000 90.90468  ? 0   DG  A N2    1 
ATOM   40  N  N3    . DG  A 1 2  ? 13.53140  11.15517  8.70188   1.000 90.57768  ? 0   DG  A N3    1 
ATOM   41  C  C4    . DG  A 1 2  ? 14.38210  11.13493  7.64802   1.000 90.51766  ? 0   DG  A C4    1 
ATOM   42  P  P     . DG  A 1 3  ? 16.69233  5.50178   10.10448  1.000 98.17902  ? 1   DG  A P     1 
ATOM   43  O  OP1   . DG  A 1 3  ? 17.15778  5.10725   11.45554  1.000 97.34461  ? 1   DG  A OP1   1 
ATOM   44  O  OP2   . DG  A 1 3  ? 17.26079  4.86661   8.89342   1.000 97.50325  ? 1   DG  A OP2   1 
ATOM   45  O  "O5'" . DG  A 1 3  ? 15.10631  5.33888   10.07046  1.000 96.08363  ? 1   DG  A "O5'" 1 
ATOM   46  C  "C5'" . DG  A 1 3  ? 14.32528  6.07554   10.98676  1.000 95.97097  ? 1   DG  A "C5'" 1 
ATOM   47  C  "C4'" . DG  A 1 3  ? 12.98064  6.43737   10.39299  1.000 95.26705  ? 1   DG  A "C4'" 1 
ATOM   48  O  "O4'" . DG  A 1 3  ? 13.13994  7.41415   9.32540   1.000 93.76342  ? 1   DG  A "O4'" 1 
ATOM   49  C  "C3'" . DG  A 1 3  ? 12.19611  5.26720   9.77735   1.000 94.61030  ? 1   DG  A "C3'" 1 
ATOM   50  O  "O3'" . DG  A 1 3  ? 10.86581  5.33846   10.22027  1.000 96.30006  ? 1   DG  A "O3'" 1 
ATOM   51  C  "C2'" . DG  A 1 3  ? 12.27439  5.56340   8.28055   1.000 94.14249  ? 1   DG  A "C2'" 1 
ATOM   52  C  "C1'" . DG  A 1 3  ? 12.21189  7.07475   8.33174   1.000 94.23031  ? 1   DG  A "C1'" 1 
ATOM   53  N  N9    . DG  A 1 3  ? 12.51687  7.74904   7.06911   1.000 91.91646  ? 1   DG  A N9    1 
ATOM   54  C  C8    . DG  A 1 3  ? 13.49801  7.43391   6.15905   1.000 91.07067  ? 1   DG  A C8    1 
ATOM   55  N  N7    . DG  A 1 3  ? 13.49823  8.21346   5.10900   1.000 90.06580  ? 1   DG  A N7    1 
ATOM   56  C  C5    . DG  A 1 3  ? 12.44216  9.09059   5.33709   1.000 90.80880  ? 1   DG  A C5    1 
ATOM   57  C  C6    . DG  A 1 3  ? 11.95161  10.16250  4.54955   1.000 91.41062  ? 1   DG  A C6    1 
ATOM   58  O  O6    . DG  A 1 3  ? 12.36515  10.56365  3.45347   1.000 91.91741  ? 1   DG  A O6    1 
ATOM   59  N  N1    . DG  A 1 3  ? 10.86372  10.79399  5.15500   1.000 91.58325  ? 1   DG  A N1    1 
ATOM   60  C  C2    . DG  A 1 3  ? 10.32293  10.43279  6.36568   1.000 92.30447  ? 1   DG  A C2    1 
ATOM   61  N  N2    . DG  A 1 3  ? 9.27787   11.15173  6.79675   1.000 92.64695  ? 1   DG  A N2    1 
ATOM   62  N  N3    . DG  A 1 3  ? 10.77443  9.43338   7.10919   1.000 92.44018  ? 1   DG  A N3    1 
ATOM   63  C  C4    . DG  A 1 3  ? 11.82920  8.81034   6.53454   1.000 91.58964  ? 1   DG  A C4    1 
ATOM   64  P  P     . DC  A 1 4  ? 10.05559  4.01712   10.63630  1.000 99.42490  ? 2   DC  A P     1 
ATOM   65  O  OP1   . DC  A 1 4  ? 10.68055  3.48533   11.86986  1.000 99.91457  ? 2   DC  A OP1   1 
ATOM   66  O  OP2   . DC  A 1 4  ? 9.93674   3.14230   9.44403   1.000 96.67229  ? 2   DC  A OP2   1 
ATOM   67  O  "O5'" . DC  A 1 4  ? 8.61280   4.59972   11.00979  1.000 95.62955  ? 2   DC  A "O5'" 1 
ATOM   68  C  "C5'" . DC  A 1 4  ? 8.51717   5.84730   11.68606  1.000 95.86372  ? 2   DC  A "C5'" 1 
ATOM   69  C  "C4'" . DC  A 1 4  ? 7.37730   6.68870   11.13706  1.000 96.12375  ? 2   DC  A "C4'" 1 
ATOM   70  O  "O4'" . DC  A 1 4  ? 7.78896   7.36763   9.91765   1.000 95.55956  ? 2   DC  A "O4'" 1 
ATOM   71  C  "C3'" . DC  A 1 4  ? 6.11737   5.92039   10.77757  1.000 94.89704  ? 2   DC  A "C3'" 1 
ATOM   72  O  "O3'" . DC  A 1 4  ? 5.00199   6.70720   11.09317  1.000 93.37196  ? 2   DC  A "O3'" 1 
ATOM   73  C  "C2'" . DC  A 1 4  ? 6.25620   5.74392   9.26879   1.000 96.04404  ? 2   DC  A "C2'" 1 
ATOM   74  C  "C1'" . DC  A 1 4  ? 6.87994   7.06916   8.87670   1.000 94.61317  ? 2   DC  A "C1'" 1 
ATOM   75  N  N1    . DC  A 1 4  ? 7.65264   7.01936   7.60285   1.000 94.36411  ? 2   DC  A N1    1 
ATOM   76  C  C2    . DC  A 1 4  ? 7.34772   7.90118   6.54757   1.000 94.15149  ? 2   DC  A C2    1 
ATOM   77  O  O2    . DC  A 1 4  ? 6.41761   8.71124   6.66942   1.000 94.54737  ? 2   DC  A O2    1 
ATOM   78  N  N3    . DC  A 1 4  ? 8.08459   7.83430   5.41061   1.000 93.84806  ? 2   DC  A N3    1 
ATOM   79  C  C4    . DC  A 1 4  ? 9.07973   6.95509   5.31005   1.000 93.53012  ? 2   DC  A C4    1 
ATOM   80  N  N4    . DC  A 1 4  ? 9.77794   6.93272   4.17347   1.000 93.83396  ? 2   DC  A N4    1 
ATOM   81  C  C5    . DC  A 1 4  ? 9.40636   6.06157   6.37022   1.000 94.67227  ? 2   DC  A C5    1 
ATOM   82  C  C6    . DC  A 1 4  ? 8.67703   6.12935   7.48534   1.000 95.02186  ? 2   DC  A C6    1 
ATOM   83  P  P     . DG  A 1 5  ? 3.59353   6.02492   11.43497  1.000 99.74018  ? 3   DG  A P     1 
ATOM   84  O  OP1   . DG  A 1 5  ? 3.42741   6.08241   12.90498  1.000 98.90924  ? 3   DG  A OP1   1 
ATOM   85  O  OP2   . DG  A 1 5  ? 3.50842   4.72497   10.72497  1.000 96.93783  ? 3   DG  A OP2   1 
ATOM   86  O  "O5'" . DG  A 1 5  ? 2.54728   7.01543   10.75206  1.000 97.21130  ? 3   DG  A "O5'" 1 
ATOM   87  C  "C5'" . DG  A 1 5  ? 3.02785   8.10655   9.98714   1.000 95.33556  ? 3   DG  A "C5'" 1 
ATOM   88  C  "C4'" . DG  A 1 5  ? 2.17629   8.31519   8.75233   1.000 96.38610  ? 3   DG  A "C4'" 1 
ATOM   89  O  "O4'" . DG  A 1 5  ? 2.96531   8.05722   7.56202   1.000 95.78021  ? 3   DG  A "O4'" 1 
ATOM   90  C  "C3'" . DG  A 1 5  ? 0.97534   7.39535   8.62922   1.000 95.17648  ? 3   DG  A "C3'" 1 
ATOM   91  O  "O3'" . DG  A 1 5  ? 0.02391   8.02673   7.81764   1.000 94.54201  ? 3   DG  A "O3'" 1 
ATOM   92  C  "C2'" . DG  A 1 5  ? 1.58412   6.19828   7.91597   1.000 93.94227  ? 3   DG  A "C2'" 1 
ATOM   93  C  "C1'" . DG  A 1 5  ? 2.45341   6.91754   6.89773   1.000 93.85820  ? 3   DG  A "C1'" 1 
ATOM   94  N  N9    . DG  A 1 5  ? 3.57691   6.13491   6.40350   1.000 93.42732  ? 3   DG  A N9    1 
ATOM   95  C  C8    . DG  A 1 5  ? 4.18760   5.06966   7.01833   1.000 93.91977  ? 3   DG  A C8    1 
ATOM   96  N  N7    . DG  A 1 5  ? 5.18188   4.57477   6.33156   1.000 94.13111  ? 3   DG  A N7    1 
ATOM   97  C  C5    . DG  A 1 5  ? 5.23150   5.36945   5.18921   1.000 93.84354  ? 3   DG  A C5    1 
ATOM   98  C  C6    . DG  A 1 5  ? 6.10285   5.31876   4.07230   1.000 93.94465  ? 3   DG  A C6    1 
ATOM   99  O  O6    . DG  A 1 5  ? 7.03756   4.53415   3.86091   1.000 94.60621  ? 3   DG  A O6    1 
ATOM   100 N  N1    . DG  A 1 5  ? 5.80108   6.30960   3.13782   1.000 93.19876  ? 3   DG  A N1    1 
ATOM   101 C  C2    . DG  A 1 5  ? 4.78539   7.23065   3.26954   1.000 92.86100  ? 3   DG  A C2    1 
ATOM   102 N  N2    . DG  A 1 5  ? 4.63797   8.10944   2.27090   1.000 93.72206  ? 3   DG  A N2    1 
ATOM   103 N  N3    . DG  A 1 5  ? 3.96736   7.28745   4.30832   1.000 91.42434  ? 3   DG  A N3    1 
ATOM   104 C  C4    . DG  A 1 5  ? 4.24808   6.33204   5.22415   1.000 92.77219  ? 3   DG  A C4    1 
ATOM   105 P  P     . DG  A 1 6  ? -1.42800  7.38798   7.59822   1.000 98.37624  ? 4   DG  A P     1 
ATOM   106 O  OP1   . DG  A 1 6  ? -2.31874  8.15956   8.50043   1.000 96.93354  ? 4   DG  A OP1   1 
ATOM   107 O  OP2   . DG  A 1 6  ? -1.34608  5.90853   7.68969   1.000 94.95818  ? 4   DG  A OP2   1 
ATOM   108 O  "O5'" . DG  A 1 6  ? -1.75870  7.75078   6.07664   1.000 92.66333  ? 4   DG  A "O5'" 1 
ATOM   109 C  "C5'" . DG  A 1 6  ? -1.64714  9.08951   5.64818   1.000 91.46410  ? 4   DG  A "C5'" 1 
ATOM   110 C  "C4'" . DG  A 1 6  ? -1.51033  9.16925   4.14319   1.000 88.75045  ? 4   DG  A "C4'" 1 
ATOM   111 O  "O4'" . DG  A 1 6  ? -0.28147  8.52724   3.72168   1.000 87.51075  ? 4   DG  A "O4'" 1 
ATOM   112 C  "C3'" . DG  A 1 6  ? -2.63404  8.51434   3.36133   1.000 89.90368  ? 4   DG  A "C3'" 1 
ATOM   113 O  "O3'" . DG  A 1 6  ? -2.99731  9.35873   2.27487   1.000 90.27493  ? 4   DG  A "O3'" 1 
ATOM   114 C  "C2'" . DG  A 1 6  ? -2.01696  7.18390   2.89660   1.000 91.37649  ? 4   DG  A "C2'" 1 
ATOM   115 C  "C1'" . DG  A 1 6  ? -0.54436  7.55099   2.73898   1.000 91.15754  ? 4   DG  A "C1'" 1 
ATOM   116 N  N9    . DG  A 1 6  ? 0.40110   6.45006   2.96279   1.000 90.76253  ? 4   DG  A N9    1 
ATOM   117 C  C8    . DG  A 1 6  ? 0.51236   5.67471   4.09389   1.000 90.78608  ? 4   DG  A C8    1 
ATOM   118 N  N7    . DG  A 1 6  ? 1.47623   4.79723   4.03131   1.000 89.36909  ? 4   DG  A N7    1 
ATOM   119 C  C5    . DG  A 1 6  ? 2.05734   5.01538   2.78907   1.000 90.49224  ? 4   DG  A C5    1 
ATOM   120 C  C6    . DG  A 1 6  ? 3.15139   4.36264   2.17045   1.000 91.66133  ? 4   DG  A C6    1 
ATOM   121 O  O6    . DG  A 1 6  ? 3.83867   3.43552   2.61688   1.000 92.77460  ? 4   DG  A O6    1 
ATOM   122 N  N1    . DG  A 1 6  ? 3.42050   4.88549   0.90782   1.000 91.59895  ? 4   DG  A N1    1 
ATOM   123 C  C2    . DG  A 1 6  ? 2.72100   5.91427   0.31920   1.000 91.27437  ? 4   DG  A C2    1 
ATOM   124 N  N2    . DG  A 1 6  ? 3.12509   6.28702   -0.90465  1.000 92.76651  ? 4   DG  A N2    1 
ATOM   125 N  N3    . DG  A 1 6  ? 1.69151   6.53786   0.89035   1.000 90.41771  ? 4   DG  A N3    1 
ATOM   126 C  C4    . DG  A 1 6  ? 1.41619   6.03615   2.12052   1.000 90.44162  ? 4   DG  A C4    1 
ATOM   127 P  P     . DT  A 1 7  ? -4.09039  8.87087   1.20652   1.000 88.32577  ? 5   DT  A P     1 
ATOM   128 O  OP1   . DT  A 1 7  ? -4.44916  10.01169  0.33331   1.000 86.76919  ? 5   DT  A OP1   1 
ATOM   129 O  OP2   . DT  A 1 7  ? -5.14749  8.15780   1.96328   1.000 88.31342  ? 5   DT  A OP2   1 
ATOM   130 O  "O5'" . DT  A 1 7  ? -3.26797  7.85275   0.29229   1.000 89.66622  ? 5   DT  A "O5'" 1 
ATOM   131 C  "C5'" . DT  A 1 7  ? -2.19768  8.33760   -0.49030  1.000 87.42520  ? 5   DT  A "C5'" 1 
ATOM   132 C  "C4'" . DT  A 1 7  ? -1.74451  7.29683   -1.49357  1.000 89.56368  ? 5   DT  A "C4'" 1 
ATOM   133 O  "O4'" . DT  A 1 7  ? -0.81522  6.37820   -0.86442  1.000 90.80909  ? 5   DT  A "O4'" 1 
ATOM   134 C  "C3'" . DT  A 1 7  ? -2.86003  6.43191   -2.08920  1.000 90.96233  ? 5   DT  A "C3'" 1 
ATOM   135 O  "O3'" . DT  A 1 7  ? -2.65391  6.30415   -3.47899  1.000 91.23552  ? 5   DT  A "O3'" 1 
ATOM   136 C  "C2'" . DT  A 1 7  ? -2.67149  5.09063   -1.37461  1.000 90.70897  ? 5   DT  A "C2'" 1 
ATOM   137 C  "C1'" . DT  A 1 7  ? -1.16187  5.06633   -1.23009  1.000 90.20332  ? 5   DT  A "C1'" 1 
ATOM   138 N  N1    . DT  A 1 7  ? -0.64944  4.13215   -0.18862  1.000 89.32050  ? 5   DT  A N1    1 
ATOM   139 C  C2    . DT  A 1 7  ? 0.51286   3.44449   -0.43111  1.000 90.65911  ? 5   DT  A C2    1 
ATOM   140 O  O2    . DT  A 1 7  ? 1.14723   3.54890   -1.46761  1.000 91.63960  ? 5   DT  A O2    1 
ATOM   141 N  N3    . DT  A 1 7  ? 0.91356   2.62150   0.58492   1.000 90.10322  ? 5   DT  A N3    1 
ATOM   142 C  C4    . DT  A 1 7  ? 0.28284   2.41983   1.79464   1.000 89.63007  ? 5   DT  A C4    1 
ATOM   143 O  O4    . DT  A 1 7  ? 0.72470   1.65569   2.64579   1.000 90.72050  ? 5   DT  A O4    1 
ATOM   144 C  C5    . DT  A 1 7  ? -0.92989  3.17388   1.98885   1.000 89.44158  ? 5   DT  A C5    1 
ATOM   145 C  C7    . DT  A 1 7  ? -1.70054  3.04238   3.26831   1.000 90.10183  ? 5   DT  A C7    1 
ATOM   146 C  C6    . DT  A 1 7  ? -1.33216  3.98817   0.99998   1.000 89.39564  ? 5   DT  A C6    1 
ATOM   147 P  P     . DG  A 1 8  ? -3.86079  6.57430   -4.50606  1.000 95.06883  ? 6   DG  A P     1 
ATOM   148 O  OP1   . DG  A 1 8  ? -3.71253  7.95941   -5.00672  1.000 93.33078  ? 6   DG  A OP1   1 
ATOM   149 O  OP2   . DG  A 1 8  ? -5.11511  6.17144   -3.83340  1.000 92.98133  ? 6   DG  A OP2   1 
ATOM   150 O  "O5'" . DG  A 1 8  ? -3.54243  5.57662   -5.71580  1.000 91.88159  ? 6   DG  A "O5'" 1 
ATOM   151 C  "C5'" . DG  A 1 8  ? -2.30089  5.68315   -6.40720  1.000 92.26538  ? 6   DG  A "C5'" 1 
ATOM   152 C  "C4'" . DG  A 1 8  ? -1.72535  4.31236   -6.72207  1.000 93.23740  ? 6   DG  A "C4'" 1 
ATOM   153 O  "O4'" . DG  A 1 8  ? -1.17267  3.72082   -5.51815  1.000 91.99982  ? 6   DG  A "O4'" 1 
ATOM   154 C  "C3'" . DG  A 1 8  ? -2.72883  3.29822   -7.27997  1.000 93.21078  ? 6   DG  A "C3'" 1 
ATOM   155 O  "O3'" . DG  A 1 8  ? -2.23329  2.73388   -8.48517  1.000 94.03590  ? 6   DG  A "O3'" 1 
ATOM   156 C  "C2'" . DG  A 1 8  ? -2.84221  2.24638   -6.17254  1.000 93.05545  ? 6   DG  A "C2'" 1 
ATOM   157 C  "C1'" . DG  A 1 8  ? -1.48569  2.35371   -5.49768  1.000 92.31071  ? 6   DG  A "C1'" 1 
ATOM   158 N  N9    . DG  A 1 8  ? -1.49090  1.88434   -4.11427  1.000 90.48093  ? 6   DG  A N9    1 
ATOM   159 C  C8    . DG  A 1 8  ? -2.38520  2.22092   -3.12842  1.000 91.46866  ? 6   DG  A C8    1 
ATOM   160 N  N7    . DG  A 1 8  ? -2.14785  1.63543   -1.98834  1.000 91.29197  ? 6   DG  A N7    1 
ATOM   161 C  C5    . DG  A 1 8  ? -1.02496  0.85704   -2.23595  1.000 91.28711  ? 6   DG  A C5    1 
ATOM   162 C  C6    . DG  A 1 8  ? -0.30358  -0.00243  -1.37525  1.000 92.24484  ? 6   DG  A C6    1 
ATOM   163 O  O6    . DG  A 1 8  ? -0.51403  -0.25298  -0.18277  1.000 92.53210  ? 6   DG  A O6    1 
ATOM   164 N  N1    . DG  A 1 8  ? 0.76780   -0.60108  -2.02544  1.000 93.32726  ? 6   DG  A N1    1 
ATOM   165 C  C2    . DG  A 1 8  ? 1.10271   -0.39692  -3.34309  1.000 94.07660  ? 6   DG  A C2    1 
ATOM   166 N  N2    . DG  A 1 8  ? 2.17445   -1.06840  -3.79954  1.000 95.66310  ? 6   DG  A N2    1 
ATOM   167 N  N3    . DG  A 1 8  ? 0.43481   0.40913   -4.16059  1.000 92.95507  ? 6   DG  A N3    1 
ATOM   168 C  C4    . DG  A 1 8  ? -0.61111  0.99957   -3.54053  1.000 91.34298  ? 6   DG  A C4    1 
ATOM   169 P  P     . DG  A 1 9  ? -3.01950  1.52564   -9.19331  1.000 100.75536 ? 7   DG  A P     1 
ATOM   170 O  OP1   . DG  A 1 9  ? -2.80368  1.63307   -10.65600 1.000 98.08040  ? 7   DG  A OP1   1 
ATOM   171 O  OP2   . DG  A 1 9  ? -4.39440  1.50900   -8.63507  1.000 97.84366  ? 7   DG  A OP2   1 
ATOM   172 O  "O5'" . DG  A 1 9  ? -2.23483  0.21839   -8.70965  1.000 95.23569  ? 7   DG  A "O5'" 1 
ATOM   173 C  "C5'" . DG  A 1 9  ? -0.85647  0.08873   -9.00316  1.000 94.22561  ? 7   DG  A "C5'" 1 
ATOM   174 C  "C4'" . DG  A 1 9  ? -0.27360  -1.14708  -8.34667  1.000 94.38015  ? 7   DG  A "C4'" 1 
ATOM   175 O  "O4'" . DG  A 1 9  ? -0.43732  -1.06074  -6.91525  1.000 93.70814  ? 7   DG  A "O4'" 1 
ATOM   176 C  "C3'" . DG  A 1 9  ? -0.90746  -2.47902  -8.77001  1.000 95.77131  ? 7   DG  A "C3'" 1 
ATOM   177 O  "O3'" . DG  A 1 9  ? 0.10349   -3.35984  -9.24809  1.000 98.11691  ? 7   DG  A "O3'" 1 
ATOM   178 C  "C2'" . DG  A 1 9  ? -1.54884  -3.00575  -7.48210  1.000 94.77038  ? 7   DG  A "C2'" 1 
ATOM   179 C  "C1'" . DG  A 1 9  ? -0.67598  -2.34933  -6.43001  1.000 94.59590  ? 7   DG  A "C1'" 1 
ATOM   180 N  N9    . DG  A 1 9  ? -1.29603  -2.24784  -5.11575  1.000 94.80481  ? 7   DG  A N9    1 
ATOM   181 C  C8    . DG  A 1 9  ? -2.34737  -1.44351  -4.75043  1.000 94.63091  ? 7   DG  A C8    1 
ATOM   182 N  N7    . DG  A 1 9  ? -2.68268  -1.56647  -3.49573  1.000 94.46951  ? 7   DG  A N7    1 
ATOM   183 C  C5    . DG  A 1 9  ? -1.79348  -2.51080  -2.99930  1.000 94.94258  ? 7   DG  A C5    1 
ATOM   184 C  C6    . DG  A 1 9  ? -1.66732  -3.05425  -1.69990  1.000 96.03255  ? 7   DG  A C6    1 
ATOM   185 O  O6    . DG  A 1 9  ? -2.33024  -2.79756  -0.68870  1.000 96.60922  ? 7   DG  A O6    1 
ATOM   186 N  N1    . DG  A 1 9  ? -0.63547  -3.98424  -1.62964  1.000 97.18054  ? 7   DG  A N1    1 
ATOM   187 C  C2    . DG  A 1 9  ? 0.17417   -4.34227  -2.67728  1.000 96.74279  ? 7   DG  A C2    1 
ATOM   188 N  N2    . DG  A 1 9  ? 1.11385   -5.26036  -2.41720  1.000 97.37414  ? 7   DG  A N2    1 
ATOM   189 N  N3    . DG  A 1 9  ? 0.06474   -3.84551  -3.89937  1.000 95.52905  ? 7   DG  A N3    1 
ATOM   190 C  C4    . DG  A 1 9  ? -0.93448  -2.93710  -3.98572  1.000 95.26538  ? 7   DG  A C4    1 
ATOM   191 P  P     . DT  A 1 10 ? -0.19918  -4.33521  -10.48920 1.000 99.65797  ? 8   DT  A P     1 
ATOM   192 O  OP1   . DT  A 1 10 ? 1.07859   -4.60190  -11.19182 1.000 97.09178  ? 8   DT  A OP1   1 
ATOM   193 O  OP2   . DT  A 1 10 ? -1.33664  -3.73460  -11.22048 1.000 98.42496  ? 8   DT  A OP2   1 
ATOM   194 O  "O5'" . DT  A 1 10 ? -0.70189  -5.68973  -9.80159  1.000 97.10156  ? 8   DT  A "O5'" 1 
ATOM   195 C  "C5'" . DT  A 1 10 ? 0.08590   -6.31024  -8.80198  1.000 98.25334  ? 8   DT  A "C5'" 1 
ATOM   196 C  "C4'" . DT  A 1 10 ? -0.76447  -7.22400  -7.93968  1.000 98.45581  ? 8   DT  A "C4'" 1 
ATOM   197 O  "O4'" . DT  A 1 10 ? -1.95115  -6.51005  -7.49479  1.000 96.66599  ? 8   DT  A "O4'" 1 
ATOM   198 C  "C3'" . DT  A 1 10 ? -1.27236  -8.47908  -8.64003  1.000 102.14480 ? 8   DT  A "C3'" 1 
ATOM   199 O  "O3'" . DT  A 1 10 ? -1.30798  -9.55622  -7.71609  1.000 106.49486 ? 8   DT  A "O3'" 1 
ATOM   200 C  "C2'" . DT  A 1 10 ? -2.67786  -8.06579  -9.06937  1.000 101.33237 ? 8   DT  A "C2'" 1 
ATOM   201 C  "C1'" . DT  A 1 10 ? -3.10269  -7.22779  -7.87278  1.000 98.65135  ? 8   DT  A "C1'" 1 
ATOM   202 N  N1    . DT  A 1 10 ? -4.20851  -6.25779  -8.17137  1.000 97.14619  ? 8   DT  A N1    1 
ATOM   203 C  C2    . DT  A 1 10 ? -5.41247  -6.38107  -7.51312  1.000 96.89837  ? 8   DT  A C2    1 
ATOM   204 O  O2    . DT  A 1 10 ? -5.63783  -7.24541  -6.68420  1.000 97.82126  ? 8   DT  A O2    1 
ATOM   205 N  N3    . DT  A 1 10 ? -6.35134  -5.44729  -7.86015  1.000 95.26046  ? 8   DT  A N3    1 
ATOM   206 C  C4    . DT  A 1 10 ? -6.21658  -4.42822  -8.78251  1.000 94.72371  ? 8   DT  A C4    1 
ATOM   207 O  O4    . DT  A 1 10 ? -7.12285  -3.63802  -9.02447  1.000 94.75599  ? 8   DT  A O4    1 
ATOM   208 C  C5    . DT  A 1 10 ? -4.93461  -4.35471  -9.43789  1.000 95.79969  ? 8   DT  A C5    1 
ATOM   209 C  C7    . DT  A 1 10 ? -4.66994  -3.28587  -10.45548 1.000 95.85829  ? 8   DT  A C7    1 
ATOM   210 C  C6    . DT  A 1 10 ? -4.00282  -5.26275  -9.10573  1.000 96.57622  ? 8   DT  A C6    1 
ATOM   211 P  P     . DC  A 1 11 ? -1.05146  -11.06383 -8.20757  1.000 106.96547 ? 9   DC  A P     1 
ATOM   212 O  OP1   . DC  A 1 11 ? 0.06423   -11.03272 -9.18002  1.000 102.98949 ? 9   DC  A OP1   1 
ATOM   213 O  OP2   . DC  A 1 11 ? -2.36204  -11.63923 -8.59695  1.000 105.74825 ? 9   DC  A OP2   1 
ATOM   214 O  "O5'" . DC  A 1 11 ? -0.55241  -11.81540 -6.88268  1.000 110.60355 ? 9   DC  A "O5'" 1 
ATOM   215 C  "C5'" . DC  A 1 11 ? 0.51513   -11.26908 -6.10655  1.000 110.50399 ? 9   DC  A "C5'" 1 
ATOM   216 C  "C4'" . DC  A 1 11 ? 0.38510   -11.67775 -4.64831  1.000 113.22346 ? 9   DC  A "C4'" 1 
ATOM   217 O  "O4'" . DC  A 1 11 ? -0.43043  -10.70364 -3.94088  1.000 110.54873 ? 9   DC  A "O4'" 1 
ATOM   218 C  "C3'" . DC  A 1 11 ? -0.29281  -13.02859 -4.41264  1.000 116.91519 ? 9   DC  A "C3'" 1 
ATOM   219 O  "O3'" . DC  A 1 11 ? 0.25578   -13.64759 -3.25518  1.000 123.41331 ? 9   DC  A "O3'" 1 
ATOM   220 C  "C2'" . DC  A 1 11 ? -1.73964  -12.62181 -4.17748  1.000 113.73413 ? 9   DC  A "C2'" 1 
ATOM   221 C  "C1'" . DC  A 1 11 ? -1.53636  -11.36076 -3.35686  1.000 111.40746 ? 9   DC  A "C1'" 1 
ATOM   222 N  N1    . DC  A 1 11 ? -2.70449  -10.44104 -3.36577  1.000 106.45963 ? 9   DC  A N1    1 
ATOM   223 C  C2    . DC  A 1 11 ? -3.35728  -10.15795 -2.16538  1.000 106.22013 ? 9   DC  A C2    1 
ATOM   224 O  O2    . DC  A 1 11 ? -2.94165  -10.68328 -1.12505  1.000 108.75794 ? 9   DC  A O2    1 
ATOM   225 N  N3    . DC  A 1 11 ? -4.42540  -9.31964  -2.17784  1.000 104.61185 ? 9   DC  A N3    1 
ATOM   226 C  C4    . DC  A 1 11 ? -4.83522  -8.77986  -3.32896  1.000 102.70559 ? 9   DC  A C4    1 
ATOM   227 N  N4    . DC  A 1 11 ? -5.89111  -7.95843  -3.29492  1.000 101.49342 ? 9   DC  A N4    1 
ATOM   228 C  C5    . DC  A 1 11 ? -4.17823  -9.05755  -4.56500  1.000 102.77054 ? 9   DC  A C5    1 
ATOM   229 C  C6    . DC  A 1 11 ? -3.12976  -9.88823  -4.53743  1.000 104.95224 ? 9   DC  A C6    1 
ATOM   230 P  P     . DT  A 1 12 ? 0.39014   -15.24812 -3.17051  1.000 130.61847 ? 10  DT  A P     1 
ATOM   231 O  OP1   . DT  A 1 12 ? 1.84030   -15.53410 -3.09198  1.000 125.81212 ? 10  DT  A OP1   1 
ATOM   232 O  OP2   . DT  A 1 12 ? -0.43452  -15.85743 -4.24106  1.000 128.79068 ? 10  DT  A OP2   1 
ATOM   233 O  "O5'" . DT  A 1 12 ? -0.28500  -15.62439 -1.76392  1.000 132.83234 ? 10  DT  A "O5'" 1 
ATOM   234 C  "C5'" . DT  A 1 12 ? -1.67944  -15.38955 -1.54091  1.000 128.69235 ? 10  DT  A "C5'" 1 
ATOM   235 C  "C4'" . DT  A 1 12 ? -2.08888  -15.85555 -0.14931  1.000 129.76797 ? 10  DT  A "C4'" 1 
ATOM   236 O  "O4'" . DT  A 1 12 ? -0.92460  -15.85176 0.70467   1.000 135.12220 ? 10  DT  A "O4'" 1 
ATOM   237 C  "C3'" . DT  A 1 12 ? -3.14542  -14.99074 0.53602   1.000 128.28329 ? 10  DT  A "C3'" 1 
ATOM   238 O  "O3'" . DT  A 1 12 ? -4.42433  -15.61402 0.42494   1.000 127.90580 ? 10  DT  A "O3'" 1 
ATOM   239 C  "C2'" . DT  A 1 12 ? -2.70120  -14.91933 2.00185   1.000 130.39482 ? 10  DT  A "C2'" 1 
ATOM   240 C  "C1'" . DT  A 1 12 ? -1.22193  -15.31490 1.97414   1.000 132.90123 ? 10  DT  A "C1'" 1 
ATOM   241 N  N1    . DT  A 1 12 ? -0.27120  -14.18729 2.24170   1.000 132.87602 ? 10  DT  A N1    1 
ATOM   242 C  C2    . DT  A 1 12 ? -0.39977  -13.00401 1.54699   1.000 130.77251 ? 10  DT  A C2    1 
ATOM   243 O  O2    . DT  A 1 12 ? -1.27086  -12.80432 0.71830   1.000 127.36786 ? 10  DT  A O2    1 
ATOM   244 N  N3    . DT  A 1 12 ? 0.53380   -12.05011 1.86694   1.000 132.56529 ? 10  DT  A N3    1 
ATOM   245 C  C4    . DT  A 1 12 ? 1.56400   -12.16327 2.78776   1.000 130.60437 ? 10  DT  A C4    1 
ATOM   246 O  O4    . DT  A 1 12 ? 2.35560   -11.25105 3.00704   1.000 124.04205 ? 10  DT  A O4    1 
ATOM   247 C  C5    . DT  A 1 12 ? 1.64382   -13.43100 3.47235   1.000 135.91958 ? 10  DT  A C5    1 
ATOM   248 C  C7    . DT  A 1 12 ? 2.71971   -13.66986 4.49211   1.000 136.09456 ? 10  DT  A C7    1 
ATOM   249 C  C6    . DT  A 1 12 ? 0.73623   -14.37006 3.16712   1.000 134.17799 ? 10  DT  A C6    1 
ATOM   250 P  P     . DA  A 1 13 ? -5.28796  -15.47803 -0.92398  1.000 120.76403 ? 11  DA  A P     1 
ATOM   251 O  OP1   . DA  A 1 13 ? -6.56164  -16.20799 -0.72462  1.000 115.59850 ? 11  DA  A OP1   1 
ATOM   252 O  OP2   . DA  A 1 13 ? -4.40721  -15.86808 -2.04773  1.000 120.53308 ? 11  DA  A OP2   1 
ATOM   253 O  "O5'" . DA  A 1 13 ? -5.57935  -13.90203 -1.04459  1.000 115.54615 ? 11  DA  A "O5'" 1 
ATOM   254 C  "C5'" . DA  A 1 13 ? -5.75586  -13.09872 0.12982   1.000 113.17788 ? 11  DA  A "C5'" 1 
ATOM   255 C  "C4'" . DA  A 1 13 ? -7.10331  -12.39238 0.11433   1.000 108.46590 ? 11  DA  A "C4'" 1 
ATOM   256 O  "O4'" . DA  A 1 13 ? -7.14281  -11.43244 -0.97148  1.000 105.04975 ? 11  DA  A "O4'" 1 
ATOM   257 C  "C3'" . DA  A 1 13 ? -8.28927  -13.30338 -0.12514  1.000 110.35720 ? 11  DA  A "C3'" 1 
ATOM   258 O  "O3'" . DA  A 1 13 ? -9.45806  -12.73273 0.42093   1.000 109.07391 ? 11  DA  A "O3'" 1 
ATOM   259 C  "C2'" . DA  A 1 13 ? -8.35737  -13.35274 -1.64668  1.000 109.10659 ? 11  DA  A "C2'" 1 
ATOM   260 C  "C1'" . DA  A 1 13 ? -7.94887  -11.93174 -2.03043  1.000 107.60241 ? 11  DA  A "C1'" 1 
ATOM   261 N  N9    . DA  A 1 13 ? -7.16768  -11.86539 -3.26436  1.000 105.25148 ? 11  DA  A N9    1 
ATOM   262 C  C8    . DA  A 1 13 ? -6.07014  -12.61368 -3.58381  1.000 105.46092 ? 11  DA  A C8    1 
ATOM   263 N  N7    . DA  A 1 13 ? -5.56365  -12.33512 -4.75976  1.000 103.38126 ? 11  DA  A N7    1 
ATOM   264 C  C5    . DA  A 1 13 ? -6.38492  -11.33618 -5.24539  1.000 101.57356 ? 11  DA  A C5    1 
ATOM   265 C  C6    . DA  A 1 13 ? -6.37841  -10.61019 -6.44747  1.000 100.91964 ? 11  DA  A C6    1 
ATOM   266 N  N6    . DA  A 1 13 ? -5.47189  -10.79723 -7.41512  1.000 100.88138 ? 11  DA  A N6    1 
ATOM   267 N  N1    . DA  A 1 13 ? -7.33823  -9.67759  -6.61818  1.000 100.00691 ? 11  DA  A N1    1 
ATOM   268 C  C2    . DA  A 1 13 ? -8.23747  -9.49187  -5.64790  1.000 100.19439 ? 11  DA  A C2    1 
ATOM   269 N  N3    . DA  A 1 13 ? -8.34441  -10.11278 -4.47655  1.000 101.56493 ? 11  DA  A N3    1 
ATOM   270 C  C4    . DA  A 1 13 ? -7.37734  -11.03099 -4.33597  1.000 102.40186 ? 11  DA  A C4    1 
ATOM   271 P  P     . DT  A 1 14 ? -10.87221 -13.46149 0.19796   1.000 108.90900 ? 12  DT  A P     1 
ATOM   272 O  OP1   . DT  A 1 14 ? -11.75541 -13.06990 1.31765   1.000 113.40559 ? 12  DT  A OP1   1 
ATOM   273 O  OP2   . DT  A 1 14 ? -10.60306 -14.89229 -0.06919  1.000 110.63800 ? 12  DT  A OP2   1 
ATOM   274 O  "O5'" . DT  A 1 14 ? -11.43088 -12.79631 -1.14433  1.000 107.03110 ? 12  DT  A "O5'" 1 
ATOM   275 C  "C5'" . DT  A 1 14 ? -11.21596 -11.41013 -1.37743  1.000 105.09930 ? 12  DT  A "C5'" 1 
ATOM   276 C  "C4'" . DT  A 1 14 ? -12.39816 -10.77642 -2.09269  1.000 104.36436 ? 12  DT  A "C4'" 1 
ATOM   277 O  "O4'" . DT  A 1 14 ? -12.04461 -10.51974 -3.46858  1.000 103.49755 ? 12  DT  A "O4'" 1 
ATOM   278 C  "C3'" . DT  A 1 14 ? -13.65081 -11.62926 -2.17954  1.000 104.07408 ? 12  DT  A "C3'" 1 
ATOM   279 O  "O3'" . DT  A 1 14 ? -14.78814 -10.77427 -2.40810  1.000 103.48558 ? 12  DT  A "O3'" 1 
ATOM   280 C  "C2'" . DT  A 1 14 ? -13.33907 -12.51156 -3.39151  1.000 102.25035 ? 12  DT  A "C2'" 1 
ATOM   281 C  "C1'" . DT  A 1 14 ? -12.56079 -11.54966 -4.29739  1.000 101.56141 ? 12  DT  A "C1'" 1 
ATOM   282 N  N1    . DT  A 1 14 ? -11.40634 -12.16805 -5.01838  1.000 100.87191 ? 12  DT  A N1    1 
ATOM   283 C  C2    . DT  A 1 14 ? -10.98881 -11.59760 -6.18970  1.000 99.44766  ? 12  DT  A C2    1 
ATOM   284 O  O2    . DT  A 1 14 ? -11.53156 -10.62328 -6.68258  1.000 98.99768  ? 12  DT  A O2    1 
ATOM   285 N  N3    . DT  A 1 14 ? -9.91554  -12.20966 -6.78086  1.000 100.59262 ? 12  DT  A N3    1 
ATOM   286 C  C4    . DT  A 1 14 ? -9.21883  -13.30700 -6.31914  1.000 103.41935 ? 12  DT  A C4    1 
ATOM   287 O  O4    . DT  A 1 14 ? -8.26140  -13.77625 -6.93084  1.000 104.67446 ? 12  DT  A O4    1 
ATOM   288 C  C5    . DT  A 1 14 ? -9.69943  -13.85947 -5.07041  1.000 105.06605 ? 12  DT  A C5    1 
ATOM   289 C  C7    . DT  A 1 14 ? -9.02580  -15.05436 -4.46531  1.000 108.51268 ? 12  DT  A C7    1 
ATOM   290 C  C6    . DT  A 1 14 ? -10.75824 -13.26724 -4.48291  1.000 103.68591 ? 12  DT  A C6    1 
ATOM   291 P  P     . DT  A 1 15 ? -16.16034 -11.34839 -3.03434  1.000 106.54698 ? 13  DT  A P     1 
ATOM   292 O  OP1   . DT  A 1 15 ? -17.26973 -10.65284 -2.34509  1.000 102.75681 ? 13  DT  A OP1   1 
ATOM   293 O  OP2   . DT  A 1 15 ? -16.11166 -12.83050 -3.04141  1.000 104.69014 ? 13  DT  A OP2   1 
ATOM   294 O  "O5'" . DT  A 1 15 ? -16.12481 -10.84667 -4.55834  1.000 100.12450 ? 13  DT  A "O5'" 1 
ATOM   295 C  "C5'" . DT  A 1 15 ? -16.17233 -9.44827  -4.85026  1.000 99.15252  ? 13  DT  A "C5'" 1 
ATOM   296 C  "C4'" . DT  A 1 15 ? -16.24753 -9.19936  -6.35117  1.000 95.77349  ? 13  DT  A "C4'" 1 
ATOM   297 O  "O4'" . DT  A 1 15 ? -15.08408 -9.77653  -6.99699  1.000 95.32804  ? 13  DT  A "O4'" 1 
ATOM   298 C  "C3'" . DT  A 1 15 ? -17.47704 -9.78482  -7.04728  1.000 95.73504  ? 13  DT  A "C3'" 1 
ATOM   299 O  "O3'" . DT  A 1 15 ? -18.05566 -8.82151  -7.93256  1.000 94.09117  ? 13  DT  A "O3'" 1 
ATOM   300 C  "C2'" . DT  A 1 15 ? -16.93118 -11.00622 -7.79269  1.000 97.45668  ? 13  DT  A "C2'" 1 
ATOM   301 C  "C1'" . DT  A 1 15 ? -15.47435 -10.62698 -8.05123  1.000 96.53978  ? 13  DT  A "C1'" 1 
ATOM   302 N  N1    . DT  A 1 15 ? -14.53979 -11.79882 -8.05740  1.000 98.67248  ? 13  DT  A N1    1 
ATOM   303 C  C2    . DT  A 1 15 ? -13.61213 -11.92899 -9.07122  1.000 98.72447  ? 13  DT  A C2    1 
ATOM   304 O  O2    . DT  A 1 15 ? -13.50981 -11.13717 -9.99379  1.000 97.07125  ? 13  DT  A O2    1 
ATOM   305 N  N3    . DT  A 1 15 ? -12.79928 -13.03277 -8.96637  1.000 101.07475 ? 13  DT  A N3    1 
ATOM   306 C  C4    . DT  A 1 15 ? -12.82400 -13.99744 -7.97014  1.000 103.39023 ? 13  DT  A C4    1 
ATOM   307 O  O4    . DT  A 1 15 ? -12.05709 -14.95647 -7.96125  1.000 105.72446 ? 13  DT  A O4    1 
ATOM   308 C  C5    . DT  A 1 15 ? -13.81684 -13.79680 -6.94117  1.000 103.15523 ? 13  DT  A C5    1 
ATOM   309 C  C7    . DT  A 1 15 ? -13.93939 -14.77538 -5.80873  1.000 105.78198 ? 13  DT  A C7    1 
ATOM   310 C  C6    . DT  A 1 15 ? -14.61385 -12.72081 -7.03339  1.000 100.81888 ? 13  DT  A C6    1 
ATOM   311 O  "O5'" . DC  B 2 1  ? -8.60178  -15.99496 -17.66998 1.000 88.65625  ? 14  DC  B "O5'" 1 
ATOM   312 C  "C5'" . DC  B 2 1  ? -9.08518  -15.44294 -16.44582 1.000 93.12447  ? 14  DC  B "C5'" 1 
ATOM   313 C  "C4'" . DC  B 2 1  ? -9.68162  -14.06370 -16.65596 1.000 96.35603  ? 14  DC  B "C4'" 1 
ATOM   314 O  "O4'" . DC  B 2 1  ? -10.56331 -13.75525 -15.54770 1.000 95.58158  ? 14  DC  B "O4'" 1 
ATOM   315 C  "C3'" . DC  B 2 1  ? -8.68739  -12.92524 -16.64997 1.000 94.44315  ? 14  DC  B "C3'" 1 
ATOM   316 O  "O3'" . DC  B 2 1  ? -9.30441  -11.78525 -17.21370 1.000 93.14744  ? 14  DC  B "O3'" 1 
ATOM   317 C  "C2'" . DC  B 2 1  ? -8.45486  -12.74375 -15.15355 1.000 93.56083  ? 14  DC  B "C2'" 1 
ATOM   318 C  "C1'" . DC  B 2 1  ? -9.85701  -12.98878 -14.58226 1.000 94.07922  ? 14  DC  B "C1'" 1 
ATOM   319 N  N1    . DC  B 2 1  ? -9.85989  -13.74589 -13.29266 1.000 92.64127  ? 14  DC  B N1    1 
ATOM   320 C  C2    . DC  B 2 1  ? -10.90486 -13.55690 -12.37170 1.000 93.02410  ? 14  DC  B C2    1 
ATOM   321 O  O2    . DC  B 2 1  ? -11.81367 -12.75511 -12.63818 1.000 96.12601  ? 14  DC  B O2    1 
ATOM   322 N  N3    . DC  B 2 1  ? -10.88989 -14.25972 -11.20911 1.000 93.28169  ? 14  DC  B N3    1 
ATOM   323 C  C4    . DC  B 2 1  ? -9.89431  -15.11369 -10.96057 1.000 93.68884  ? 14  DC  B C4    1 
ATOM   324 N  N4    . DC  B 2 1  ? -9.92231  -15.78609 -9.80583  1.000 96.19809  ? 14  DC  B N4    1 
ATOM   325 C  C5    . DC  B 2 1  ? -8.82956  -15.31884 -11.88619 1.000 93.70374  ? 14  DC  B C5    1 
ATOM   326 C  C6    . DC  B 2 1  ? -8.85316  -14.62236 -13.02580 1.000 92.27336  ? 14  DC  B C6    1 
ATOM   327 P  P     . DA  B 2 2  ? -8.47969  -10.43420 -17.46458 1.000 103.49641 ? 15  DA  B P     1 
ATOM   328 O  OP1   . DA  B 2 2  ? -8.12125  -10.42340 -18.90275 1.000 96.25236  ? 15  DA  B OP1   1 
ATOM   329 O  OP2   . DA  B 2 2  ? -7.42882  -10.30254 -16.42592 1.000 101.39922 ? 15  DA  B OP2   1 
ATOM   330 O  "O5'" . DA  B 2 2  ? -9.56140  -9.28398  -17.19061 1.000 99.17389  ? 15  DA  B "O5'" 1 
ATOM   331 C  "C5'" . DA  B 2 2  ? -10.83241 -9.62366  -16.63870 1.000 95.81698  ? 15  DA  B "C5'" 1 
ATOM   332 C  "C4'" . DA  B 2 2  ? -11.22895 -8.64553  -15.54854 1.000 95.42031  ? 15  DA  B "C4'" 1 
ATOM   333 O  "O4'" . DA  B 2 2  ? -11.04306 -9.26363  -14.24794 1.000 94.66097  ? 15  DA  B "O4'" 1 
ATOM   334 C  "C3'" . DA  B 2 2  ? -10.41199 -7.36072  -15.50241 1.000 96.14208  ? 15  DA  B "C3'" 1 
ATOM   335 O  "O3'" . DA  B 2 2  ? -11.20771 -6.31938  -14.92565 1.000 96.78903  ? 15  DA  B "O3'" 1 
ATOM   336 C  "C2'" . DA  B 2 2  ? -9.26146  -7.76462  -14.58793 1.000 94.98054  ? 15  DA  B "C2'" 1 
ATOM   337 C  "C1'" . DA  B 2 2  ? -10.01251 -8.58692  -13.54675 1.000 95.63420  ? 15  DA  B "C1'" 1 
ATOM   338 N  N9    . DA  B 2 2  ? -9.19874  -9.58098  -12.84591 1.000 94.22474  ? 15  DA  B N9    1 
ATOM   339 C  C8    . DA  B 2 2  ? -7.96999  -10.06059 -13.20456 1.000 94.08684  ? 15  DA  B C8    1 
ATOM   340 N  N7    . DA  B 2 2  ? -7.49346  -10.96206 -12.37464 1.000 93.09811  ? 15  DA  B N7    1 
ATOM   341 C  C5    . DA  B 2 2  ? -8.47906  -11.07702 -11.40946 1.000 92.51691  ? 15  DA  B C5    1 
ATOM   342 C  C6    . DA  B 2 2  ? -8.58978  -11.86850 -10.24875 1.000 95.12703  ? 15  DA  B C6    1 
ATOM   343 N  N6    . DA  B 2 2  ? -7.64909  -12.73213 -9.84733  1.000 94.71653  ? 15  DA  B N6    1 
ATOM   344 N  N1    . DA  B 2 2  ? -9.71331  -11.73574 -9.50981  1.000 96.63297  ? 15  DA  B N1    1 
ATOM   345 C  C2    . DA  B 2 2  ? -10.65058 -10.87625 -9.91745  1.000 94.70609  ? 15  DA  B C2    1 
ATOM   346 N  N3    . DA  B 2 2  ? -10.65727 -10.08426 -10.98028 1.000 93.39056  ? 15  DA  B N3    1 
ATOM   347 C  C4    . DA  B 2 2  ? -9.53423  -10.23374 -11.68953 1.000 93.07975  ? 15  DA  B C4    1 
ATOM   348 P  P     . DT  B 2 3  ? -10.64838 -4.81655  -14.78213 1.000 101.05187 ? 16  DT  B P     1 
ATOM   349 O  OP1   . DT  B 2 3  ? -11.11064 -4.05436  -15.96502 1.000 99.14671  ? 16  DT  B OP1   1 
ATOM   350 O  OP2   . DT  B 2 3  ? -9.20586  -4.86363  -14.44827 1.000 98.65802  ? 16  DT  B OP2   1 
ATOM   351 O  "O5'" . DT  B 2 3  ? -11.39051 -4.26610  -13.47351 1.000 95.11353  ? 16  DT  B "O5'" 1 
ATOM   352 C  "C5'" . DT  B 2 3  ? -12.36036 -5.07361  -12.81715 1.000 93.15102  ? 16  DT  B "C5'" 1 
ATOM   353 C  "C4'" . DT  B 2 3  ? -12.08118 -5.16244  -11.32749 1.000 93.20474  ? 16  DT  B "C4'" 1 
ATOM   354 O  "O4'" . DT  B 2 3  ? -11.20743 -6.28719  -11.04707 1.000 92.42599  ? 16  DT  B "O4'" 1 
ATOM   355 C  "C3'" . DT  B 2 3  ? -11.39211 -3.93140  -10.70941 1.000 94.82212  ? 16  DT  B "C3'" 1 
ATOM   356 O  "O3'" . DT  B 2 3  ? -12.09924 -3.51886  -9.55091  1.000 92.50647  ? 16  DT  B "O3'" 1 
ATOM   357 C  "C2'" . DT  B 2 3  ? -10.00233 -4.45558  -10.34470 1.000 94.03330  ? 16  DT  B "C2'" 1 
ATOM   358 C  "C1'" . DT  B 2 3  ? -10.33312 -5.89721  -10.02384 1.000 94.64463  ? 16  DT  B "C1'" 1 
ATOM   359 N  N1    . DT  B 2 3  ? -9.15461  -6.80572  -9.99479  1.000 94.41378  ? 16  DT  B N1    1 
ATOM   360 C  C2    . DT  B 2 3  ? -9.09886  -7.78326  -9.03231  1.000 94.68033  ? 16  DT  B C2    1 
ATOM   361 O  O2    . DT  B 2 3  ? -9.97427  -7.95550  -8.20326  1.000 95.09325  ? 16  DT  B O2    1 
ATOM   362 N  N3    . DT  B 2 3  ? -7.98023  -8.56354  -9.07036  1.000 94.74321  ? 16  DT  B N3    1 
ATOM   363 C  C4    . DT  B 2 3  ? -6.92706  -8.46930  -9.96051  1.000 94.30887  ? 16  DT  B C4    1 
ATOM   364 O  O4    . DT  B 2 3  ? -5.96014  -9.22200  -9.91341  1.000 94.22407  ? 16  DT  B O4    1 
ATOM   365 C  C5    . DT  B 2 3  ? -7.04323  -7.42050  -10.94481 1.000 94.53851  ? 16  DT  B C5    1 
ATOM   366 C  C7    . DT  B 2 3  ? -5.95923  -7.21753  -11.96151 1.000 95.78852  ? 16  DT  B C7    1 
ATOM   367 C  C6    . DT  B 2 3  ? -8.13785  -6.64400  -10.91320 1.000 94.60648  ? 16  DT  B C6    1 
ATOM   368 P  P     . DT  B 2 4  ? -12.25208 -1.95680  -9.20288  1.000 93.65263  ? 17  DT  B P     1 
ATOM   369 O  OP1   . DT  B 2 4  ? -13.60170 -1.54589  -9.65156  1.000 94.33803  ? 17  DT  B OP1   1 
ATOM   370 O  OP2   . DT  B 2 4  ? -11.05972 -1.24575  -9.71662  1.000 91.64496  ? 17  DT  B OP2   1 
ATOM   371 O  "O5'" . DT  B 2 4  ? -12.20879 -1.92746  -7.60658  1.000 90.91739  ? 17  DT  B "O5'" 1 
ATOM   372 C  "C5'" . DT  B 2 4  ? -11.23179 -2.69217  -6.92405  1.000 92.26188  ? 17  DT  B "C5'" 1 
ATOM   373 C  "C4'" . DT  B 2 4  ? -11.42440 -2.60446  -5.42580  1.000 93.19858  ? 17  DT  B "C4'" 1 
ATOM   374 O  "O4'" . DT  B 2 4  ? -10.26622 -3.17198  -4.77197  1.000 92.12698  ? 17  DT  B "O4'" 1 
ATOM   375 C  "C3'" . DT  B 2 4  ? -11.49212 -1.19519  -4.87577  1.000 94.03284  ? 17  DT  B "C3'" 1 
ATOM   376 O  "O3'" . DT  B 2 4  ? -12.00451 -1.24013  -3.55587  1.000 93.24836  ? 17  DT  B "O3'" 1 
ATOM   377 C  "C2'" . DT  B 2 4  ? -10.01649 -0.83126  -4.86795  1.000 93.59719  ? 17  DT  B "C2'" 1 
ATOM   378 C  "C1'" . DT  B 2 4  ? -9.42521  -2.12505  -4.31469  1.000 93.22189  ? 17  DT  B "C1'" 1 
ATOM   379 N  N1    . DT  B 2 4  ? -8.06293  -2.41497  -4.78361  1.000 93.27184  ? 17  DT  B N1    1 
ATOM   380 C  C2    . DT  B 2 4  ? -7.27555  -3.25459  -4.04218  1.000 93.85841  ? 17  DT  B C2    1 
ATOM   381 O  O2    . DT  B 2 4  ? -7.64302  -3.76392  -2.99695  1.000 94.73895  ? 17  DT  B O2    1 
ATOM   382 N  N3    . DT  B 2 4  ? -6.03401  -3.47805  -4.56262  1.000 93.21677  ? 17  DT  B N3    1 
ATOM   383 C  C4    . DT  B 2 4  ? -5.51398  -2.95811  -5.73087  1.000 93.00377  ? 17  DT  B C4    1 
ATOM   384 O  O4    . DT  B 2 4  ? -4.38376  -3.21934  -6.11500  1.000 94.07996  ? 17  DT  B O4    1 
ATOM   385 C  C5    . DT  B 2 4  ? -6.39360  -2.08569  -6.46372  1.000 93.09122  ? 17  DT  B C5    1 
ATOM   386 C  C7    . DT  B 2 4  ? -5.93560  -1.45813  -7.74737  1.000 94.26139  ? 17  DT  B C7    1 
ATOM   387 C  C6    . DT  B 2 4  ? -7.61580  -1.86109  -5.96211  1.000 93.68802  ? 17  DT  B C6    1 
ATOM   388 P  P     . DG  B 2 5  ? -13.07386 -0.15439  -3.05052  1.000 97.41486  ? 18  DG  B P     1 
ATOM   389 O  OP1   . DG  B 2 5  ? -14.41696 -0.59918  -3.48675  1.000 95.39882  ? 18  DG  B OP1   1 
ATOM   390 O  OP2   . DG  B 2 5  ? -12.57559 1.18614   -3.43743  1.000 95.66985  ? 18  DG  B OP2   1 
ATOM   391 O  "O5'" . DG  B 2 5  ? -13.00716 -0.29880  -1.46089  1.000 95.76429  ? 18  DG  B "O5'" 1 
ATOM   392 C  "C5'" . DG  B 2 5  ? -12.24714 -1.35219  -0.87801  1.000 92.92501  ? 18  DG  B "C5'" 1 
ATOM   393 C  "C4'" . DG  B 2 5  ? -11.32436 -0.80990  0.19572   1.000 93.12103  ? 18  DG  B "C4'" 1 
ATOM   394 O  "O4'" . DG  B 2 5  ? -9.96874  -0.72247  -0.32700  1.000 93.66795  ? 18  DG  B "O4'" 1 
ATOM   395 C  "C3'" . DG  B 2 5  ? -11.64378 0.60324   0.65070   1.000 91.42278  ? 18  DG  B "C3'" 1 
ATOM   396 O  "O3'" . DG  B 2 5  ? -11.03614 0.82565   1.90442   1.000 94.46219  ? 18  DG  B "O3'" 1 
ATOM   397 C  "C2'" . DG  B 2 5  ? -10.92831 1.39857   -0.42148  1.000 92.05751  ? 18  DG  B "C2'" 1 
ATOM   398 C  "C1'" . DG  B 2 5  ? -9.61055  0.64094   -0.42353  1.000 91.85176  ? 18  DG  B "C1'" 1 
ATOM   399 N  N9    . DG  B 2 5  ? -8.79734  0.83870   -1.61279  1.000 91.39658  ? 18  DG  B N9    1 
ATOM   400 C  C8    . DG  B 2 5  ? -9.08947  1.62362   -2.70185  1.000 92.11727  ? 18  DG  B C8    1 
ATOM   401 N  N7    . DG  B 2 5  ? -8.15627  1.61239   -3.61220  1.000 92.48487  ? 18  DG  B N7    1 
ATOM   402 C  C5    . DG  B 2 5  ? -7.18346  0.76883   -3.08929  1.000 92.05081  ? 18  DG  B C5    1 
ATOM   403 C  C6    . DG  B 2 5  ? -5.93972  0.36973   -3.62692  1.000 91.79294  ? 18  DG  B C6    1 
ATOM   404 O  O6    . DG  B 2 5  ? -5.43528  0.69221   -4.71074  1.000 92.11962  ? 18  DG  B O6    1 
ATOM   405 N  N1    . DG  B 2 5  ? -5.26107  -0.49280  -2.76869  1.000 90.99824  ? 18  DG  B N1    1 
ATOM   406 C  C2    . DG  B 2 5  ? -5.72793  -0.91289  -1.54607  1.000 91.53537  ? 18  DG  B C2    1 
ATOM   407 N  N2    . DG  B 2 5  ? -4.93368  -1.74360  -0.85879  1.000 91.98855  ? 18  DG  B N2    1 
ATOM   408 N  N3    . DG  B 2 5  ? -6.89314  -0.54703  -1.03190  1.000 91.22536  ? 18  DG  B N3    1 
ATOM   409 C  C4    . DG  B 2 5  ? -7.56388  0.29092   -1.85634  1.000 91.29996  ? 18  DG  B C4    1 
ATOM   410 P  P     . DG  B 2 6  ? -11.91683 0.92054   3.24080   1.000 95.49908  ? 19  DG  B P     1 
ATOM   411 O  OP1   . DG  B 2 6  ? -12.88369 -0.20378  3.20284   1.000 95.23210  ? 19  DG  B OP1   1 
ATOM   412 O  OP2   . DG  B 2 6  ? -12.40452 2.31613   3.35817   1.000 93.33176  ? 19  DG  B OP2   1 
ATOM   413 O  "O5'" . DG  B 2 6  ? -10.85436 0.64906   4.41326   1.000 92.98558  ? 19  DG  B "O5'" 1 
ATOM   414 C  "C5'" . DG  B 2 6  ? -10.27234 -0.64742  4.56923   1.000 93.09135  ? 19  DG  B "C5'" 1 
ATOM   415 C  "C4'" . DG  B 2 6  ? -8.84727  -0.55021  5.09379   1.000 92.52396  ? 19  DG  B "C4'" 1 
ATOM   416 O  "O4'" . DG  B 2 6  ? -7.93588  -0.33215  3.98507   1.000 91.82651  ? 19  DG  B "O4'" 1 
ATOM   417 C  "C3'" . DG  B 2 6  ? -8.59106  0.59429   6.07161   1.000 92.75970  ? 19  DG  B "C3'" 1 
ATOM   418 O  "O3'" . DG  B 2 6  ? -7.60611  0.21563   7.02542   1.000 93.48762  ? 19  DG  B "O3'" 1 
ATOM   419 C  "C2'" . DG  B 2 6  ? -8.06887  1.68838   5.15616   1.000 91.74649  ? 19  DG  B "C2'" 1 
ATOM   420 C  "C1'" . DG  B 2 6  ? -7.23318  0.87240   4.18180   1.000 91.25065  ? 19  DG  B "C1'" 1 
ATOM   421 N  N9    . DG  B 2 6  ? -7.05764  1.52000   2.89188   1.000 90.70867  ? 19  DG  B N9    1 
ATOM   422 C  C8    . DG  B 2 6  ? -7.92821  2.38400   2.27746   1.000 90.67739  ? 19  DG  B C8    1 
ATOM   423 N  N7    . DG  B 2 6  ? -7.50057  2.81714   1.12702   1.000 90.19386  ? 19  DG  B N7    1 
ATOM   424 C  C5    . DG  B 2 6  ? -6.26772  2.19993   0.96973   1.000 89.90047  ? 19  DG  B C5    1 
ATOM   425 C  C6    . DG  B 2 6  ? -5.33909  2.28444   -0.08882  1.000 89.49862  ? 19  DG  B C6    1 
ATOM   426 O  O6    . DG  B 2 6  ? -5.42595  2.94464   -1.13279  1.000 90.21077  ? 19  DG  B O6    1 
ATOM   427 N  N1    . DG  B 2 6  ? -4.21534  1.49748   0.14835   1.000 90.26091  ? 19  DG  B N1    1 
ATOM   428 C  C2    . DG  B 2 6  ? -4.01921  0.72724   1.26986   1.000 90.82804  ? 19  DG  B C2    1 
ATOM   429 N  N2    . DG  B 2 6  ? -2.87198  0.03529   1.32366   1.000 91.27053  ? 19  DG  B N2    1 
ATOM   430 N  N3    . DG  B 2 6  ? -4.88592  0.63952   2.26891   1.000 90.30284  ? 19  DG  B N3    1 
ATOM   431 C  C4    . DG  B 2 6  ? -5.98193  1.39934   2.04945   1.000 90.24413  ? 19  DG  B C4    1 
ATOM   432 P  P     . DC  B 2 7  ? -8.02106  -0.01410  8.55924   1.000 97.88942  ? 20  DC  B P     1 
ATOM   433 O  OP1   . DC  B 2 7  ? -9.22272  0.80734   8.82016   1.000 93.97227  ? 20  DC  B OP1   1 
ATOM   434 O  OP2   . DC  B 2 7  ? -6.82067  0.14978   9.40913   1.000 95.34966  ? 20  DC  B OP2   1 
ATOM   435 O  "O5'" . DC  B 2 7  ? -8.46873  -1.54637  8.59722   1.000 95.40424  ? 20  DC  B "O5'" 1 
ATOM   436 C  "C5'" . DC  B 2 7  ? -7.51780  -2.55690  8.85048   1.000 95.17138  ? 20  DC  B "C5'" 1 
ATOM   437 C  "C4'" . DC  B 2 7  ? -8.19915  -3.78338  9.41617   1.000 95.09861  ? 20  DC  B "C4'" 1 
ATOM   438 O  "O4'" . DC  B 2 7  ? -8.61011  -3.52191  10.77425  1.000 95.37629  ? 20  DC  B "O4'" 1 
ATOM   439 C  "C3'" . DC  B 2 7  ? -9.47136  -4.18614  8.69890   1.000 95.20854  ? 20  DC  B "C3'" 1 
ATOM   440 O  "O3'" . DC  B 2 7  ? -9.14084  -5.00306  7.59199   1.000 98.53965  ? 20  DC  B "O3'" 1 
ATOM   441 C  "C2'" . DC  B 2 7  ? -10.21388 -4.97269  9.77865   1.000 96.23391  ? 20  DC  B "C2'" 1 
ATOM   442 C  "C1'" . DC  B 2 7  ? -9.77606  -4.27066  11.07117  1.000 96.23347  ? 20  DC  B "C1'" 1 
ATOM   443 N  N1    . DC  B 2 7  ? -10.80660 -3.34748  11.63313  1.000 96.55505  ? 20  DC  B N1    1 
ATOM   444 C  C2    . DC  B 2 7  ? -11.08258 -2.13633  10.99030  1.000 96.00866  ? 20  DC  B C2    1 
ATOM   445 O  O2    . DC  B 2 7  ? -10.46657 -1.84603  9.96265   1.000 95.52165  ? 20  DC  B O2    1 
ATOM   446 N  N3    . DC  B 2 7  ? -12.02152 -1.31571  11.51163  1.000 96.47946  ? 20  DC  B N3    1 
ATOM   447 C  C4    . DC  B 2 7  ? -12.66495 -1.66450  12.61924  1.000 97.43205  ? 20  DC  B C4    1 
ATOM   448 N  N4    . DC  B 2 7  ? -13.58455 -0.82101  13.10016  1.000 98.01039  ? 20  DC  B N4    1 
ATOM   449 C  C5    . DC  B 2 7  ? -12.39906 -2.89459  13.28422  1.000 97.94973  ? 20  DC  B C5    1 
ATOM   450 C  C6    . DC  B 2 7  ? -11.47053 -3.69512  12.76602  1.000 97.49428  ? 20  DC  B C6    1 
ATOM   451 P  P     . DG  B 2 8  ? -10.26915 -5.50140  6.55892   1.000 98.86697  ? 21  DG  B P     1 
ATOM   452 O  OP1   . DG  B 2 8  ? -10.32771 -4.51229  5.45569   1.000 96.05460  ? 21  DG  B OP1   1 
ATOM   453 O  OP2   . DG  B 2 8  ? -11.49004 -5.85330  7.32066   1.000 96.50029  ? 21  DG  B OP2   1 
ATOM   454 O  "O5'" . DG  B 2 8  ? -9.65337  -6.86086  5.98140   1.000 99.10749  ? 21  DG  B "O5'" 1 
ATOM   455 C  "C5'" . DG  B 2 8  ? -9.57951  -8.00878  6.81822   1.000 99.00048  ? 21  DG  B "C5'" 1 
ATOM   456 C  "C4'" . DG  B 2 8  ? -8.15349  -8.52338  6.93115   1.000 99.34483  ? 21  DG  B "C4'" 1 
ATOM   457 O  "O4'" . DG  B 2 8  ? -7.62146  -8.79819  5.61427   1.000 100.21133 ? 21  DG  B "O4'" 1 
ATOM   458 C  "C3'" . DG  B 2 8  ? -7.16162  -7.57001  7.56128   1.000 99.92229  ? 21  DG  B "C3'" 1 
ATOM   459 O  "O3'" . DG  B 2 8  ? -6.11488  -8.32575  8.14588   1.000 100.99391 ? 21  DG  B "O3'" 1 
ATOM   460 C  "C2'" . DG  B 2 8  ? -6.67283  -6.77615  6.35140   1.000 100.31640 ? 21  DG  B "C2'" 1 
ATOM   461 C  "C1'" . DG  B 2 8  ? -6.60246  -7.86802  5.29553   1.000 99.76410  ? 21  DG  B "C1'" 1 
ATOM   462 N  N9    . DG  B 2 8  ? -6.84960  -7.41521  3.93545   1.000 99.62287  ? 21  DG  B N9    1 
ATOM   463 C  C8    . DG  B 2 8  ? -7.77326  -6.48821  3.51458   1.000 100.02379 ? 21  DG  B C8    1 
ATOM   464 N  N7    . DG  B 2 8  ? -7.78350  -6.32029  2.21992   1.000 100.46158 ? 21  DG  B N7    1 
ATOM   465 C  C5    . DG  B 2 8  ? -6.81994  -7.20849  1.75752   1.000 100.00230 ? 21  DG  B C5    1 
ATOM   466 C  C6    . DG  B 2 8  ? -6.38289  -7.47900  0.44021   1.000 99.79407  ? 21  DG  B C6    1 
ATOM   467 O  O6    . DG  B 2 8  ? -6.77645  -6.97217  -0.61874  1.000 99.24236  ? 21  DG  B O6    1 
ATOM   468 N  N1    . DG  B 2 8  ? -5.38108  -8.44856  0.41930   1.000 101.05724 ? 21  DG  B N1    1 
ATOM   469 C  C2    . DG  B 2 8  ? -4.87442  -9.07813  1.53352   1.000 101.62679 ? 21  DG  B C2    1 
ATOM   470 N  N2    . DG  B 2 8  ? -3.91581  -9.98975  1.32943   1.000 104.70310 ? 21  DG  B N2    1 
ATOM   471 N  N3    . DG  B 2 8  ? -5.27792  -8.83192  2.76800   1.000 101.44738 ? 21  DG  B N3    1 
ATOM   472 C  C4    . DG  B 2 8  ? -6.24599  -7.89117  2.80380   1.000 100.41794 ? 21  DG  B C4    1 
ATOM   473 P  P     . DT  B 2 9  ? -5.01986  -7.61014  9.07698   1.000 104.89542 ? 22  DT  B P     1 
ATOM   474 O  OP1   . DT  B 2 9  ? -4.73743  -8.51604  10.21265  1.000 104.11144 ? 22  DT  B OP1   1 
ATOM   475 O  OP2   . DT  B 2 9  ? -5.48581  -6.22780  9.33019   1.000 99.82193  ? 22  DT  B OP2   1 
ATOM   476 O  "O5'" . DT  B 2 9  ? -3.72941  -7.54169  8.13865   1.000 102.64192 ? 22  DT  B "O5'" 1 
ATOM   477 C  "C5'" . DT  B 2 9  ? -3.35485  -8.67714  7.36979   1.000 100.90519 ? 22  DT  B "C5'" 1 
ATOM   478 C  "C4'" . DT  B 2 9  ? -2.35783  -8.28707  6.29934   1.000 102.20513 ? 22  DT  B "C4'" 1 
ATOM   479 O  "O4'" . DT  B 2 9  ? -3.06549  -7.77440  5.13975   1.000 100.95092 ? 22  DT  B "O4'" 1 
ATOM   480 C  "C3'" . DT  B 2 9  ? -1.36381  -7.19033  6.71506   1.000 104.27866 ? 22  DT  B "C3'" 1 
ATOM   481 O  "O3'" . DT  B 2 9  ? -0.02864  -7.58850  6.40468   1.000 106.70378 ? 22  DT  B "O3'" 1 
ATOM   482 C  "C2'" . DT  B 2 9  ? -1.79377  -5.98275  5.88140   1.000 101.84369 ? 22  DT  B "C2'" 1 
ATOM   483 C  "C1'" . DT  B 2 9  ? -2.36571  -6.66136  4.64970   1.000 101.28007 ? 22  DT  B "C1'" 1 
ATOM   484 N  N1    . DT  B 2 9  ? -3.29808  -5.80218  3.87827   1.000 100.11422 ? 22  DT  B N1    1 
ATOM   485 C  C2    . DT  B 2 9  ? -3.33587  -5.91257  2.51025   1.000 99.47976  ? 22  DT  B C2    1 
ATOM   486 O  O2    . DT  B 2 9  ? -2.64760  -6.69835  1.88465   1.000 100.82659 ? 22  DT  B O2    1 
ATOM   487 N  N3    . DT  B 2 9  ? -4.21760  -5.06965  1.89254   1.000 97.76842  ? 22  DT  B N3    1 
ATOM   488 C  C4    . DT  B 2 9  ? -5.04501  -4.14188  2.49113   1.000 97.98174  ? 22  DT  B C4    1 
ATOM   489 O  O4    . DT  B 2 9  ? -5.80467  -3.42788  1.84459   1.000 97.08716  ? 22  DT  B O4    1 
ATOM   490 C  C5    . DT  B 2 9  ? -4.95051  -4.07027  3.93214   1.000 99.31555  ? 22  DT  B C5    1 
ATOM   491 C  C7    . DT  B 2 9  ? -5.79822  -3.09764  4.70050   1.000 96.36539  ? 22  DT  B C7    1 
ATOM   492 C  C6    . DT  B 2 9  ? -4.08825  -4.89325  4.54740   1.000 100.09496 ? 22  DT  B C6    1 
ATOM   493 P  P     . DC  B 2 10 ? 1.21123   -6.98116  7.23290   1.000 109.07310 ? 23  DC  B P     1 
ATOM   494 O  OP1   . DC  B 2 10 ? 1.50526   -7.92999  8.33067   1.000 108.80044 ? 23  DC  B OP1   1 
ATOM   495 O  OP2   . DC  B 2 10 ? 0.92524   -5.55843  7.53089   1.000 106.22427 ? 23  DC  B OP2   1 
ATOM   496 O  "O5'" . DC  B 2 10 ? 2.43332   -7.03814  6.20224   1.000 106.39154 ? 23  DC  B "O5'" 1 
ATOM   497 C  "C5'" . DC  B 2 10 ? 3.00033   -8.28926  5.83836   1.000 105.17979 ? 23  DC  B "C5'" 1 
ATOM   498 C  "C4'" . DC  B 2 10 ? 3.16456   -8.38143  4.33458   1.000 104.90695 ? 23  DC  B "C4'" 1 
ATOM   499 O  "O4'" . DC  B 2 10 ? 1.88013   -8.19191  3.70403   1.000 103.82851 ? 23  DC  B "O4'" 1 
ATOM   500 C  "C3'" . DC  B 2 10 ? 4.03958   -7.30606  3.72094   1.000 104.92738 ? 23  DC  B "C3'" 1 
ATOM   501 O  "O3'" . DC  B 2 10 ? 5.40391   -7.67498  3.80213   1.000 105.68664 ? 23  DC  B "O3'" 1 
ATOM   502 C  "C2'" . DC  B 2 10 ? 3.55606   -7.28872  2.27700   1.000 104.10411 ? 23  DC  B "C2'" 1 
ATOM   503 C  "C1'" . DC  B 2 10 ? 2.06449   -7.59141  2.43222   1.000 103.48036 ? 23  DC  B "C1'" 1 
ATOM   504 N  N1    . DC  B 2 10 ? 1.19536   -6.38474  2.33297   1.000 101.08478 ? 23  DC  B N1    1 
ATOM   505 C  C2    . DC  B 2 10 ? 0.99153   -5.79398  1.08609   1.000 99.48000  ? 23  DC  B C2    1 
ATOM   506 O  O2    . DC  B 2 10 ? 1.54536   -6.28269  0.09530   1.000 99.18083  ? 23  DC  B O2    1 
ATOM   507 N  N3    . DC  B 2 10 ? 0.19572   -4.70258  0.99881   1.000 98.24042  ? 23  DC  B N3    1 
ATOM   508 C  C4    . DC  B 2 10 ? -0.38145  -4.20658  2.09307   1.000 97.67782  ? 23  DC  B C4    1 
ATOM   509 N  N4    . DC  B 2 10 ? -1.16123  -3.13225  1.94983   1.000 95.95278  ? 23  DC  B N4    1 
ATOM   510 C  C5    . DC  B 2 10 ? -0.18761  -4.79449  3.37718   1.000 99.36124  ? 23  DC  B C5    1 
ATOM   511 C  C6    . DC  B 2 10 ? 0.60016   -5.87462  3.45046   1.000 101.20030 ? 23  DC  B C6    1 
ATOM   512 P  P     . DC  B 2 11 ? 6.52663   -6.53396  3.93423   1.000 105.91601 ? 24  DC  B P     1 
ATOM   513 O  OP1   . DC  B 2 11 ? 7.77746   -7.16946  4.40641   1.000 104.66483 ? 24  DC  B OP1   1 
ATOM   514 O  OP2   . DC  B 2 11 ? 5.90091   -5.41961  4.68594   1.000 104.02858 ? 24  DC  B OP2   1 
ATOM   515 O  "O5'" . DC  B 2 11 ? 6.75866   -6.03906  2.43166   1.000 102.81246 ? 24  DC  B "O5'" 1 
ATOM   516 C  "C5'" . DC  B 2 11 ? 6.84293   -6.97824  1.37583   1.000 101.97669 ? 24  DC  B "C5'" 1 
ATOM   517 C  "C4'" . DC  B 2 11 ? 6.60111   -6.30103  0.04109   1.000 101.36562 ? 24  DC  B "C4'" 1 
ATOM   518 O  "O4'" . DC  B 2 11 ? 5.19380   -6.01138  -0.11101  1.000 100.63809 ? 24  DC  B "O4'" 1 
ATOM   519 C  "C3'" . DC  B 2 11 ? 7.28410   -4.95983  -0.12869  1.000 99.63923  ? 24  DC  B "C3'" 1 
ATOM   520 O  "O3'" . DC  B 2 11 ? 8.62976   -5.15018  -0.54994  1.000 99.97670  ? 24  DC  B "O3'" 1 
ATOM   521 C  "C2'" . DC  B 2 11 ? 6.43482   -4.31004  -1.22029  1.000 98.66194  ? 24  DC  B "C2'" 1 
ATOM   522 C  "C1'" . DC  B 2 11 ? 5.03398   -4.87584  -0.94175  1.000 98.70582  ? 24  DC  B "C1'" 1 
ATOM   523 N  N1    . DC  B 2 11 ? 4.12245   -3.91314  -0.25569  1.000 98.15415  ? 24  DC  B N1    1 
ATOM   524 C  C2    . DC  B 2 11 ? 3.45711   -2.93323  -1.00453  1.000 96.83508  ? 24  DC  B C2    1 
ATOM   525 O  O2    . DC  B 2 11 ? 3.63836   -2.87897  -2.22781  1.000 95.89295  ? 24  DC  B O2    1 
ATOM   526 N  N3    . DC  B 2 11 ? 2.63308   -2.06492  -0.36470  1.000 95.49821  ? 24  DC  B N3    1 
ATOM   527 C  C4    . DC  B 2 11 ? 2.46364   -2.15291  0.95483   1.000 95.09619  ? 24  DC  B C4    1 
ATOM   528 N  N4    . DC  B 2 11 ? 1.63315   -1.28163  1.53259   1.000 92.81490  ? 24  DC  B N4    1 
ATOM   529 C  C5    . DC  B 2 11 ? 3.12988   -3.14406  1.73503   1.000 98.08626  ? 24  DC  B C5    1 
ATOM   530 C  C6    . DC  B 2 11 ? 3.94129   -3.99555  1.09536   1.000 99.50807  ? 24  DC  B C6    1 
ATOM   531 P  P     . DG  B 2 12 ? 9.71711   -3.97326  -0.38092  1.000 104.34959 ? 25  DG  B P     1 
ATOM   532 O  OP1   . DG  B 2 12 ? 11.04798  -4.57780  -0.61472  1.000 103.42178 ? 25  DG  B OP1   1 
ATOM   533 O  OP2   . DG  B 2 12 ? 9.45668   -3.23560  0.87893   1.000 100.11902 ? 25  DG  B OP2   1 
ATOM   534 O  "O5'" . DG  B 2 12 ? 9.41149   -2.99406  -1.60348  1.000 100.98645 ? 25  DG  B "O5'" 1 
ATOM   535 C  "C5'" . DG  B 2 12 ? 9.28890   -3.51844  -2.91633  1.000 100.81321 ? 25  DG  B "C5'" 1 
ATOM   536 C  "C4'" . DG  B 2 12 ? 8.96577   -2.41027  -3.89422  1.000 100.40491 ? 25  DG  B "C4'" 1 
ATOM   537 O  "O4'" . DG  B 2 12 ? 7.59969   -1.97157  -3.68077  1.000 99.13091  ? 25  DG  B "O4'" 1 
ATOM   538 C  "C3'" . DG  B 2 12 ? 9.84112   -1.17244  -3.74541  1.000 101.30875 ? 25  DG  B "C3'" 1 
ATOM   539 O  "O3'" . DG  B 2 12 ? 10.12236  -0.59940  -5.01097  1.000 101.99730 ? 25  DG  B "O3'" 1 
ATOM   540 C  "C2'" . DG  B 2 12 ? 8.99712   -0.24096  -2.87853  1.000 100.78006 ? 25  DG  B "C2'" 1 
ATOM   541 C  "C1'" . DG  B 2 12 ? 7.57192   -0.61589  -3.28123  1.000 100.10850 ? 25  DG  B "C1'" 1 
ATOM   542 N  N9    . DG  B 2 12 ? 6.61448   -0.47210  -2.18320  1.000 98.16538  ? 25  DG  B N9    1 
ATOM   543 C  C8    . DG  B 2 12 ? 6.64378   -1.12194  -0.97232  1.000 98.01978  ? 25  DG  B C8    1 
ATOM   544 N  N7    . DG  B 2 12 ? 5.66427   -0.78841  -0.17884  1.000 95.86102  ? 25  DG  B N7    1 
ATOM   545 C  C5    . DG  B 2 12 ? 4.94311   0.14514   -0.90490  1.000 95.41044  ? 25  DG  B C5    1 
ATOM   546 C  C6    . DG  B 2 12 ? 3.77714   0.85815   -0.55532  1.000 95.66509  ? 25  DG  B C6    1 
ATOM   547 O  O6    . DG  B 2 12 ? 3.13342   0.80330   0.50202   1.000 96.11125  ? 25  DG  B O6    1 
ATOM   548 N  N1    . DG  B 2 12 ? 3.36626   1.70662   -1.57873  1.000 95.28302  ? 25  DG  B N1    1 
ATOM   549 C  C2    . DG  B 2 12 ? 4.00568   1.84837   -2.78492  1.000 95.44560  ? 25  DG  B C2    1 
ATOM   550 N  N2    . DG  B 2 12 ? 3.46008   2.71919   -3.64518  1.000 96.50245  ? 25  DG  B N2    1 
ATOM   551 N  N3    . DG  B 2 12 ? 5.10307   1.18584   -3.12609  1.000 95.41698  ? 25  DG  B N3    1 
ATOM   552 C  C4    . DG  B 2 12 ? 5.51318   0.35376   -2.14077  1.000 95.78233  ? 25  DG  B C4    1 
ATOM   553 P  P     . DC  B 2 13 ? 11.06179  0.70123   -5.09087  1.000 103.67450 ? 26  DC  B P     1 
ATOM   554 O  OP1   . DC  B 2 13 ? 11.69458  0.74168   -6.42851  1.000 106.34614 ? 26  DC  B OP1   1 
ATOM   555 O  OP2   . DC  B 2 13 ? 11.90602  0.68844   -3.87471  1.000 102.81276 ? 26  DC  B OP2   1 
ATOM   556 O  "O5'" . DC  B 2 13 ? 10.03304  1.92133   -5.00831  1.000 100.62556 ? 26  DC  B "O5'" 1 
ATOM   557 C  "C5'" . DC  B 2 13 ? 9.08674   2.11024   -6.04889  1.000 100.70856 ? 26  DC  B "C5'" 1 
ATOM   558 C  "C4'" . DC  B 2 13 ? 8.24349   3.34541   -5.80136  1.000 99.35600  ? 26  DC  B "C4'" 1 
ATOM   559 O  "O4'" . DC  B 2 13 ? 7.36157   3.11946   -4.67331  1.000 98.71453  ? 26  DC  B "O4'" 1 
ATOM   560 C  "C3'" . DC  B 2 13 ? 9.02948   4.61553   -5.48538  1.000 98.65976  ? 26  DC  B "C3'" 1 
ATOM   561 O  "O3'" . DC  B 2 13 ? 8.50187   5.69399   -6.24042  1.000 98.53907  ? 26  DC  B "O3'" 1 
ATOM   562 C  "C2'" . DC  B 2 13 ? 8.80653   4.80934   -3.98036  1.000 97.89786  ? 26  DC  B "C2'" 1 
ATOM   563 C  "C1'" . DC  B 2 13 ? 7.41587   4.22539   -3.80310  1.000 97.97613  ? 26  DC  B "C1'" 1 
ATOM   564 N  N1    . DC  B 2 13 ? 7.12203   3.73751   -2.41895  1.000 97.11131  ? 26  DC  B N1    1 
ATOM   565 C  C2    . DC  B 2 13 ? 6.07857   4.31729   -1.67986  1.000 95.74192  ? 26  DC  B C2    1 
ATOM   566 O  O2    . DC  B 2 13 ? 5.42835   5.24346   -2.18010  1.000 95.69786  ? 26  DC  B O2    1 
ATOM   567 N  N3    . DC  B 2 13 ? 5.81853   3.84720   -0.43203  1.000 95.87655  ? 26  DC  B N3    1 
ATOM   568 C  C4    . DC  B 2 13 ? 6.54752   2.84337   0.06780   1.000 95.92088  ? 26  DC  B C4    1 
ATOM   569 N  N4    . DC  B 2 13 ? 6.25893   2.40799   1.29877   1.000 96.05428  ? 26  DC  B N4    1 
ATOM   570 C  C5    . DC  B 2 13 ? 7.60496   2.23815   -0.67405  1.000 96.42934  ? 26  DC  B C5    1 
ATOM   571 C  C6    . DC  B 2 13 ? 7.85170   2.70879   -1.90042  1.000 97.46045  ? 26  DC  B C6    1 
ATOM   572 P  P     . DC  B 2 14 ? 9.42033   6.96470   -6.59263  1.000 101.28214 ? 27  DC  B P     1 
ATOM   573 O  OP1   . DC  B 2 14 ? 9.39219   7.12684   -8.06519  1.000 100.87088 ? 27  DC  B OP1   1 
ATOM   574 O  OP2   . DC  B 2 14 ? 10.72134  6.78126   -5.90908  1.000 97.27818  ? 27  DC  B OP2   1 
ATOM   575 O  "O5'" . DC  B 2 14 ? 8.63461   8.19047   -5.91680  1.000 97.46572  ? 27  DC  B "O5'" 1 
ATOM   576 C  "C5'" . DC  B 2 14 ? 7.45001   7.93733   -5.16510  1.000 95.57980  ? 27  DC  B "C5'" 1 
ATOM   577 C  "C4'" . DC  B 2 14 ? 7.16223   9.05927   -4.18121  1.000 95.02941  ? 27  DC  B "C4'" 1 
ATOM   578 O  "O4'" . DC  B 2 14 ? 6.89347   8.49339   -2.86973  1.000 95.18145  ? 27  DC  B "O4'" 1 
ATOM   579 C  "C3'" . DC  B 2 14 ? 8.30676   10.03967  -3.95461  1.000 95.48940  ? 27  DC  B "C3'" 1 
ATOM   580 O  "O3'" . DC  B 2 14 ? 7.78059   11.27554  -3.51416  1.000 94.36595  ? 27  DC  B "O3'" 1 
ATOM   581 C  "C2'" . DC  B 2 14 ? 9.05942   9.36139   -2.82790  1.000 94.04236  ? 27  DC  B "C2'" 1 
ATOM   582 C  "C1'" . DC  B 2 14 ? 7.88345   8.94257   -1.96409  1.000 94.52608  ? 27  DC  B "C1'" 1 
ATOM   583 N  N1    . DC  B 2 14 ? 8.19389   7.85682   -1.01624  1.000 94.39362  ? 27  DC  B N1    1 
ATOM   584 C  C2    . DC  B 2 14 ? 7.46887   7.76059   0.17123   1.000 94.58327  ? 27  DC  B C2    1 
ATOM   585 O  O2    . DC  B 2 14 ? 6.57851   8.58898   0.39620   1.000 93.32602  ? 27  DC  B O2    1 
ATOM   586 N  N3    . DC  B 2 14 ? 7.76291   6.76267   1.04095   1.000 95.99383  ? 27  DC  B N3    1 
ATOM   587 C  C4    . DC  B 2 14 ? 8.73976   5.89502   0.75329   1.000 95.52443  ? 27  DC  B C4    1 
ATOM   588 N  N4    . DC  B 2 14 ? 8.99796   4.92642   1.63905   1.000 95.52233  ? 27  DC  B N4    1 
ATOM   589 C  C5    . DC  B 2 14 ? 9.49278   5.98481   -0.45551  1.000 94.33834  ? 27  DC  B C5    1 
ATOM   590 C  C6    . DC  B 2 14 ? 9.18873   6.97266   -1.30146  1.000 94.27428  ? 27  DC  B C6    1 
ATOM   591 P  P     . DG  B 2 15 ? 8.05201   12.62105  -4.34157  1.000 94.22641  ? 28  DG  B P     1 
ATOM   592 O  OP1   . DG  B 2 15 ? 7.38054   12.44902  -5.64857  1.000 94.45889  ? 28  DG  B OP1   1 
ATOM   593 O  OP2   . DG  B 2 15 ? 9.50142   12.91511  -4.28306  1.000 93.24765  ? 28  DG  B OP2   1 
ATOM   594 O  "O5'" . DG  B 2 15 ? 7.26837   13.74071  -3.50698  1.000 93.69098  ? 28  DG  B "O5'" 1 
ATOM   595 C  "C5'" . DG  B 2 15 ? 5.85317   13.80538  -3.58141  1.000 91.83468  ? 28  DG  B "C5'" 1 
ATOM   596 C  "C4'" . DG  B 2 15 ? 5.23379   13.88844  -2.19793  1.000 90.71917  ? 28  DG  B "C4'" 1 
ATOM   597 O  "O4'" . DG  B 2 15 ? 5.67250   12.77069  -1.38707  1.000 91.18340  ? 28  DG  B "O4'" 1 
ATOM   598 C  "C3'" . DG  B 2 15 ? 5.57227   15.14850  -1.40921  1.000 91.49799  ? 28  DG  B "C3'" 1 
ATOM   599 O  "O3'" . DG  B 2 15 ? 4.40112   15.64739  -0.82141  1.000 91.86986  ? 28  DG  B "O3'" 1 
ATOM   600 C  "C2'" . DG  B 2 15 ? 6.56362   14.66013  -0.35247  1.000 91.97744  ? 28  DG  B "C2'" 1 
ATOM   601 C  "C1'" . DG  B 2 15 ? 6.10208   13.23197  -0.12664  1.000 90.93159  ? 28  DG  B "C1'" 1 
ATOM   602 N  N9    . DG  B 2 15 ? 7.16654   12.34501  0.32223   1.000 90.30020  ? 28  DG  B N9    1 
ATOM   603 C  C8    . DG  B 2 15 ? 8.34062   12.08675  -0.33606  1.000 90.75136  ? 28  DG  B C8    1 
ATOM   604 N  N7    . DG  B 2 15 ? 9.10649   11.23690  0.28157   1.000 90.51872  ? 28  DG  B N7    1 
ATOM   605 C  C5    . DG  B 2 15 ? 8.39793   10.90412  1.42194   1.000 90.47080  ? 28  DG  B C5    1 
ATOM   606 C  C6    . DG  B 2 15 ? 8.73838   10.02356  2.46732   1.000 91.81269  ? 28  DG  B C6    1 
ATOM   607 O  O6    . DG  B 2 15 ? 9.76541   9.34295   2.59190   1.000 92.99483  ? 28  DG  B O6    1 
ATOM   608 N  N1    . DG  B 2 15 ? 7.74587   9.96518   3.43917   1.000 91.56374  ? 28  DG  B N1    1 
ATOM   609 C  C2    . DG  B 2 15 ? 6.56837   10.66800  3.40750   1.000 91.45610  ? 28  DG  B C2    1 
ATOM   610 N  N2    . DG  B 2 15 ? 5.73608   10.47375  4.44722   1.000 92.47882  ? 28  DG  B N2    1 
ATOM   611 N  N3    . DG  B 2 15 ? 6.23209   11.50737  2.42664   1.000 91.81529  ? 28  DG  B N3    1 
ATOM   612 C  C4    . DG  B 2 15 ? 7.19627   11.57321  1.46827   1.000 90.62677  ? 28  DG  B C4    1 
ATOM   613 P  P     . DC  B 2 16 ? 4.36855   17.13003  -0.21619  1.000 93.27746  ? 29  DC  B P     1 
ATOM   614 O  OP1   . DC  B 2 16 ? 2.95879   17.57939  -0.27609  1.000 92.76337  ? 29  DC  B OP1   1 
ATOM   615 O  OP2   . DC  B 2 16 ? 5.44797   17.91303  -0.85894  1.000 92.52344  ? 29  DC  B OP2   1 
ATOM   616 O  "O5'" . DC  B 2 16 ? 4.74287   16.91299  1.31684   1.000 90.71195  ? 29  DC  B "O5'" 1 
ATOM   617 C  "C5'" . DC  B 2 16 ? 3.88194   16.14863  2.13451   1.000 90.06078  ? 29  DC  B "C5'" 1 
ATOM   618 C  "C4'" . DC  B 2 16 ? 4.54238   15.84408  3.45546   1.000 89.43059  ? 29  DC  B "C4'" 1 
ATOM   619 O  "O4'" . DC  B 2 16 ? 5.62491   14.91960  3.25001   1.000 89.97940  ? 29  DC  B "O4'" 1 
ATOM   620 C  "C3'" . DC  B 2 16 ? 5.14716   17.05766  4.15437   1.000 92.06765  ? 29  DC  B "C3'" 1 
ATOM   621 O  "O3'" . DC  B 2 16 ? 4.48413   17.25912  5.38181   1.000 92.95832  ? 29  DC  B "O3'" 1 
ATOM   622 C  "C2'" . DC  B 2 16 ? 6.63107   16.69630  4.35287   1.000 91.18431  ? 29  DC  B "C2'" 1 
ATOM   623 C  "C1'" . DC  B 2 16 ? 6.63025   15.18622  4.18478   1.000 90.36366  ? 29  DC  B "C1'" 1 
ATOM   624 N  N1    . DC  B 2 16 ? 7.89542   14.63720  3.64270   1.000 90.97403  ? 29  DC  B N1    1 
ATOM   625 C  C2    . DC  B 2 16 ? 8.53327   13.58625  4.30852   1.000 91.36436  ? 29  DC  B C2    1 
ATOM   626 O  O2    . DC  B 2 16 ? 8.03723   13.15244  5.35507   1.000 91.19023  ? 29  DC  B O2    1 
ATOM   627 N  N3    . DC  B 2 16 ? 9.68324   13.08074  3.78910   1.000 91.11625  ? 29  DC  B N3    1 
ATOM   628 C  C4    . DC  B 2 16 ? 10.17890  13.58281  2.65663   1.000 90.05674  ? 29  DC  B C4    1 
ATOM   629 N  N4    . DC  B 2 16 ? 11.31264  13.05747  2.18134   1.000 90.54663  ? 29  DC  B N4    1 
ATOM   630 C  C5    . DC  B 2 16 ? 9.53348   14.64807  1.96012   1.000 89.80970  ? 29  DC  B C5    1 
ATOM   631 C  C6    . DC  B 2 16 ? 8.40404   15.13630  2.48169   1.000 90.50648  ? 29  DC  B C6    1 
ATOM   632 P  P     . DC  B 2 17 ? 4.86437   18.50846  6.31142   1.000 93.84972  ? 30  DC  B P     1 
ATOM   633 O  OP1   . DC  B 2 17 ? 3.62264   19.29246  6.49901   1.000 93.02596  ? 30  DC  B OP1   1 
ATOM   634 O  OP2   . DC  B 2 17 ? 6.06800   19.15518  5.74117   1.000 91.42725  ? 30  DC  B OP2   1 
ATOM   635 O  "O5'" . DC  B 2 17 ? 5.26106   17.81895  7.69766   1.000 91.42374  ? 30  DC  B "O5'" 1 
ATOM   636 C  "C5'" . DC  B 2 17 ? 4.35877   16.90045  8.30284   1.000 91.04754  ? 30  DC  B "C5'" 1 
ATOM   637 C  "C4'" . DC  B 2 17 ? 5.02991   16.14739  9.43383   1.000 91.03613  ? 30  DC  B "C4'" 1 
ATOM   638 O  "O4'" . DC  B 2 17 ? 6.07960   15.30298  8.90048   1.000 92.13187  ? 30  DC  B "O4'" 1 
ATOM   639 C  "C3'" . DC  B 2 17 ? 5.68603   17.02858  10.48674  1.000 92.72620  ? 30  DC  B "C3'" 1 
ATOM   640 O  "O3'" . DC  B 2 17 ? 5.51596   16.45948  11.76997  1.000 93.10718  ? 30  DC  B "O3'" 1 
ATOM   641 C  "C2'" . DC  B 2 17 ? 7.15563   17.04745  10.06986  1.000 92.77233  ? 30  DC  B "C2'" 1 
ATOM   642 C  "C1'" . DC  B 2 17 ? 7.33383   15.66983  9.43867   1.000 91.28548  ? 30  DC  B "C1'" 1 
ATOM   643 N  N1    . DC  B 2 17 ? 8.32012   15.65882  8.32859   1.000 89.76934  ? 30  DC  B N1    1 
ATOM   644 C  C2    . DC  B 2 17 ? 9.34515   14.70626  8.31302   1.000 90.76814  ? 30  DC  B C2    1 
ATOM   645 O  O2    . DC  B 2 17 ? 9.41523   13.88294  9.23231   1.000 91.58632  ? 30  DC  B O2    1 
ATOM   646 N  N3    . DC  B 2 17 ? 10.23205  14.71593  7.28306   1.000 91.08942  ? 30  DC  B N3    1 
ATOM   647 C  C4    . DC  B 2 17 ? 10.11427  15.62358  6.30924   1.000 90.50557  ? 30  DC  B C4    1 
ATOM   648 N  N4    . DC  B 2 17 ? 11.00370  15.59927  5.31280   1.000 91.15267  ? 30  DC  B N4    1 
ATOM   649 C  C5    . DC  B 2 17 ? 9.07522   16.59654  6.31204   1.000 90.77071  ? 30  DC  B C5    1 
ATOM   650 C  C6    . DC  B 2 17 ? 8.20834   16.57609  7.32715   1.000 90.58720  ? 30  DC  B C6    1 
ATOM   651 P  P     . DC  B 2 18 ? 6.01234   17.26526  13.06493  1.000 92.43485  ? 31  DC  B P     1 
ATOM   652 O  OP1   . DC  B 2 18 ? 5.24925   16.77431  14.23352  1.000 93.77268  ? 31  DC  B OP1   1 
ATOM   653 O  OP2   . DC  B 2 18 ? 5.98530   18.70148  12.70876  1.000 92.11980  ? 31  DC  B OP2   1 
ATOM   654 O  "O5'" . DC  B 2 18 ? 7.53626   16.81586  13.22845  1.000 93.68818  ? 31  DC  B "O5'" 1 
ATOM   655 C  "C5'" . DC  B 2 18 ? 7.83999   15.49220  13.64160  1.000 94.47338  ? 31  DC  B "C5'" 1 
ATOM   656 C  "C4'" . DC  B 2 18 ? 9.33854   15.25836  13.63909  1.000 95.96573  ? 31  DC  B "C4'" 1 
ATOM   657 O  "O4'" . DC  B 2 18 ? 9.79890   15.18576  12.28413  1.000 94.86984  ? 31  DC  B "O4'" 1 
ATOM   658 C  "C3'" . DC  B 2 18 ? 10.16315  16.37554  14.26445  1.000 97.59802  ? 31  DC  B "C3'" 1 
ATOM   659 O  "O3'" . DC  B 2 18 ? 10.38406  16.10821  15.64952  1.000 99.74377  ? 31  DC  B "O3'" 1 
ATOM   660 C  "C2'" . DC  B 2 18 ? 11.48100  16.35603  13.46521  1.000 98.18670  ? 31  DC  B "C2'" 1 
ATOM   661 C  "C1'" . DC  B 2 18 ? 11.17617  15.45005  12.26415  1.000 96.45028  ? 31  DC  B "C1'" 1 
ATOM   662 N  N1    . DC  B 2 18 ? 11.50848  16.05615  10.95557  1.000 95.53468  ? 31  DC  B N1    1 
ATOM   663 C  C2    . DC  B 2 18 ? 12.59366  15.56651  10.22969  1.000 96.30359  ? 31  DC  B C2    1 
ATOM   664 O  O2    . DC  B 2 18 ? 13.25903  14.64002  10.70533  1.000 97.70525  ? 31  DC  B O2    1 
ATOM   665 N  N3    . DC  B 2 18 ? 12.88425  16.12305  9.02931   1.000 95.77677  ? 31  DC  B N3    1 
ATOM   666 C  C4    . DC  B 2 18 ? 12.13476  17.12256  8.56032   1.000 94.56282  ? 31  DC  B C4    1 
ATOM   667 N  N4    . DC  B 2 18 ? 12.45592  17.64437  7.37141   1.000 94.41912  ? 31  DC  B N4    1 
ATOM   668 C  C5    . DC  B 2 18 ? 11.01970  17.63121  9.28776   1.000 93.73837  ? 31  DC  B C5    1 
ATOM   669 C  C6    . DC  B 2 18 ? 10.74466  17.07173  10.46789  1.000 94.24167  ? 31  DC  B C6    1 
HETATM 670 N  N9    . ADE C 3 .  ? -1.93415  -7.25881  -0.65766  1.000 110.17348 ? 101 ADE A N9    1 
HETATM 671 C  C8    . ADE C 3 .  ? -0.95564  -7.50464  -1.56240  1.000 104.87745 ? 101 ADE A C8    1 
HETATM 672 N  N7    . ADE C 3 .  ? -1.17604  -6.96792  -2.74706  1.000 100.63836 ? 101 ADE A N7    1 
HETATM 673 C  C5    . ADE C 3 .  ? -2.38934  -6.32159  -2.59072  1.000 103.23032 ? 101 ADE A C5    1 
HETATM 674 C  C6    . ADE C 3 .  ? -3.18430  -5.55223  -3.46451  1.000 101.41368 ? 101 ADE A C6    1 
HETATM 675 N  N6    . ADE C 3 .  ? -2.85633  -5.29850  -4.73440  1.000 97.42472  ? 101 ADE A N6    1 
HETATM 676 N  N1    . ADE C 3 .  ? -4.34230  -5.04998  -2.98770  1.000 105.20514 ? 101 ADE A N1    1 
HETATM 677 C  C2    . ADE C 3 .  ? -4.67923  -5.30039  -1.72001  1.000 110.60493 ? 101 ADE A C2    1 
HETATM 678 N  N3    . ADE C 3 .  ? -4.01258  -6.01045  -0.80565  1.000 113.09318 ? 101 ADE A N3    1 
HETATM 679 C  C4    . ADE C 3 .  ? -2.86755  -6.49563  -1.30053  1.000 109.07332 ? 101 ADE A C4    1 
HETATM 680 H  HN9   . ADE C 3 .  ? -1.96205  -7.52918  0.15826   1.000 129.73664 ? 101 ADE A HN9   1 
HETATM 681 H  H8    . ADE C 3 .  ? -0.19754  -8.00622  -1.36593  1.000 123.38140 ? 101 ADE A H8    1 
HETATM 682 H  HN61  . ADE C 3 .  ? -3.46444  -5.31058  -5.34398  1.000 117.40398 ? 101 ADE A HN61  1 
HETATM 683 H  HN62  . ADE C 3 .  ? -2.04195  -5.12706  -4.94505  1.000 117.40398 ? 101 ADE A HN62  1 
HETATM 684 H  H2    . ADE C 3 .  ? -5.48447  -4.93171  -1.43615  1.000 130.25439 ? 101 ADE A H2    1 
HETATM 685 NA NA    . NA  D 4 .  ? 3.40253   0.76800   3.40505   1.000 78.82630  ? 102 NA  A NA    1 
# 
loop_
_atom_site_anisotrop.id 
_atom_site_anisotrop.type_symbol 
_atom_site_anisotrop.pdbx_label_atom_id 
_atom_site_anisotrop.pdbx_label_alt_id 
_atom_site_anisotrop.pdbx_label_comp_id 
_atom_site_anisotrop.pdbx_label_asym_id 
_atom_site_anisotrop.pdbx_label_seq_id 
_atom_site_anisotrop.pdbx_PDB_ins_code 
_atom_site_anisotrop.U[1][1] 
_atom_site_anisotrop.U[2][2] 
_atom_site_anisotrop.U[3][3] 
_atom_site_anisotrop.U[1][2] 
_atom_site_anisotrop.U[1][3] 
_atom_site_anisotrop.U[2][3] 
_atom_site_anisotrop.pdbx_auth_seq_id 
_atom_site_anisotrop.pdbx_auth_comp_id 
_atom_site_anisotrop.pdbx_auth_asym_id 
_atom_site_anisotrop.pdbx_auth_atom_id 
1   O "O5'" . DG  A 1  ? 1.01237 1.19742 1.23468 0.00129  -0.02865 0.05369  -1  DG  A "O5'" 
2   C "C5'" . DG  A 1  ? 0.99078 1.19510 1.23334 0.00382  -0.03957 0.07406  -1  DG  A "C5'" 
3   C "C4'" . DG  A 1  ? 0.99546 1.18291 1.24694 0.00069  -0.05143 0.10155  -1  DG  A "C4'" 
4   O "O4'" . DG  A 1  ? 1.01456 1.19064 1.22049 -0.01850 -0.05055 0.10939  -1  DG  A "O4'" 
5   C "C3'" . DG  A 1  ? 1.01550 1.17559 1.30089 0.01215  -0.05183 0.09882  -1  DG  A "C3'" 
6   O "O3'" . DG  A 1  ? 1.01197 1.16335 1.31757 0.01124  -0.06809 0.12874  -1  DG  A "O3'" 
7   C "C2'" . DG  A 1  ? 1.01232 1.15038 1.26126 0.00093  -0.04246 0.08796  -1  DG  A "C2'" 
8   C "C1'" . DG  A 1  ? 1.03298 1.18065 1.23847 -0.01898 -0.04661 0.10347  -1  DG  A "C1'" 
9   N N9    . DG  A 1  ? 1.02581 1.16764 1.19236 -0.02892 -0.03654 0.08598  -1  DG  A N9    
10  C C8    . DG  A 1  ? 1.04260 1.18902 1.19693 -0.02484 -0.02736 0.06255  -1  DG  A C8    
11  N N7    . DG  A 1  ? 1.05934 1.19672 1.18160 -0.03446 -0.02279 0.05254  -1  DG  A N7    
12  C C5    . DG  A 1  ? 1.06190 1.19174 1.17449 -0.04657 -0.02697 0.06726  -1  DG  A C5    
13  C C6    . DG  A 1  ? 1.06865 1.19147 1.15336 -0.06058 -0.02405 0.06151  -1  DG  A C6    
14  O O6    . DG  A 1  ? 1.07566 1.19455 1.14113 -0.06209 -0.01861 0.04279  -1  DG  A O6    
15  N N1    . DG  A 1  ? 1.06250 1.18431 1.14458 -0.07478 -0.02934 0.07949  -1  DG  A N1    
16  C C2    . DG  A 1  ? 1.04692 1.17019 1.14983 -0.07496 -0.03910 0.10403  -1  DG  A C2    
17  N N2    . DG  A 1  ? 1.05660 1.17855 1.14955 -0.09410 -0.04511 0.12141  -1  DG  A N2    
18  N N3    . DG  A 1  ? 1.04353 1.17069 1.17671 -0.05858 -0.04367 0.11053  -1  DG  A N3    
19  C C4    . DG  A 1  ? 1.03686 1.16889 1.17355 -0.04513 -0.03589 0.08947  -1  DG  A C4    
20  P P     . DG  A 2  ? 0.99741 1.11382 1.33331 0.01826  -0.07308 0.13437  0   DG  A P     
21  O OP1   . DG  A 2  ? 0.96539 1.08129 1.34013 0.02502  -0.09336 0.16293  0   DG  A OP1   
22  O OP2   . DG  A 2  ? 1.00051 1.10813 1.35642 0.03247  -0.05767 0.10123  0   DG  A OP2   
23  O "O5'" . DG  A 2  ? 1.02702 1.12411 1.31631 -0.00506 -0.07251 0.14507  0   DG  A "O5'" 
24  C "C5'" . DG  A 2  ? 1.02454 1.12905 1.28910 -0.02547 -0.08536 0.17507  0   DG  A "C5'" 
25  C "C4'" . DG  A 2  ? 1.06910 1.14923 1.31146 -0.04493 -0.08830 0.18631  0   DG  A "C4'" 
26  O "O4'" . DG  A 2  ? 1.07832 1.16086 1.27839 -0.05827 -0.07297 0.16512  0   DG  A "O4'" 
27  C "C3'" . DG  A 2  ? 1.05934 1.10580 1.33064 -0.03496 -0.08927 0.18256  0   DG  A "C3'" 
28  O "O3'" . DG  A 2  ? 1.09043 1.11935 1.34449 -0.05746 -0.10058 0.20683  0   DG  A "O3'" 
29  C "C2'" . DG  A 2  ? 1.04898 1.09063 1.30398 -0.03060 -0.06809 0.14651  0   DG  A "C2'" 
30  C "C1'" . DG  A 2  ? 1.06542 1.12385 1.27032 -0.05260 -0.06297 0.14505  0   DG  A "C1'" 
31  N N9    . DG  A 2  ? 1.05963 1.12683 1.24613 -0.04740 -0.04670 0.11428  0   DG  A N9    
32  C C8    . DG  A 2  ? 1.06295 1.13955 1.26495 -0.02913 -0.03903 0.09469  0   DG  A C8    
33  N N7    . DG  A 2  ? 1.06969 1.15110 1.24680 -0.03111 -0.02795 0.07240  0   DG  A N7    
34  C C5    . DG  A 2  ? 1.07125 1.14739 1.21855 -0.04929 -0.02733 0.07477  0   DG  A C5    
35  C C6    . DG  A 2  ? 1.07970 1.15796 1.19788 -0.05709 -0.01895 0.05537  0   DG  A C6    
36  O O6    . DG  A 2  ? 1.08597 1.16786 1.19677 -0.04948 -0.01224 0.03521  0   DG  A O6    
37  N N1    . DG  A 2  ? 1.09233 1.16911 1.19018 -0.07693 -0.02016 0.06088  0   DG  A N1    
38  C C2    . DG  A 2  ? 1.08866 1.16170 1.18870 -0.09107 -0.02917 0.08497  0   DG  A C2    
39  N N2    . DG  A 2  ? 1.10047 1.17718 1.17633 -0.11426 -0.02809 0.08480  0   DG  A N2    
40  N N3    . DG  A 2  ? 1.08288 1.15015 1.20851 -0.08412 -0.03970 0.10743  0   DG  A N3    
41  C C4    . DG  A 2  ? 1.07307 1.14249 1.22370 -0.06142 -0.03775 0.09960  0   DG  A C4    
42  P P     . DG  A 3  ? 1.15078 1.14198 1.43760 -0.05327 -0.11356 0.22257  1   DG  A P     
43  O OP1   . DG  A 3  ? 1.14168 1.13134 1.42562 -0.07203 -0.13804 0.26487  1   DG  A OP1   
44  O OP2   . DG  A 3  ? 1.12813 1.11016 1.46638 -0.02131 -0.10878 0.20325  1   DG  A OP2   
45  O "O5'" . DG  A 3  ? 1.14172 1.11351 1.39551 -0.07069 -0.10075 0.20665  1   DG  A "O5'" 
46  C "C5'" . DG  A 3  ? 1.15215 1.13797 1.35633 -0.10114 -0.09806 0.21083  1   DG  A "C5'" 
47  C "C4'" . DG  A 3  ? 1.15238 1.13563 1.33170 -0.10562 -0.07744 0.17733  1   DG  A "C4'" 
48  O "O4'" . DG  A 3  ? 1.12676 1.12806 1.30776 -0.08619 -0.06179 0.14790  1   DG  A "O4'" 
49  C "C3'" . DG  A 3  ? 1.14964 1.09968 1.34545 -0.09945 -0.07284 0.16637  1   DG  A "C3'" 
50  O "O3'" . DG  A 3  ? 1.18370 1.13213 1.34312 -0.12446 -0.06533 0.15721  1   DG  A "O3'" 
51  C "C2'" . DG  A 3  ? 1.13536 1.08968 1.35194 -0.07146 -0.05587 0.13283  1   DG  A "C2'" 
52  C "C1'" . DG  A 3  ? 1.13619 1.12256 1.32158 -0.07700 -0.04743 0.12017  1   DG  A "C1'" 
53  N N9    . DG  A 3  ? 1.09906 1.09826 1.29508 -0.05553 -0.03498 0.09388  1   DG  A N9    
54  C C8    . DG  A 3  ? 1.07577 1.07596 1.30853 -0.03233 -0.03451 0.08818  1   DG  A C8    
55  N N7    . DG  A 3  ? 1.05945 1.07447 1.28817 -0.02220 -0.02222 0.06296  1   DG  A N7    
56  C C5    . DG  A 3  ? 1.07983 1.10076 1.26973 -0.03672 -0.01565 0.05249  1   DG  A C5    
57  C C6    . DG  A 3  ? 1.08981 1.12332 1.26005 -0.03457 -0.00529 0.02854  1   DG  A C6    
58  O O6    . DG  A 3  ? 1.09045 1.13299 1.26900 -0.02213 0.00046  0.01282  1   DG  A O6    
59  N N1    . DG  A 3  ? 1.10163 1.13781 1.24032 -0.05056 -0.00291 0.02316  1   DG  A N1    
60  C C2    . DG  A 3  ? 1.11691 1.14842 1.24182 -0.06956 -0.00781 0.03712  1   DG  A C2    
61  N N2    . DG  A 3  ? 1.12726 1.16762 1.22529 -0.08406 -0.00305 0.02440  1   DG  A N2    
62  N N3    . DG  A 3  ? 1.11823 1.13817 1.25592 -0.07541 -0.01781 0.06161  1   DG  A N3    
63  C C4    . DG  A 3  ? 1.09846 1.11177 1.26976 -0.05678 -0.02211 0.06892  1   DG  A C4    
64  P P     . DC  A 4  ? 1.23530 1.15067 1.39172 -0.14225 -0.07188 0.16886  2   DC  A P     
65  O OP1   . DC  A 4  ? 1.24468 1.15203 1.39958 -0.16159 -0.09589 0.21077  2   DC  A OP1   
66  O OP2   . DC  A 4  ? 1.19808 1.08676 1.38826 -0.11793 -0.06397 0.15112  2   DC  A OP2   
67  O "O5'" . DC  A 4  ? 1.19671 1.12859 1.30819 -0.16931 -0.05800 0.14782  2   DC  A "O5'" 
68  C "C5'" . DC  A 4  ? 1.19782 1.16503 1.27953 -0.18553 -0.05456 0.14358  2   DC  A "C5'" 
69  C "C4'" . DC  A 4  ? 1.20117 1.18649 1.26460 -0.18523 -0.03438 0.10447  2   DC  A "C4'" 
70  O "O4'" . DC  A 4  ? 1.18565 1.17671 1.26846 -0.15316 -0.02487 0.08363  2   DC  A "O4'" 
71  C "C3'" . DC  A 4  ? 1.19298 1.16245 1.25023 -0.19285 -0.02502 0.08627  2   DC  A "C3'" 
72  O "O3'" . DC  A 4  ? 1.17419 1.17003 1.20350 -0.21106 -0.01340 0.06119  2   DC  A "O3'" 
73  C "C2'" . DC  A 4  ? 1.20212 1.15814 1.28899 -0.15847 -0.01511 0.06603  2   DC  A "C2'" 
74  C "C1'" . DC  A 4  ? 1.17494 1.15595 1.26398 -0.14172 -0.01141 0.05588  2   DC  A "C1'" 
75  N N1    . DC  A 4  ? 1.16390 1.13744 1.28407 -0.11008 -0.00789 0.04772  2   DC  A N1    
76  C C2    . DC  A 4  ? 1.15678 1.14438 1.27617 -0.09481 0.00422  0.01954  2   DC  A C2    
77  O O2    . DC  A 4  ? 1.16398 1.16761 1.26078 -0.10423 0.01093  0.00149  2   DC  A O2    
78  N N3    . DC  A 4  ? 1.14541 1.12987 1.29053 -0.07119 0.00737  0.01224  2   DC  A N3    
79  C C4    . DC  A 4  ? 1.13626 1.10620 1.31126 -0.06032 0.00028  0.02829  2   DC  A C4    
80  N N4    . DC  A 4  ? 1.13044 1.10322 1.33160 -0.03936 0.00535  0.01610  2   DC  A N4    
81  C C5    . DC  A 4  ? 1.15438 1.10750 1.33523 -0.07173 -0.01345 0.05719  2   DC  A C5    
82  C C6    . DC  A 4  ? 1.16831 1.12311 1.31897 -0.09762 -0.01769 0.06761  2   DC  A C6    
83  P P     . DG  A 5  ? 1.26301 1.25592 1.27074 -0.23815 -0.00688 0.04809  3   DG  A P     
84  O OP1   . DG  A 5  ? 1.25668 1.26666 1.23475 -0.27808 -0.01501 0.06466  3   DG  A OP1   
85  O OP2   . DG  A 5  ? 1.23368 1.18984 1.25967 -0.22710 -0.00767 0.05286  3   DG  A OP2   
86  O "O5'" . DG  A 5  ? 1.22403 1.24279 1.22677 -0.22909 0.01109  0.00527  3   DG  A "O5'" 
87  C "C5'" . DG  A 5  ? 1.19162 1.22227 1.20843 -0.20142 0.01523  -0.00812 3   DG  A "C5'" 
88  C "C4'" . DG  A 5  ? 1.20118 1.23346 1.22759 -0.18200 0.02816  -0.04082 3   DG  A "C4'" 
89  O "O4'" . DG  A 5  ? 1.19136 1.20451 1.24334 -0.15205 0.02796  -0.03719 3   DG  A "O4'" 
90  C "C3'" . DG  A 5  ? 1.19060 1.21608 1.20959 -0.19566 0.03594  -0.05512 3   DG  A "C3'" 
91  O "O3'" . DG  A 5  ? 1.17598 1.21866 1.19752 -0.18445 0.04721  -0.08889 3   DG  A "O3'" 
92  C "C2'" . DG  A 5  ? 1.17987 1.16992 1.21958 -0.18069 0.03303  -0.03914 3   DG  A "C2'" 
93  C "C1'" . DG  A 5  ? 1.17078 1.16303 1.23237 -0.14900 0.03373  -0.04341 3   DG  A "C1'" 
94  N N9    . DG  A 5  ? 1.16505 1.13195 1.25282 -0.13174 0.02788  -0.02452 3   DG  A N9    
95  C C8    . DG  A 5  ? 1.17666 1.11877 1.27308 -0.13934 0.01680  0.00350  3   DG  A C8    
96  N N7    . DG  A 5  ? 1.17447 1.09959 1.30250 -0.11723 0.01356  0.01162  3   DG  A N7    
97  C C5    . DG  A 5  ? 1.16252 1.10414 1.29897 -0.09684 0.02415  -0.01237 3   DG  A C5    
98  C C6    . DG  A 5  ? 1.15464 1.09398 1.32085 -0.07217 0.02733  -0.01896 3   DG  A C6    
99  O O6    . DG  A 5  ? 1.15837 1.08113 1.35510 -0.06023 0.02217  -0.00724 3   DG  A O6    
100 N N1    . DG  A 5  ? 1.14024 1.10080 1.30009 -0.06248 0.03682  -0.04289 3   DG  A N1    
101 C C2    . DG  A 5  ? 1.13872 1.11768 1.27190 -0.07173 0.04113  -0.05825 3   DG  A C2    
102 N N2    . DG  A 5  ? 1.14470 1.13934 1.27697 -0.06021 0.04663  -0.07758 3   DG  A N2    
103 N N3    . DG  A 5  ? 1.12674 1.10981 1.23716 -0.09211 0.03934  -0.05568 3   DG  A N3    
104 C C4    . DG  A 5  ? 1.14953 1.11447 1.26091 -0.10524 0.03154  -0.03257 3   DG  A C4    
105 P P     . DG  A 6  ? 1.22582 1.27342 1.23860 -0.19786 0.05810  -0.11322 4   DG  A P     
106 O OP1   . DG  A 6  ? 1.20175 1.28422 1.19705 -0.21993 0.06148  -0.13290 4   DG  A OP1   
107 O OP2   . DG  A 6  ? 1.19335 1.21014 1.20449 -0.20909 0.05627  -0.09496 4   DG  A OP2   
108 O "O5'" . DG  A 6  ? 1.14664 1.19621 1.17793 -0.16893 0.06596  -0.13681 4   DG  A "O5'" 
109 C "C5'" . DG  A 6  ? 1.12282 1.19102 1.16139 -0.15132 0.06450  -0.14998 4   DG  A "C5'" 
110 C "C4'" . DG  A 6  ? 1.08517 1.14565 1.14129 -0.12538 0.06751  -0.15904 4   DG  A "C4'" 
111 O "O4'" . DG  A 6  ? 1.07356 1.10889 1.14257 -0.11376 0.06417  -0.13650 4   DG  A "O4'" 
112 C "C3'" . DG  A 6  ? 1.09831 1.16127 1.15635 -0.12652 0.07774  -0.18056 4   DG  A "C3'" 
113 O "O3'" . DG  A 6  ? 1.09507 1.17218 1.16279 -0.10848 0.07833  -0.19942 4   DG  A "O3'" 
114 C "C2'" . DG  A 6  ? 1.12393 1.15668 1.19128 -0.12393 0.08076  -0.16492 4   DG  A "C2'" 
115 C "C1'" . DG  A 6  ? 1.12068 1.14203 1.20087 -0.10767 0.07227  -0.14399 4   DG  A "C1'" 
116 N N9    . DG  A 6  ? 1.12126 1.11467 1.21263 -0.10813 0.06899  -0.12046 4   DG  A N9    
117 C C8    . DG  A 6  ? 1.12947 1.10769 1.21228 -0.12676 0.06321  -0.10051 4   DG  A C8    
118 N N7    . DG  A 6  ? 1.11413 1.06603 1.21547 -0.12005 0.05800  -0.08040 4   DG  A N7    
119 C C5    . DG  A 6  ? 1.12043 1.07372 1.24414 -0.09628 0.06280  -0.09048 4   DG  A C5    
120 C C6    . DG  A 6  ? 1.13113 1.06649 1.28509 -0.07987 0.06153  -0.08191 4   DG  A C6    
121 O O6    . DG  A 6  ? 1.14785 1.05887 1.31831 -0.08018 0.05405  -0.06187 4   DG  A O6    
122 N N1    . DG  A 6  ? 1.12131 1.07086 1.28819 -0.06273 0.06892  -0.09992 4   DG  A N1    
123 C C2    . DG  A 6  ? 1.11423 1.08801 1.26577 -0.06116 0.07394  -0.11958 4   DG  A C2    
124 N N2    . DG  A 6  ? 1.12538 1.10990 1.28942 -0.04773 0.07869  -0.13239 4   DG  A N2    
125 N N3    . DG  A 6  ? 1.10677 1.09467 1.23402 -0.07307 0.07340  -0.12693 4   DG  A N3    
126 C C4    . DG  A 6  ? 1.11434 1.09264 1.22939 -0.09039 0.06904  -0.11339 4   DG  A C4    
127 P P     . DT  A 7  ? 1.06632 1.15109 1.13857 -0.10620 0.08791  -0.22245 5   DT  A P     
128 O OP1   . DT  A 7  ? 1.03776 1.14086 1.11821 -0.09022 0.08304  -0.23814 5   DT  A OP1   
129 O OP2   . DT  A 7  ? 1.06779 1.16062 1.12710 -0.12861 0.09531  -0.23357 5   DT  A OP2   
130 O "O5'" . DT  A 7  ? 1.08805 1.14728 1.17159 -0.09793 0.09271  -0.21014 5   DT  A "O5'" 
131 C "C5'" . DT  A 7  ? 1.05758 1.11105 1.15313 -0.08038 0.08769  -0.20089 5   DT  A "C5'" 
132 C "C4'" . DT  A 7  ? 1.08508 1.12294 1.19500 -0.07532 0.09621  -0.20038 5   DT  A "C4'" 
133 O "O4'" . DT  A 7  ? 1.10671 1.11916 1.22446 -0.07799 0.09516  -0.17983 5   DT  A "O4'" 
134 C "C3'" . DT  A 7  ? 1.10206 1.14318 1.21092 -0.08390 0.10884  -0.21982 5   DT  A "C3'" 
135 O "O3'" . DT  A 7  ? 1.09998 1.14527 1.22128 -0.07522 0.11497  -0.22970 5   DT  A "O3'" 
136 C "C2'" . DT  A 7  ? 1.10751 1.12176 1.21726 -0.09578 0.11341  -0.20799 5   DT  A "C2'" 
137 C "C1'" . DT  A 7  ? 1.10186 1.09835 1.22710 -0.08432 0.10579  -0.18587 5   DT  A "C1'" 
138 N N1    . DT  A 7  ? 1.09906 1.06823 1.22647 -0.09320 0.10111  -0.16417 5   DT  A N1    
139 C C2    . DT  A 7  ? 1.11512 1.06221 1.26730 -0.08277 0.09920  -0.15081 5   DT  A C2    
140 O O2    . DT  A 7  ? 1.11942 1.07123 1.29123 -0.06811 0.10346  -0.15871 5   DT  A O2    
141 N N3    . DT  A 7  ? 1.11606 1.03688 1.27058 -0.09150 0.09118  -0.12830 5   DT  A N3    
142 C C4    . DT  A 7  ? 1.11982 1.03550 1.25022 -0.11299 0.08548  -0.11724 5   DT  A C4    
143 O O4    . DT  A 7  ? 1.14133 1.03175 1.27389 -0.12225 0.07585  -0.09384 5   DT  A O4    
144 C C5    . DT  A 7  ? 1.11691 1.06072 1.22074 -0.12513 0.09047  -0.13554 5   DT  A C5    
145 C C7    . DT  A 7  ? 1.13333 1.08059 1.20954 -0.15230 0.08663  -0.12973 5   DT  A C7    
146 C C6    . DT  A 7  ? 1.10742 1.07577 1.21343 -0.11288 0.09756  -0.15813 5   DT  A C6    
147 P P     . DG  A 8  ? 1.14156 1.21210 1.25852 -0.07740 0.12060  -0.25386 6   DG  A P     
148 O OP1   . DG  A 8  ? 1.11399 1.20242 1.22974 -0.06656 0.10842  -0.25422 6   DG  A OP1   
149 O OP2   . DG  A 8  ? 1.11692 1.19435 1.22161 -0.09122 0.12577  -0.26549 6   DG  A OP2   
150 O "O5'" . DG  A 8  ? 1.09860 1.16288 1.22961 -0.07811 0.13411  -0.26203 6   DG  A "O5'" 
151 C "C5'" . DG  A 8  ? 1.10001 1.15984 1.24581 -0.06873 0.13304  -0.25510 6   DG  A "C5'" 
152 C "C4'" . DG  A 8  ? 1.11244 1.15218 1.27799 -0.07097 0.14633  -0.25741 6   DG  A "C4'" 
153 O "O4'" . DG  A 8  ? 1.10446 1.11591 1.27522 -0.07024 0.14189  -0.23893 6   DG  A "O4'" 
154 C "C3'" . DG  A 8  ? 1.11175 1.15278 1.27706 -0.08325 0.16242  -0.27711 6   DG  A "C3'" 
155 O "O3'" . DG  A 8  ? 1.11439 1.15966 1.29888 -0.08350 0.17485  -0.29056 6   DG  A "O3'" 
156 C "C2'" . DG  A 8  ? 1.12004 1.13015 1.28549 -0.09014 0.16466  -0.26759 6   DG  A "C2'" 
157 C "C1'" . DG  A 8  ? 1.11240 1.10297 1.29201 -0.07874 0.15352  -0.24484 6   DG  A "C1'" 
158 N N9    . DG  A 8  ? 1.10002 1.06556 1.27229 -0.08526 0.14590  -0.22592 6   DG  A N9    
159 C C8    . DG  A 8  ? 1.11933 1.09049 1.26557 -0.09736 0.14040  -0.22208 6   DG  A C8    
160 N N7    . DG  A 8  ? 1.12661 1.07310 1.26897 -0.10587 0.13354  -0.20292 6   DG  A N7    
161 C C5    . DG  A 8  ? 1.12584 1.04617 1.29649 -0.09579 0.13302  -0.19235 6   DG  A C5    
162 C C6    . DG  A 8  ? 1.14550 1.03128 1.32810 -0.09792 0.12386  -0.16884 6   DG  A C6    
163 O O6    . DG  A 8  ? 1.15973 1.03090 1.32516 -0.11264 0.11404  -0.15022 6   DG  A O6    
164 N N1    . DG  A 8  ? 1.15225 1.02182 1.37194 -0.08226 0.12579  -0.16823 6   DG  A N1    
165 C C2    . DG  A 8  ? 1.14897 1.03682 1.38869 -0.06966 0.13721  -0.18957 6   DG  A C2    
166 N N2    . DG  A 8  ? 1.16105 1.03371 1.44000 -0.05662 0.13885  -0.19006 6   DG  A N2    
167 N N3    . DG  A 8  ? 1.12919 1.04969 1.35299 -0.07106 0.14548  -0.20949 6   DG  A N3    
168 C C4    . DG  A 8  ? 1.11551 1.04891 1.30619 -0.08280 0.14186  -0.20866 6   DG  A C4    
169 P P     . DG  A 9  ? 1.19811 1.24244 1.38770 -0.09705 0.19478  -0.31267 7   DG  A P     
170 O OP1   . DG  A 9  ? 1.15239 1.22260 1.35162 -0.10047 0.20439  -0.33054 7   DG  A OP1   
171 O OP2   . DG  A 9  ? 1.16749 1.21686 1.33326 -0.10762 0.19483  -0.31689 7   DG  A OP2   
172 O "O5'" . DG  A 9  ? 1.13276 1.13838 1.34738 -0.09474 0.20118  -0.30680 7   DG  A "O5'" 
173 C "C5'" . DG  A 9  ? 1.11265 1.11080 1.35670 -0.08289 0.20040  -0.30297 7   DG  A "C5'" 
174 C "C4'" . DG  A 9  ? 1.11958 1.07719 1.38925 -0.07930 0.20200  -0.29479 7   DG  A "C4'" 
175 O "O4'" . DG  A 9  ? 1.12427 1.05935 1.37687 -0.07969 0.18677  -0.26933 7   DG  A "O4'" 
176 C "C3'" . DG  A 9  ? 1.13947 1.07999 1.41941 -0.09122 0.21986  -0.31379 7   DG  A "C3'" 
177 O "O3'" . DG  A 9  ? 1.16022 1.08431 1.48346 -0.08321 0.22801  -0.32326 7   DG  A "O3'" 
178 C "C2'" . DG  A 9  ? 1.14387 1.05211 1.40486 -0.09952 0.21182  -0.29579 7   DG  A "C2'" 
179 C "C1'" . DG  A 9  ? 1.14470 1.04360 1.40591 -0.08731 0.19095  -0.26667 7   DG  A "C1'" 
180 N N9    . DG  A 9  ? 1.16174 1.04698 1.39344 -0.09767 0.17877  -0.24655 7   DG  A N9    
181 C C8    . DG  A 9  ? 1.16339 1.07284 1.35931 -0.10809 0.17617  -0.24860 7   DG  A C8    
182 N N7    . DG  A 9  ? 1.17318 1.06708 1.34914 -0.11938 0.16595  -0.23083 7   DG  A N7    
183 C C5    . DG  A 9  ? 1.18505 1.03914 1.38320 -0.11623 0.15927  -0.21221 7   DG  A C5    
184 C C6    . DG  A 9  ? 1.21237 1.03495 1.40148 -0.12751 0.14534  -0.18579 7   DG  A C6    
185 O O6    . DG  A 9  ? 1.22904 1.05575 1.38593 -0.14524 0.13795  -0.17530 7   DG  A O6    
186 N N1    . DG  A 9  ? 1.22792 1.01283 1.45167 -0.11779 0.13911  -0.17160 7   DG  A N1    
187 C C2    . DG  A 9  ? 1.20984 0.99124 1.47471 -0.09905 0.14758  -0.18560 7   DG  A C2    
188 N N2    . DG  A 9  ? 1.21839 0.96203 1.51935 -0.08995 0.13877  -0.17106 7   DG  A N2    
189 N N3    . DG  A 9  ? 1.18132 0.99550 1.45285 -0.09133 0.16291  -0.21272 7   DG  A N3    
190 C C4    . DG  A 9  ? 1.17876 1.02669 1.41420 -0.10089 0.16692  -0.22257 7   DG  A C4    
191 P P     . DT  A 10 ? 1.17076 1.10080 1.51499 -0.09378 0.25295  -0.35752 8   DT  A P     
192 O OP1   . DT  A 10 ? 1.12115 1.05680 1.51111 -0.08243 0.25924  -0.37128 8   DT  A OP1   
193 O OP2   . DT  A 10 ? 1.15388 1.12159 1.46423 -0.10905 0.26158  -0.37262 8   DT  A OP2   
194 O "O5'" . DT  A 10 ? 1.15254 1.03483 1.50205 -0.10128 0.25646  -0.35396 8   DT  A "O5'" 
195 C "C5'" . DT  A 10 ? 1.17399 1.01192 1.54727 -0.08993 0.24213  -0.33127 8   DT  A "C5'" 
196 C "C4'" . DT  A 10 ? 1.19628 0.99345 1.55115 -0.10435 0.23947  -0.31980 8   DT  A "C4'" 
197 O "O4'" . DT  A 10 ? 1.18403 1.00198 1.48685 -0.11945 0.23631  -0.31350 8   DT  A "O4'" 
198 C "C3'" . DT  A 10 ? 1.24407 1.02219 1.61476 -0.11663 0.26030  -0.34596 8   DT  A "C3'" 
199 O "O3'" . DT  A 10 ? 1.31576 1.03784 1.69273 -0.12143 0.25092  -0.32806 8   DT  A "O3'" 
200 C "C2'" . DT  A 10 ? 1.23748 1.04971 1.56296 -0.13693 0.27309  -0.36159 8   DT  A "C2'" 
201 C "C1'" . DT  A 10 ? 1.21584 1.03107 1.50141 -0.13949 0.25294  -0.33287 8   DT  A "C1'" 
202 N N1    . DT  A 10 ? 1.19452 1.05620 1.44039 -0.15018 0.25728  -0.34320 8   DT  A N1    
203 C C2    . DT  A 10 ? 1.20435 1.06460 1.41274 -0.16918 0.25673  -0.34051 8   DT  A C2    
204 O O2    . DT  A 10 ? 1.23137 1.05327 1.43213 -0.18086 0.25293  -0.32863 8   DT  A O2    
205 N N3    . DT  A 10 ? 1.17749 1.08387 1.35811 -0.17523 0.25959  -0.35240 8   DT  A N3    
206 C C4    . DT  A 10 ? 1.15528 1.10404 1.33976 -0.16530 0.26087  -0.36324 8   DT  A C4    
207 O O4    . DT  A 10 ? 1.15092 1.13716 1.31222 -0.17075 0.26043  -0.37193 8   DT  A O4    
208 C C5    . DT  A 10 ? 1.15815 1.10488 1.37693 -0.14906 0.26140  -0.36381 8   DT  A C5    
209 C C7    . DT  A 10 ? 1.14361 1.13373 1.36484 -0.14195 0.26138  -0.37342 8   DT  A C7    
210 C C6    . DT  A 10 ? 1.17163 1.07753 1.42029 -0.14191 0.26060  -0.35559 8   DT  A C6    
211 P P     . DC  A 11 ? 1.32084 1.00098 1.74240 -0.12213 0.26401  -0.34705 9   DC  A P     
212 O OP1   . DC  A 11 ? 1.24630 0.94556 1.72127 -0.10290 0.27346  -0.36960 9   DC  A OP1   
213 O OP2   . DC  A 11 ? 1.31555 0.99524 1.70716 -0.14746 0.28306  -0.36707 9   DC  A OP2   
214 O "O5'" . DC  A 11 ? 1.38354 1.00096 1.81794 -0.11774 0.23863  -0.31070 9   DC  A "O5'" 
215 C "C5'" . DC  A 11 ? 1.37848 0.99142 1.82876 -0.09849 0.21431  -0.28089 9   DC  A "C5'" 
216 C "C4'" . DC  A 11 ? 1.43559 1.00176 1.86463 -0.10853 0.18873  -0.24031 9   DC  A "C4'" 
217 O "O4'" . DC  A 11 ? 1.41247 1.00704 1.78084 -0.12484 0.18213  -0.22448 9   DC  A "O4'" 
218 C "C3'" . DC  A 11 ? 1.50143 1.01394 1.92687 -0.12798 0.19107  -0.23991 9   DC  A "C3'" 
219 O "O3'" . DC  A 11 ? 1.59785 1.05629 2.03500 -0.12720 0.16253  -0.20141 9   DC  A "O3'" 
220 C "C2'" . DC  A 11 ? 1.47563 1.01191 1.83383 -0.15696 0.19984  -0.24299 9   DC  A "C2'" 
221 C "C1'" . DC  A 11 ? 1.44514 1.01313 1.77472 -0.15308 0.18212  -0.21765 9   DC  A "C1'" 
222 N N1    . DC  A 11 ? 1.38467 1.00014 1.66018 -0.17049 0.19196  -0.22837 9   DC  A N1    
223 C C2    . DC  A 11 ? 1.39783 1.01173 1.62632 -0.19207 0.17774  -0.20483 9   DC  A C2    
224 O O2    . DC  A 11 ? 1.44368 1.01610 1.67253 -0.19865 0.15665  -0.17290 9   DC  A O2    
225 N N3    . DC  A 11 ? 1.37643 1.03612 1.56223 -0.20622 0.18674  -0.21840 9   DC  A N3    
226 C C4    . DC  A 11 ? 1.33725 1.03973 1.52536 -0.19889 0.20648  -0.25002 9   DC  A C4    
227 N N4    . DC  A 11 ? 1.31991 1.06620 1.47018 -0.21128 0.21226  -0.26211 9   DC  A N4    
228 C C5    . DC  A 11 ? 1.32313 1.02757 1.55410 -0.17992 0.22042  -0.27140 9   DC  A C5    
229 C C6    . DC  A 11 ? 1.35063 1.01246 1.62461 -0.16660 0.21385  -0.26164 9   DC  A C6    
230 P P     . DT  A 12 ? 1.70090 1.08732 2.17469 -0.13062 0.15721  -0.19841 10  DT  A P     
231 O OP1   . DT  A 12 ? 1.62508 0.98834 2.16686 -0.09974 0.13957  -0.18693 10  DT  A OP1   
232 O OP2   . DT  A 12 ? 1.67693 1.06631 2.15022 -0.14287 0.18806  -0.23926 10  DT  A OP2   
233 O "O5'" . DT  A 12 ? 1.75997 1.10523 2.18182 -0.16082 0.13349  -0.15732 10  DT  A "O5'" 
234 C "C5'" . DT  A 12 ? 1.72372 1.08865 2.07736 -0.19411 0.14492  -0.16257 10  DT  A "C5'" 
235 C "C4'" . DT  A 12 ? 1.76536 1.08776 2.07747 -0.22384 0.11920  -0.12180 10  DT  A "C4'" 
236 O "O4'" . DT  A 12 ? 1.83265 1.12775 2.17363 -0.20832 0.08713  -0.08253 10  DT  A "O4'" 
237 C "C3'" . DT  A 12 ? 1.75639 1.12125 1.99654 -0.25305 0.12051  -0.11556 10  DT  A "C3'" 
238 O "O3'" . DT  A 12 ? 1.76823 1.12391 1.96770 -0.28581 0.13599  -0.13179 10  DT  A "O3'" 
239 C "C2'" . DT  A 12 ? 1.79741 1.13793 2.01907 -0.26562 0.08606  -0.06656 10  DT  A "C2'" 
240 C "C1'" . DT  A 12 ? 1.81907 1.12293 2.10764 -0.23238 0.06645  -0.04754 10  DT  A "C1'" 
241 N N1    . DT  A 12 ? 1.80064 1.14367 2.10436 -0.20836 0.05496  -0.03398 10  DT  A N1    
242 C C2    . DT  A 12 ? 1.75480 1.16269 2.05127 -0.19438 0.07581  -0.06226 10  DT  A C2    
243 O O2    . DT  A 12 ? 1.70767 1.14537 1.98635 -0.20026 0.10237  -0.09723 10  DT  A O2    
244 N N3    . DT  A 12 ? 1.76343 1.19988 2.07356 -0.17436 0.06293  -0.04672 10  DT  A N3    
245 C C4    . DT  A 12 ? 1.74026 1.15114 2.07097 -0.16687 0.03267  -0.00715 10  DT  A C4    
246 O O4    . DT  A 12 ? 1.64351 1.08554 1.98397 -0.14999 0.02411  0.00328  10  DT  A O4    
247 C C5    . DT  A 12 ? 1.82687 1.17117 2.16629 -0.18152 0.01056  0.02217  10  DT  A C5    
248 C C7    . DT  A 12 ? 1.83184 1.14436 2.19478 -0.17573 -0.02594 0.06869  10  DT  A C7    
249 C C6    . DT  A 12 ? 1.82020 1.13225 2.14571 -0.20133 0.02232  0.00771  10  DT  A C6    
250 P P     . DA  A 13 ? 1.66523 1.06269 1.86056 -0.28539 0.17304  -0.18205 11  DA  A P     
251 O OP1   . DA  A 13 ? 1.62080 1.00219 1.76923 -0.32414 0.18268  -0.18981 11  DA  A OP1   
252 O OP2   . DA  A 13 ? 1.64431 1.03064 1.90476 -0.25375 0.18486  -0.20412 11  DA  A OP2   
253 O "O5'" . DA  A 13 ? 1.58161 1.05675 1.75188 -0.27767 0.18053  -0.19358 11  DA  A "O5'" 
254 C "C5'" . DA  A 13 ? 1.55792 1.05363 1.68870 -0.29136 0.16226  -0.16757 11  DA  A "C5'" 
255 C "C4'" . DA  A 13 ? 1.49697 1.04742 1.57682 -0.31379 0.17793  -0.18985 11  DA  A "C4'" 
256 O "O4'" . DA  A 13 ? 1.43023 1.03567 1.52551 -0.29016 0.19597  -0.21998 11  DA  A "O4'" 
257 C "C3'" . DA  A 13 ? 1.53495 1.07262 1.58550 -0.34465 0.19441  -0.20922 11  DA  A "C3'" 
258 O "O3'" . DA  A 13 ? 1.52191 1.10250 1.51990 -0.37262 0.19850  -0.21722 11  DA  A "O3'" 
259 C "C2'" . DA  A 13 ? 1.50191 1.06053 1.58311 -0.32495 0.22076  -0.24708 11  DA  A "C2'" 
260 C "C1'" . DA  A 13 ? 1.45967 1.07521 1.55353 -0.29768 0.22135  -0.25435 11  DA  A "C1'" 
261 N N9    . DA  A 13 ? 1.41118 1.03449 1.55341 -0.26773 0.23352  -0.27343 11  DA  A N9    
262 C C8    . DA  A 13 ? 1.41165 0.99214 1.60326 -0.24895 0.22991  -0.26793 11  DA  A C8    
263 N N7    . DA  A 13 ? 1.36483 0.97068 1.59251 -0.22686 0.24477  -0.29241 11  DA  A N7    
264 C C5    . DA  A 13 ? 1.33171 0.99783 1.52979 -0.23159 0.25696  -0.31178 11  DA  A C5    
265 C C6    . DA  A 13 ? 1.30264 1.01884 1.51301 -0.21889 0.27290  -0.33875 11  DA  A C6    
266 N N6    . DA  A 13 ? 1.28679 1.00351 1.54273 -0.20027 0.28212  -0.35403 11  DA  A N6    
267 N N1    . DA  A 13 ? 1.28570 1.05320 1.46091 -0.22747 0.27798  -0.34996 11  DA  A N1    
268 C C2    . DA  A 13 ? 1.30063 1.07222 1.43407 -0.24674 0.26999  -0.33901 11  DA  A C2    
269 N N3    . DA  A 13 ? 1.33736 1.06882 1.45282 -0.26298 0.25707  -0.31610 11  DA  A N3    
270 C C4    . DA  A 13 ? 1.35497 1.03249 1.50335 -0.25459 0.25010  -0.30132 11  DA  A C4    
271 P P     . DT  A 14 ? 1.53153 1.11589 1.49062 -0.40827 0.21773  -0.24194 12  DT  A P     
272 O OP1   . DT  A 14 ? 1.59713 1.20859 1.50317 -0.44262 0.21019  -0.23501 12  DT  A OP1   
273 O OP2   . DT  A 14 ? 1.57008 1.08695 1.54671 -0.41494 0.21897  -0.23657 12  DT  A OP2   
274 O "O5'" . DT  A 14 ? 1.48437 1.12789 1.45443 -0.39111 0.24422  -0.28384 12  DT  A "O5'" 
275 C "C5'" . DT  A 14 ? 1.43819 1.13661 1.41850 -0.36647 0.24284  -0.29052 12  DT  A "C5'" 
276 C "C4'" . DT  A 14 ? 1.41404 1.17573 1.37560 -0.37217 0.26247  -0.32619 12  DT  A "C4'" 
277 O "O4'" . DT  A 14 ? 1.38501 1.16601 1.38141 -0.34548 0.27668  -0.34707 12  DT  A "O4'" 
278 C "C3'" . DT  A 14 ? 1.42145 1.18367 1.34923 -0.40692 0.27859  -0.34624 12  DT  A "C3'" 
279 O "O3'" . DT  A 14 ? 1.39872 1.22918 1.30409 -0.41416 0.28903  -0.37324 12  DT  A "O3'" 
280 C "C2'" . DT  A 14 ? 1.39719 1.13226 1.35560 -0.39689 0.29586  -0.36201 12  DT  A "C2'" 
281 C "C1'" . DT  A 14 ? 1.36487 1.13179 1.36220 -0.35917 0.29731  -0.36930 12  DT  A "C1'" 
282 N N1    . DT  A 14 ? 1.35365 1.08096 1.39806 -0.33735 0.30037  -0.36701 12  DT  A N1    
283 C C2    . DT  A 14 ? 1.31437 1.07513 1.38904 -0.31377 0.31109  -0.38566 12  DT  A C2    
284 O O2    . DT  A 14 ? 1.29342 1.11086 1.35718 -0.30965 0.31641  -0.40114 12  DT  A O2    
285 N N3    . DT  A 14 ? 1.32521 1.05191 1.44495 -0.29631 0.31454  -0.38642 12  DT  A N3    
286 C C4    . DT  A 14 ? 1.37551 1.03656 1.51738 -0.29647 0.30676  -0.37000 12  DT  A C4    
287 O O4    . DT  A 14 ? 1.38355 1.02121 1.57239 -0.27817 0.31084  -0.37583 12  DT  A O4    
288 C C5    . DT  A 14 ? 1.42046 1.04389 1.52767 -0.32108 0.29258  -0.34636 12  DT  A C5    
289 C C7    . DT  A 14 ? 1.48270 1.03030 1.60999 -0.32435 0.27911  -0.32336 12  DT  A C7    
290 C C6    . DT  A 14 ? 1.40720 1.06669 1.46570 -0.34183 0.29082  -0.34629 12  DT  A C6    
291 P P     . DT  A 15 ? 1.43736 1.29384 1.31710 -0.44090 0.31239  -0.40682 13  DT  A P     
292 O OP1   . DT  A 15 ? 1.38298 1.29317 1.22812 -0.46102 0.31087  -0.41937 13  DT  A OP1   
293 O OP2   . DT  A 15 ? 1.43629 1.23201 1.30946 -0.46237 0.31912  -0.40157 13  DT  A OP2   
294 O "O5'" . DT  A 15 ? 1.33295 1.22780 1.24353 -0.41435 0.32794  -0.43227 13  DT  A "O5'" 
295 C "C5'" . DT  A 15 ? 1.29818 1.24913 1.22003 -0.39133 0.32222  -0.43954 13  DT  A "C5'" 
296 C "C4'" . DT  A 15 ? 1.23701 1.22030 1.18165 -0.37541 0.33730  -0.46280 13  DT  A "C4'" 
297 O "O4'" . DT  A 15 ? 1.23425 1.17530 1.21248 -0.35911 0.34085  -0.45475 13  DT  A "O4'" 
298 C "C3'" . DT  A 15 ? 1.23380 1.24491 1.15879 -0.39979 0.35902  -0.49313 13  DT  A "C3'" 
299 O "O3'" . DT  A 15 ? 1.18941 1.26464 1.12099 -0.38854 0.36288  -0.51350 13  DT  A "O3'" 
300 C "C2'" . DT  A 15 ? 1.26532 1.23001 1.20759 -0.40362 0.37453  -0.49684 13  DT  A "C2'" 
301 C "C1'" . DT  A 15 ? 1.24822 1.18927 1.23058 -0.37114 0.36358  -0.47878 13  DT  A "C1'" 
302 N N1    . DT  A 15 ? 1.28980 1.16422 1.29509 -0.37022 0.36668  -0.46843 13  DT  A N1    
303 C C2    . DT  A 15 ? 1.27943 1.14642 1.32523 -0.35061 0.37468  -0.47590 13  DT  A C2    
304 O O2    . DT  A 15 ? 1.23882 1.15107 1.29839 -0.33669 0.37938  -0.48889 13  DT  A O2    
305 N N3    . DT  A 15 ? 1.32153 1.12625 1.39259 -0.34926 0.37606  -0.46807 13  DT  A N3    
306 C C4    . DT  A 15 ? 1.37467 1.12094 1.43275 -0.36557 0.36792  -0.45009 13  DT  A C4    
307 O O4    . DT  A 15 ? 1.41341 1.10308 1.50057 -0.36133 0.36730  -0.44344 13  DT  A O4    
308 C C5    . DT  A 15 ? 1.38419 1.14161 1.39363 -0.38923 0.35922  -0.44047 13  DT  A C5    
309 C C7    . DT  A 15 ? 1.44475 1.14321 1.43127 -0.41357 0.34831  -0.41885 13  DT  A C7    
310 C C6    . DT  A 15 ? 1.34050 1.16267 1.32749 -0.39011 0.36017  -0.45191 13  DT  A C6    
311 O "O5'" . DC  B 1  ? 1.68863 0.85439 0.82551 -0.34747 0.39786  -0.00841 14  DC  B "O5'" 
312 C "C5'" . DC  B 1  ? 1.70114 0.94700 0.89016 -0.32576 0.37283  0.00974  14  DC  B "C5'" 
313 C "C4'" . DC  B 1  ? 1.77328 0.98188 0.90594 -0.33587 0.30218  0.01555  14  DC  B "C4'" 
314 O "O4'" . DC  B 1  ? 1.69075 1.02182 0.91909 -0.28693 0.23745  0.01130  14  DC  B "O4'" 
315 C "C3'" . DC  B 1  ? 1.74661 0.93871 0.90308 -0.33075 0.30518  0.01525  14  DC  B "C3'" 
316 O "O3'" . DC  B 1  ? 1.76876 0.90634 0.86407 -0.34526 0.23272  0.01751  14  DC  B "O3'" 
317 C "C2'" . DC  B 1  ? 1.63751 0.97454 0.94283 -0.27221 0.29315  0.00897  14  DC  B "C2'" 
318 C "C1'" . DC  B 1  ? 1.61047 1.02257 0.94155 -0.24664 0.23320  0.00454  14  DC  B "C1'" 
319 N N1    . DC  B 1  ? 1.50993 1.05471 0.95529 -0.20366 0.25151  0.00216  14  DC  B N1    
320 C C2    . DC  B 1  ? 1.46032 1.10623 0.96793 -0.16398 0.19334  -0.00450 14  DC  B C2    
321 O O2    . DC  B 1  ? 1.51705 1.14151 0.99377 -0.16279 0.12811  -0.00813 14  DC  B O2    
322 N N3    . DC  B 1  ? 1.39175 1.15703 0.99550 -0.12842 0.21170  -0.00441 14  DC  B N3    
323 C C4    . DC  B 1  ? 1.37627 1.16243 1.02105 -0.13174 0.27992  0.00467  14  DC  B C4    
324 N N4    . DC  B 1  ? 1.33626 1.24255 1.07627 -0.09884 0.29181  0.00909  14  DC  B N4    
325 C C5    . DC  B 1  ? 1.42721 1.11229 1.02081 -0.16943 0.34077  0.01201  14  DC  B C5    
326 C C6    . DC  B 1  ? 1.48270 1.04924 0.97402 -0.20417 0.32622  0.00903  14  DC  B C6    
327 P P     . DA  B 2  ? 1.91368 1.00910 1.00961 -0.34976 0.21949  0.01997  15  DA  B P     
328 O OP1   . DA  B 2  ? 1.91684 0.86648 0.87382 -0.41086 0.25063  0.03099  15  DA  B OP1   
329 O OP2   . DA  B 2  ? 1.81713 1.00055 1.03503 -0.31127 0.25411  0.01465  15  DA  B OP2   
330 O "O5'" . DA  B 2  ? 1.84079 0.96792 0.95945 -0.32776 0.11731  0.01763  15  DA  B "O5'" 
331 C "C5'" . DA  B 2  ? 1.76226 0.96158 0.91676 -0.30206 0.06819  0.01386  15  DA  B "C5'" 
332 C "C4'" . DA  B 2  ? 1.68799 0.98569 0.95186 -0.24850 0.00898  0.00104  15  DA  B "C4'" 
333 O "O4'" . DA  B 2  ? 1.60196 1.02369 0.97104 -0.20270 0.03715  -0.01236 15  DA  B "O4'" 
334 C "C3'" . DA  B 2  ? 1.69587 0.97158 0.98550 -0.24245 -0.00537 -0.00357 15  DA  B "C3'" 
335 O "O3'" . DA  B 2  ? 1.66737 0.99160 1.01857 -0.20715 -0.07955 -0.01366 15  DA  B "O3'" 
336 C "C2'" . DA  B 2  ? 1.62986 0.97808 1.00088 -0.21714 0.05494  -0.01331 15  DA  B "C2'" 
337 C "C1'" . DA  B 2  ? 1.57708 1.03941 1.01717 -0.17866 0.05099  -0.02299 15  DA  B "C1'" 
338 N N9    . DA  B 2  ? 1.51749 1.04675 1.01587 -0.16564 0.11685  -0.02289 15  DA  B N9    
339 C C8    . DA  B 2  ? 1.53236 1.02137 1.02114 -0.18929 0.18720  -0.01215 15  DA  B C8    
340 N N7    . DA  B 2  ? 1.46688 1.03908 1.03134 -0.16935 0.23275  -0.00974 15  DA  B N7    
341 C C5    . DA  B 2  ? 1.40806 1.08095 1.02621 -0.13144 0.18931  -0.02079 15  DA  B C5    
342 C C6    . DA  B 2  ? 1.37301 1.16493 1.07646 -0.09851 0.20356  -0.02157 15  DA  B C6    
343 N N6    . DA  B 2  ? 1.33609 1.16809 1.09462 -0.09870 0.26460  -0.00833 15  DA  B N6    
344 N N1    . DA  B 2  ? 1.35558 1.22535 1.09067 -0.06565 0.15322  -0.03354 15  DA  B N1    
345 C C2    . DA  B 2  ? 1.35804 1.18864 1.05173 -0.06457 0.09355  -0.04301 15  DA  B C2    
346 N N3    . DA  B 2  ? 1.40185 1.12469 1.02188 -0.09385 0.07030  -0.04077 15  DA  B N3    
347 C C4    . DA  B 2  ? 1.43636 1.08365 1.01660 -0.12759 0.12067  -0.02991 15  DA  B C4    
348 P P     . DT  B 3  ? 1.71472 1.02089 1.10390 -0.19525 -0.11430 -0.02137 16  DT  B P     
349 O OP1   . DT  B 3  ? 1.75250 0.95253 1.06210 -0.23346 -0.16238 -0.00161 16  DT  B OP1   
350 O OP2   . DT  B 3  ? 1.67058 0.98719 1.09079 -0.19455 -0.05694 -0.02582 16  DT  B OP2   
351 O "O5'" . DT  B 3  ? 1.56617 0.98299 1.06472 -0.13510 -0.16231 -0.04623 16  DT  B "O5'" 
352 C "C5'" . DT  B 3  ? 1.50106 1.00172 1.03654 -0.10749 -0.16668 -0.05226 16  DT  B "C5'" 
353 C "C4'" . DT  B 3  ? 1.42890 1.04946 1.06299 -0.05713 -0.15042 -0.07837 16  DT  B "C4'" 
354 O "O4'" . DT  B 3  ? 1.40677 1.06097 1.04404 -0.06474 -0.08250 -0.07334 16  DT  B "O4'" 
355 C "C3'" . DT  B 3  ? 1.42750 1.06004 1.11527 -0.03464 -0.17012 -0.09989 16  DT  B "C3'" 
356 O "O3'" . DT  B 3  ? 1.34267 1.06521 1.10695 0.01515  -0.20167 -0.12698 16  DT  B "O3'" 
357 C "C2'" . DT  B 3  ? 1.40502 1.05966 1.10816 -0.04250 -0.10987 -0.09835 16  DT  B "C2'" 
358 C "C1'" . DT  B 3  ? 1.39023 1.10784 1.09800 -0.03791 -0.06968 -0.09065 16  DT  B "C1'" 
359 N N1    . DT  B 3  ? 1.38342 1.10854 1.09533 -0.05569 -0.00125 -0.07697 16  DT  B N1    
360 C C2    . DT  B 3  ? 1.33462 1.15983 1.10297 -0.03326 0.03008  -0.07819 16  DT  B C2    
361 O O2    . DT  B 3  ? 1.29906 1.20718 1.10688 -0.00029 0.00636  -0.09095 16  DT  B O2    
362 N N3    . DT  B 3  ? 1.33040 1.15669 1.11272 -0.05094 0.09220  -0.06120 16  DT  B N3    
363 C C4    . DT  B 3  ? 1.36620 1.10448 1.11263 -0.08686 0.13054  -0.04498 16  DT  B C4    
364 O O4    . DT  B 3  ? 1.35236 1.10047 1.12726 -0.09850 0.19025  -0.02843 16  DT  B O4    
365 C C5    . DT  B 3  ? 1.42576 1.06107 1.10521 -0.10976 0.09688  -0.04598 16  DT  B C5    
366 C C7    . DT  B 3  ? 1.49057 1.02535 1.12361 -0.15020 0.13729  -0.02780 16  DT  B C7    
367 C C6    . DT  B 3  ? 1.43153 1.06553 1.09757 -0.09384 0.03084  -0.06085 16  DT  B C6    
368 P P     . DT  B 4  ? 1.34696 1.05628 1.15514 0.04010  -0.25576 -0.15133 17  DT  B P     
369 O OP1   . DT  B 4  ? 1.36286 1.04920 1.17235 0.04720  -0.30692 -0.14479 17  DT  B OP1   
370 O OP2   . DT  B 4  ? 1.35431 0.98907 1.13871 0.01242  -0.25055 -0.14570 17  DT  B OP2   
371 O "O5'" . DT  B 4  ? 1.24867 1.07213 1.13364 0.08883  -0.24806 -0.18704 17  DT  B "O5'" 
372 C "C5'" . DT  B 4  ? 1.24171 1.12316 1.14065 0.08805  -0.19991 -0.18809 17  DT  B "C5'" 
373 C "C4'" . DT  B 4  ? 1.19764 1.18504 1.15844 0.13197  -0.20289 -0.22107 17  DT  B "C4'" 
374 O "O4'" . DT  B 4  ? 1.16207 1.19840 1.13994 0.12516  -0.16359 -0.21757 17  DT  B "O4'" 
375 C "C3'" . DT  B 4  ? 1.20060 1.17833 1.19390 0.15709  -0.24516 -0.25695 17  DT  B "C3'" 
376 O "O3'" . DT  B 4  ? 1.14414 1.21799 1.18089 0.19821  -0.24581 -0.28893 17  DT  B "O3'" 
377 C "C2'" . DT  B 4  ? 1.20698 1.15253 1.19676 0.13351  -0.23255 -0.25415 17  DT  B "C2'" 
378 C "C1'" . DT  B 4  ? 1.17395 1.19518 1.17288 0.12789  -0.18255 -0.23824 17  DT  B "C1'" 
379 N N1    . DT  B 4  ? 1.19022 1.17404 1.17964 0.09202  -0.14959 -0.21089 17  DT  B N1    
380 C C2    . DT  B 4  ? 1.16298 1.21876 1.18445 0.09001  -0.11266 -0.19990 17  DT  B C2    
381 O O2    . DT  B 4  ? 1.13333 1.28280 1.18352 0.11478  -0.10809 -0.21206 17  DT  B O2    
382 N N3    . DT  B 4  ? 1.16767 1.18325 1.19088 0.05717  -0.08028 -0.17102 17  DT  B N3    
383 C C4    . DT  B 4  ? 1.21101 1.12262 1.20008 0.02632  -0.07805 -0.15411 17  DT  B C4    
384 O O4    . DT  B 4  ? 1.23071 1.11456 1.22934 -0.00087 -0.04192 -0.12738 17  DT  B O4    
385 C C5    . DT  B 4  ? 1.25032 1.08975 1.19697 0.02773  -0.12028 -0.16678 17  DT  B C5    
386 C C7    . DT  B 4  ? 1.31821 1.04314 1.22016 -0.00752 -0.12360 -0.14699 17  DT  B C7    
387 C C6    . DT  B 4  ? 1.24257 1.12166 1.19549 0.06041  -0.15500 -0.19323 17  DT  B C6    
388 P P     . DG  B 5  ? 1.18225 1.26299 1.25608 0.23888  -0.28678 -0.32696 18  DG  B P     
389 O OP1   . DG  B 5  ? 1.15025 1.24250 1.23196 0.25054  -0.29519 -0.31078 18  DG  B OP1   
390 O OP2   . DG  B 5  ? 1.18841 1.18433 1.26226 0.23014  -0.32135 -0.34084 18  DG  B OP2   
391 O "O5'" . DG  B 5  ? 1.11698 1.30093 1.22070 0.27220  -0.27005 -0.36368 18  DG  B "O5'" 
392 C "C5'" . DG  B 5  ? 1.06051 1.31263 1.15758 0.26045  -0.23193 -0.34968 18  DG  B "C5'" 
393 C "C4'" . DG  B 5  ? 1.05044 1.33165 1.15608 0.26479  -0.23514 -0.37991 18  DG  B "C4'" 
394 O "O4'" . DG  B 5  ? 1.07928 1.30751 1.17216 0.22679  -0.23046 -0.35675 18  DG  B "O4'" 
395 C "C3'" . DG  B 5  ? 1.03568 1.28448 1.15349 0.28972  -0.27172 -0.42849 18  DG  B "C3'" 
396 O "O3'" . DG  B 5  ? 1.05688 1.35708 1.17517 0.29709  -0.26999 -0.45999 18  DG  B "O3'" 
397 C "C2'" . DG  B 5  ? 1.08340 1.22506 1.18930 0.25995  -0.29510 -0.41380 18  DG  B "C2'" 
398 C "C1'" . DG  B 5  ? 1.07903 1.23761 1.17330 0.22566  -0.26683 -0.38259 18  DG  B "C1'" 
399 N N9    . DG  B 5  ? 1.10815 1.17852 1.18598 0.18816  -0.26764 -0.34947 18  DG  B N9    
400 C C8    . DG  B 5  ? 1.15346 1.12921 1.21735 0.17802  -0.29427 -0.34276 18  DG  B C8    
401 N N7    . DG  B 5  ? 1.18616 1.09705 1.23079 0.14043  -0.28409 -0.31007 18  DG  B N7    
402 C C5    . DG  B 5  ? 1.15844 1.12525 1.21382 0.12692  -0.24730 -0.29404 18  DG  B C5    
403 C C6    . DG  B 5  ? 1.16549 1.10320 1.21902 0.09034  -0.21684 -0.25729 18  DG  B C6    
404 O O6    . DG  B 5  ? 1.20510 1.05758 1.23745 0.06100  -0.21377 -0.23302 18  DG  B O6    
405 N N1    . DG  B 5  ? 1.11806 1.13817 1.20130 0.08893  -0.18606 -0.24696 18  DG  B N1    
406 C C2    . DG  B 5  ? 1.08616 1.20370 1.18806 0.11665  -0.18688 -0.26916 18  DG  B C2    
407 N N2    . DG  B 5  ? 1.05814 1.24662 1.19039 0.10733  -0.15892 -0.24903 18  DG  B N2    
408 N N3    . DG  B 5  ? 1.07559 1.21997 1.17059 0.15056  -0.21179 -0.30593 18  DG  B N3    
409 C C4    . DG  B 5  ? 1.10917 1.17474 1.18507 0.15490  -0.24009 -0.31658 18  DG  B C4    
410 P P     . DG  B 6  ? 1.21598 1.11320 1.29934 -0.00915 -0.01299 -0.09020 19  DG  B P     
411 O OP1   . DG  B 6  ? 1.18983 1.10416 1.32439 -0.00843 -0.00261 -0.09380 19  DG  B OP1   
412 O OP2   . DG  B 6  ? 1.20477 1.08807 1.25335 -0.00181 -0.01634 -0.08770 19  DG  B OP2   
413 O "O5'" . DG  B 6  ? 1.19799 1.07705 1.25798 -0.01120 -0.00671 -0.07684 19  DG  B "O5'" 
414 C "C5'" . DG  B 6  ? 1.18792 1.07457 1.27455 -0.01569 -0.00160 -0.07552 19  DG  B "C5'" 
415 C "C4'" . DG  B 6  ? 1.19469 1.07036 1.25043 -0.02000 -0.00617 -0.06614 19  DG  B "C4'" 
416 O "O4'" . DG  B 6  ? 1.18427 1.07192 1.23281 -0.02701 -0.02042 -0.07490 19  DG  B "O4'" 
417 C "C3'" . DG  B 6  ? 1.22284 1.07357 1.22803 -0.01826 -0.00682 -0.05405 19  DG  B "C3'" 
418 O "O3'" . DG  B 6  ? 1.24053 1.08091 1.23067 -0.02122 -0.00463 -0.04114 19  DG  B "O3'" 
419 C "C2'" . DG  B 6  ? 1.21997 1.07185 1.19413 -0.02311 -0.02262 -0.06111 19  DG  B "C2'" 
420 C "C1'" . DG  B 6  ? 1.19767 1.07183 1.19763 -0.02995 -0.02988 -0.06965 19  DG  B "C1'" 
421 N N9    . DG  B 6  ? 1.19098 1.07409 1.18144 -0.03478 -0.04322 -0.08237 19  DG  B N9    
422 C C8    . DG  B 6  ? 1.19480 1.07510 1.17542 -0.03180 -0.04824 -0.09034 19  DG  B C8    
423 N N7    . DG  B 6  ? 1.18980 1.07709 1.16007 -0.03804 -0.06091 -0.10108 19  DG  B N7    
424 C C5    . DG  B 6  ? 1.18136 1.07799 1.15646 -0.04558 -0.06338 -0.10030 19  DG  B C5    
425 C C6    . DG  B 6  ? 1.17505 1.08179 1.14369 -0.05449 -0.07388 -0.10927 19  DG  B C6    
426 O O6    . DG  B 6  ? 1.18865 1.09583 1.14311 -0.05858 -0.08401 -0.12041 19  DG  B O6    
427 N N1    . DG  B 6  ? 1.17760 1.09420 1.15770 -0.05832 -0.07134 -0.10388 19  DG  B N1    
428 C C2    . DG  B 6  ? 1.18041 1.09583 1.17481 -0.05391 -0.06126 -0.09112 19  DG  B C2    
429 N N2    . DG  B 6  ? 1.17858 1.10565 1.18363 -0.05696 -0.06079 -0.08661 19  DG  B N2    
430 N N3    . DG  B 6  ? 1.17665 1.07999 1.17445 -0.04662 -0.05185 -0.08303 19  DG  B N3    
431 C C4    . DG  B 6  ? 1.18183 1.07686 1.17017 -0.04293 -0.05297 -0.08843 19  DG  B C4    
432 P P     . DC  B 7  ? 1.30720 1.12446 1.28770 -0.01639 0.01026  -0.02656 20  DC  B P     
433 O OP1   . DC  B 7  ? 1.26622 1.06990 1.23440 -0.00959 0.01762  -0.02724 20  DC  B OP1   
434 O OP2   . DC  B 7  ? 1.29143 1.09439 1.23702 -0.02168 0.00553  -0.01277 20  DC  B OP2   
435 O "O5'" . DC  B 7  ? 1.25404 1.08436 1.28653 -0.01381 0.02210  -0.02908 20  DC  B "O5'" 
436 C "C5'" . DC  B 7  ? 1.24553 1.08009 1.29046 -0.01640 0.02229  -0.02346 20  DC  B "C5'" 
437 C "C4'" . DC  B 7  ? 1.23440 1.06593 1.31298 -0.01258 0.03837  -0.02121 20  DC  B "C4'" 
438 O "O4'" . DC  B 7  ? 1.25444 1.05995 1.30947 -0.00943 0.04923  -0.00835 20  DC  B "O4'" 
439 C "C3'" . DC  B 7  ? 1.21823 1.06384 1.33541 -0.01090 0.04543  -0.03423 20  DC  B "C3'" 
440 O "O3'" . DC  B 7  ? 1.24332 1.10926 1.39146 -0.01458 0.04048  -0.04536 20  DC  B "O3'" 
441 C "C2'" . DC  B 7  ? 1.23122 1.06266 1.36257 -0.00761 0.06357  -0.02667 20  DC  B "C2'" 
442 C "C1'" . DC  B 7  ? 1.25536 1.05949 1.34157 -0.00581 0.06545  -0.01081 20  DC  B "C1'" 
443 N N1    . DC  B 7  ? 1.27052 1.05983 1.33831 -0.00139 0.07381  -0.00815 20  DC  B N1    
444 C C2    . DC  B 7  ? 1.26780 1.06190 1.31819 0.00013  0.06492  -0.01435 20  DC  B C2    
445 O O2    . DC  B 7  ? 1.25654 1.06670 1.30614 -0.00356 0.04980  -0.02236 20  DC  B O2    
446 N N3    . DC  B 7  ? 1.28419 1.06364 1.31795 0.00616  0.07401  -0.01127 20  DC  B N3    
447 C C4    . DC  B 7  ? 1.30195 1.06343 1.33660 0.00967  0.09172  -0.00281 20  DC  B C4    
448 N N4    . DC  B 7  ? 1.31961 1.06664 1.33771 0.01665  0.10198  0.00018  20  DC  B N4    
449 C C5    . DC  B 7  ? 1.30487 1.06065 1.35613 0.00675  0.10061  0.00312  20  DC  B C5    
450 C C6    . DC  B 7  ? 1.28927 1.05888 1.35619 0.00171  0.09093  0.00042  20  DC  B C6    
451 P P     . DG  B 8  ? 1.22776 1.11215 1.41658 -0.01650 0.04347  -0.06076 21  DG  B P     
452 O OP1   . DG  B 8  ? 1.19111 1.08819 1.37033 -0.01863 0.02910  -0.07119 21  DG  B OP1   
453 O OP2   . DG  B 8  ? 1.19414 1.07217 1.40026 -0.01347 0.05908  -0.05747 21  DG  B OP2   
454 O "O5'" . DG  B 8  ? 1.21888 1.11130 1.43545 -0.02033 0.04517  -0.06610 21  DG  B "O5'" 
455 C "C5'" . DG  B 8  ? 1.21711 1.09764 1.44682 -0.01854 0.05863  -0.05826 21  DG  B "C5'" 
456 C "C4'" . DG  B 8  ? 1.22546 1.10275 1.44645 -0.01727 0.05495  -0.05154 21  DG  B "C4'" 
457 O "O4'" . DG  B 8  ? 1.22656 1.11991 1.46111 -0.02101 0.04687  -0.06365 21  DG  B "O4'" 
458 C "C3'" . DG  B 8  ? 1.24763 1.11849 1.43047 -0.01539 0.04537  -0.03944 21  DG  B "C3'" 
459 O "O3'" . DG  B 8  ? 1.26384 1.12870 1.44477 -0.01245 0.04736  -0.02836 21  DG  B "O3'" 
460 C "C2'" . DG  B 8  ? 1.24964 1.13758 1.42435 -0.01957 0.03018  -0.04985 21  DG  B "C2'" 
461 C "C1'" . DG  B 8  ? 1.22725 1.12748 1.43586 -0.02173 0.03277  -0.06187 21  DG  B "C1'" 
462 N N9    . DG  B 8  ? 1.21863 1.13360 1.43299 -0.02713 0.02336  -0.07752 21  DG  B N9    
463 C C8    . DG  B 8  ? 1.22423 1.14342 1.43281 -0.02930 0.01770  -0.08496 21  DG  B C8    
464 N N7    . DG  B 8  ? 1.22350 1.15504 1.43855 -0.03460 0.00882  -0.09878 21  DG  B N7    
465 C C5    . DG  B 8  ? 1.21290 1.14784 1.43889 -0.03617 0.01018  -0.10105 21  DG  B C5    
466 C C6    . DG  B 8  ? 1.20438 1.14868 1.43866 -0.04175 0.00453  -0.11408 21  DG  B C6    
467 O O6    . DG  B 8  ? 1.19556 1.14693 1.42827 -0.04758 -0.00438 -0.12668 21  DG  B O6    
468 N N1    . DG  B 8  ? 1.21745 1.16087 1.46139 -0.03961 0.01061  -0.11107 21  DG  B N1    
469 C C2    . DG  B 8  ? 1.22662 1.16212 1.47261 -0.03256 0.01955  -0.09674 21  DG  B C2    
470 N N2    . DG  B 8  ? 1.26172 1.19809 1.51844 -0.02941 0.02468  -0.09502 21  DG  B N2    
471 N N3    . DG  B 8  ? 1.23057 1.15651 1.46747 -0.02839 0.02359  -0.08454 21  DG  B N3    
472 C C4    . DG  B 8  ? 1.22089 1.14669 1.44784 -0.03073 0.01917  -0.08778 21  DG  B C4    
473 P P     . DT  B 9  ? 1.32862 1.18517 1.47177 -0.01159 0.03874  -0.01179 22  DT  B P     
474 O OP1   . DT  B 9  ? 1.32372 1.16401 1.46801 -0.00699 0.04807  0.00228  22  DT  B OP1   
475 O OP2   . DT  B 9  ? 1.27740 1.12654 1.38884 -0.01425 0.03325  -0.01087 22  DT  B OP2   
476 O "O5'" . DT  B 9  ? 1.29269 1.17020 1.43704 -0.01359 0.02584  -0.01519 22  DT  B "O5'" 
477 C "C5'" . DT  B 9  ? 1.25625 1.14509 1.43259 -0.01123 0.02999  -0.02214 22  DT  B "C5'" 
478 C "C4'" . DT  B 9  ? 1.26643 1.17606 1.44084 -0.01443 0.01796  -0.02867 22  DT  B "C4'" 
479 O "O4'" . DT  B 9  ? 1.24625 1.16382 1.42561 -0.02004 0.01395  -0.04602 22  DT  B "O4'" 
480 C "C3'" . DT  B 9  ? 1.30250 1.21709 1.44252 -0.01782 0.00430  -0.01781 22  DT  B "C3'" 
481 O "O3'" . DT  B 9  ? 1.32491 1.25667 1.47269 -0.01616 -0.00059 -0.01317 22  DT  B "O3'" 
482 C "C2'" . DT  B 9  ? 1.27588 1.19531 1.39840 -0.02504 -0.00510 -0.03009 22  DT  B "C2'" 
483 C "C1'" . DT  B 9  ? 1.25508 1.18329 1.40982 -0.02525 -0.00015 -0.04769 22  DT  B "C1'" 
484 N N1    . DT  B 9  ? 1.24248 1.17131 1.39010 -0.03025 -0.00532 -0.06117 22  DT  B N1    
485 C C2    . DT  B 9  ? 1.22575 1.16657 1.38746 -0.03447 -0.00915 -0.07706 22  DT  B C2    
486 O O2    . DT  B 9  ? 1.23390 1.18362 1.41344 -0.03434 -0.00700 -0.08122 22  DT  B O2    
487 N N3    . DT  B 9  ? 1.20710 1.14758 1.36007 -0.03841 -0.01522 -0.08767 22  DT  B N3    
488 C C4    . DT  B 9  ? 1.21990 1.15003 1.35293 -0.03710 -0.01669 -0.08388 22  DT  B C4    
489 O O4    . DT  B 9  ? 1.21002 1.14139 1.33745 -0.03920 -0.02238 -0.09347 22  DT  B O4    
490 C C5    . DT  B 9  ? 1.24652 1.16267 1.36434 -0.03257 -0.01079 -0.06739 22  DT  B C5    
491 C C7    . DT  B 9  ? 1.22260 1.12321 1.31565 -0.03019 -0.00958 -0.06182 22  DT  B C7    
492 C C6    . DT  B 9  ? 1.25402 1.17000 1.37913 -0.03012 -0.00611 -0.05702 22  DT  B C6    
493 P P     . DC  B 10 ? 1.36205 1.29977 1.48246 -0.01819 -0.01196 0.00487  23  DC  B P     
494 O OP1   . DC  B 10 ? 1.35880 1.28726 1.48787 -0.01015 -0.00494 0.02072  23  DC  B OP1   
495 O OP2   . DC  B 10 ? 1.34222 1.27078 1.42304 -0.02679 -0.02143 0.00609  23  DC  B OP2   
496 O "O5'" . DC  B 10 ? 1.31475 1.28054 1.44710 -0.01964 -0.01925 0.00061  23  DC  B "O5'" 
497 C "C5'" . DC  B 10 ? 1.28450 1.26110 1.45075 -0.01076 -0.01109 0.00075  23  DC  B "C5'" 
498 C "C4'" . DC  B 10 ? 1.27050 1.26215 1.45334 -0.01323 -0.01061 -0.01688 23  DC  B "C4'" 
499 O "O4'" . DC  B 10 ? 1.26076 1.23950 1.44474 -0.01768 -0.00701 -0.03353 23  DC  B "O4'" 
500 C "C3'" . DC  B 10 ? 1.27051 1.28212 1.43414 -0.02233 -0.02422 -0.01910 23  DC  B "C3'" 
501 O "O3'" . DC  B 10 ? 1.26904 1.30283 1.44373 -0.01813 -0.02650 -0.00793 23  DC  B "O3'" 
502 C "C2'" . DC  B 10 ? 1.25612 1.26951 1.42985 -0.02658 -0.02185 -0.04064 23  DC  B "C2'" 
503 C "C1'" . DC  B 10 ? 1.25366 1.24469 1.43344 -0.02517 -0.01384 -0.04825 23  DC  B "C1'" 
504 N N1    . DC  B 10 ? 1.23515 1.21716 1.38845 -0.03341 -0.02199 -0.05514 23  DC  B N1    
505 C C2    . DC  B 10 ? 1.21501 1.20226 1.36252 -0.04087 -0.02809 -0.07160 23  DC  B C2    
506 O O2    . DC  B 10 ? 1.20217 1.20062 1.36562 -0.04157 -0.02613 -0.08046 23  DC  B O2    
507 N N3    . DC  B 10 ? 1.21050 1.18863 1.33356 -0.04658 -0.03546 -0.07709 23  DC  B N3    
508 C C4    . DC  B 10 ? 1.21411 1.17805 1.31915 -0.04483 -0.03546 -0.06706 23  DC  B C4    
509 N N4    . DC  B 10 ? 1.20350 1.15774 1.28453 -0.04880 -0.04158 -0.07261 23  DC  B N4    
510 C C5    . DC  B 10 ? 1.23627 1.19341 1.34560 -0.03842 -0.02862 -0.05072 23  DC  B C5    
511 C C6    . DC  B 10 ? 1.24830 1.21500 1.38185 -0.03301 -0.02276 -0.04521 23  DC  B C6    
512 P P     . DC  B 11 ? 1.22825 1.11101 1.68507 0.10394  -0.05098 0.13296  24  DC  B P     
513 O OP1   . DC  B 11 ? 1.19635 1.09282 1.68761 0.12658  -0.06285 0.13570  24  DC  B OP1   
514 O OP2   . DC  B 11 ? 1.21226 1.11625 1.62410 0.09765  -0.05365 0.14286  24  DC  B OP2   
515 O "O5'" . DC  B 11 ? 1.19032 1.06548 1.65060 0.08597  -0.03809 0.09259  24  DC  B "O5'" 
516 C "C5'" . DC  B 11 ? 1.17862 1.02486 1.67117 0.08274  -0.02938 0.07752  24  DC  B "C5'" 
517 C "C4'" . DC  B 11 ? 1.18150 1.01555 1.65437 0.06069  -0.01649 0.04536  24  DC  B "C4'" 
518 O "O4'" . DC  B 11 ? 1.18914 1.00371 1.63094 0.04684  -0.01478 0.05501  24  DC  B "O4'" 
519 C "C3'" . DC  B 11 ? 1.15926 1.02014 1.60643 0.05222  -0.01409 0.02322  24  DC  B "C3'" 
520 O "O3'" . DC  B 11 ? 1.14749 1.02367 1.62750 0.05728  -0.00912 -0.00137 24  DC  B "O3'" 
521 C "C2'" . DC  B 11 ? 1.16760 1.00328 1.57782 0.02964  -0.00488 0.00643  24  DC  B "C2'" 
522 C "C1'" . DC  B 11 ? 1.17715 0.99040 1.58282 0.02927  -0.00931 0.03078  24  DC  B "C1'" 
523 N N1    . DC  B 11 ? 1.17926 1.00306 1.54709 0.02473  -0.01573 0.04568  24  DC  B N1    
524 C C2    . DC  B 11 ? 1.17939 0.99064 1.50926 0.00823  -0.01401 0.02968  24  DC  B C2    
525 O O2    . DC  B 11 ? 1.17707 0.96684 1.49959 -0.00335 -0.00696 0.00516  24  DC  B O2    
526 N N3    . DC  B 11 ? 1.16866 0.99058 1.46926 0.00606  -0.02064 0.04101  24  DC  B N3    
527 C C4    . DC  B 11 ? 1.15415 0.99959 1.45949 0.01784  -0.02628 0.06642  24  DC  B C4    
528 N N4    . DC  B 11 ? 1.13065 0.98770 1.40818 0.01506  -0.03102 0.07372  24  DC  B N4    
529 C C5    . DC  B 11 ? 1.17779 1.03418 1.51486 0.03369  -0.02792 0.08509  24  DC  B C5    
530 C C6    . DC  B 11 ? 1.18924 1.03352 1.55808 0.03742  -0.02374 0.07425  24  DC  B C6    
531 P P     . DG  B 12 ? 1.19296 1.10717 1.66468 0.05391  -0.00808 -0.02189 25  DG  B P     
532 O OP1   . DG  B 12 ? 1.15790 1.09043 1.68123 0.06474  -0.00479 -0.04271 25  DG  B OP1   
533 O OP2   . DG  B 12 ? 1.13964 1.07817 1.58626 0.06099  -0.02224 0.00052  25  DG  B OP2   
534 O "O5'" . DG  B 12 ? 1.17045 1.06566 1.60093 0.02669  0.00764  -0.04770 25  DG  B "O5'" 
535 C "C5'" . DG  B 12 ? 1.17751 1.04153 1.61140 0.01472  0.02195  -0.06802 25  DG  B "C5'" 
536 C "C4'" . DG  B 12 ? 1.19616 1.04113 1.57764 -0.01009 0.03298  -0.08711 25  DG  B "C4'" 
537 O "O4'" . DG  B 12 ? 1.20003 1.02529 1.54120 -0.01475 0.02292  -0.06722 25  DG  B "O4'" 
538 C "C3'" . DG  B 12 ? 1.20442 1.07562 1.56923 -0.01926 0.03812  -0.10238 25  DG  B "C3'" 
539 O "O3'" . DG  B 12 ? 1.23000 1.08040 1.56504 -0.04231 0.05666  -0.13035 25  DG  B "O3'" 
540 C "C2'" . DG  B 12 ? 1.20894 1.08441 1.53584 -0.01874 0.02368  -0.08021 25  DG  B "C2'" 
541 C "C1'" . DG  B 12 ? 1.22065 1.05895 1.52407 -0.02220 0.01910  -0.06644 25  DG  B "C1'" 
542 N N9    . DG  B 12 ? 1.19648 1.04307 1.49030 -0.01195 0.00359  -0.03770 25  DG  B N9    
543 C C8    . DG  B 12 ? 1.17707 1.04692 1.50032 0.00744  -0.00663 -0.01341 25  DG  B C8    
544 N N7    . DG  B 12 ? 1.15546 1.02861 1.45821 0.01071  -0.01624 0.00807  25  DG  B N7    
545 C C5    . DG  B 12 ? 1.17041 1.02245 1.43230 -0.00573 -0.01434 -0.00376 25  DG  B C5    
546 C C6    . DG  B 12 ? 1.18547 1.03304 1.41633 -0.00900 -0.02226 0.00661  25  DG  B C6    
547 O O6    . DG  B 12 ? 1.18500 1.04901 1.41778 0.00042  -0.02970 0.02820  25  DG  B O6    
548 N N1    . DG  B 12 ? 1.20212 1.02247 1.39574 -0.02484 -0.02071 -0.01149 25  DG  B N1    
549 C C2    . DG  B 12 ? 1.21561 1.01390 1.39699 -0.03789 -0.01062 -0.03494 25  DG  B C2    
550 N N2    . DG  B 12 ? 1.25391 1.02203 1.39071 -0.05190 -0.01221 -0.04723 25  DG  B N2    
551 N N3    . DG  B 12 ? 1.20357 1.00830 1.41354 -0.03700 0.00034  -0.04619 25  DG  B N3    
552 C C4    . DG  B 12 ? 1.18463 1.01755 1.43711 -0.01971 -0.00313 -0.03029 25  DG  B C4    
553 P P     . DC  B 13 ? 1.25113 1.12099 1.56703 -0.05818 0.06764  -0.15035 26  DC  B P     
554 O OP1   . DC  B 13 ? 1.29398 1.14635 1.60034 -0.07859 0.09243  -0.18179 26  DC  B OP1   
555 O OP2   . DC  B 13 ? 1.20921 1.12804 1.56917 -0.04060 0.05750  -0.14495 26  DC  B OP2   
556 O "O5'" . DC  B 13 ? 1.24181 1.08822 1.49330 -0.06988 0.05873  -0.13723 26  DC  B "O5'" 
557 C "C5'" . DC  B 13 ? 1.27522 1.07398 1.47725 -0.08447 0.06164  -0.13937 26  DC  B "C5'" 
558 C "C4'" . DC  B 13 ? 1.28114 1.06378 1.43015 -0.09154 0.04988  -0.12791 26  DC  B "C4'" 
559 O "O4'" . DC  B 13 ? 1.26350 1.06149 1.42571 -0.07291 0.02973  -0.10118 26  DC  B "O4'" 
560 C "C3'" . DC  B 13 ? 1.27233 1.07148 1.40480 -0.10247 0.05516  -0.13781 26  DC  B "C3'" 
561 O "O3'" . DC  B 13 ? 1.30602 1.06345 1.37457 -0.12132 0.05671  -0.14255 26  DC  B "O3'" 
562 C "C2'" . DC  B 13 ? 1.24336 1.07947 1.39686 -0.08353 0.03623  -0.11723 26  DC  B "C2'" 
563 C "C1'" . DC  B 13 ? 1.25289 1.07071 1.39905 -0.07206 0.02138  -0.09509 26  DC  B "C1'" 
564 N N1    . DC  B 13 ? 1.21988 1.07179 1.39812 -0.05014 0.00651  -0.07157 26  DC  B N1    
565 C C2    . DC  B 13 ? 1.20989 1.06286 1.36501 -0.04472 -0.00792 -0.05439 26  DC  B C2    
566 O O2    . DC  B 13 ? 1.23258 1.05855 1.34496 -0.05636 -0.01052 -0.05971 26  DC  B O2    
567 N N3    . DC  B 13 ? 1.19370 1.07635 1.37283 -0.02656 -0.01855 -0.03277 26  DC  B N3    
568 C C4    . DC  B 13 ? 1.17213 1.07839 1.39403 -0.01287 -0.01796 -0.02598 26  DC  B C4    
569 N N4    . DC  B 13 ? 1.16089 1.09107 1.39767 0.00436  -0.02884 -0.00215 26  DC  B N4    
570 C C5    . DC  B 13 ? 1.16940 1.07470 1.41978 -0.01588 -0.00614 -0.04383 26  DC  B C5    
571 C C6    . DC  B 13 ? 1.19825 1.07811 1.42670 -0.03518 0.00715  -0.06719 26  DC  B C6    
572 P P     . DC  B 14 ? 1.35254 1.10454 1.39118 -0.14402 0.07239  -0.16133 27  DC  B P     
573 O OP1   . DC  B 14 ? 1.38034 1.08258 1.36971 -0.16627 0.08880  -0.17610 27  DC  B OP1   
574 O OP2   . DC  B 14 ? 1.26582 1.06996 1.36034 -0.13946 0.08147  -0.17271 27  DC  B OP2   
575 O "O5'" . DC  B 14 ? 1.31978 1.06238 1.32110 -0.14252 0.05356  -0.14708 27  DC  B "O5'" 
576 C "C5'" . DC  B 14 ? 1.29287 1.04033 1.29839 -0.12295 0.03069  -0.12490 27  DC  B "C5'" 
577 C "C4'" . DC  B 14 ? 1.28592 1.04696 1.27780 -0.11864 0.01658  -0.11717 27  DC  B "C4'" 
578 O "O4'" . DC  B 14 ? 1.25949 1.06452 1.29245 -0.09571 0.00295  -0.10029 27  DC  B "O4'" 
579 C "C3'" . DC  B 14 ? 1.28661 1.06375 1.27781 -0.13197 0.02731  -0.13301 27  DC  B "C3'" 
580 O "O3'" . DC  B 14 ? 1.28765 1.05268 1.24514 -0.13404 0.01475  -0.12924 27  DC  B "O3'" 
581 C "C2'" . DC  B 14 ? 1.22780 1.06522 1.28017 -0.11467 0.02482  -0.13053 27  DC  B "C2'" 
582 C "C1'" . DC  B 14 ? 1.22917 1.07597 1.28642 -0.09303 0.00411  -0.10632 27  DC  B "C1'" 
583 N N1    . DC  B 14 ? 1.19565 1.08646 1.30442 -0.07205 -0.00150 -0.09458 27  DC  B N1    
584 C C2    . DC  B 14 ? 1.18843 1.10206 1.30326 -0.05378 -0.01829 -0.07409 27  DC  B C2    
585 O O2    . DC  B 14 ? 1.18783 1.08815 1.26998 -0.05520 -0.02744 -0.06903 27  DC  B O2    
586 N N3    . DC  B 14 ? 1.18133 1.12957 1.33642 -0.03486 -0.02388 -0.06060 27  DC  B N3    
587 C C4    . DC  B 14 ? 1.15851 1.11934 1.35164 -0.03192 -0.01555 -0.06832 27  DC  B C4    
588 N N4    . DC  B 14 ? 1.13636 1.12661 1.36645 -0.01130 -0.02418 -0.05299 27  DC  B N4    
589 C C5    . DC  B 14 ? 1.14944 1.09193 1.34306 -0.04991 0.00234  -0.09244 27  DC  B C5    
590 C C6    . DC  B 14 ? 1.17533 1.08282 1.32384 -0.07053 0.00988  -0.10416 27  DC  B C6    
591 P P     . DG  B 15 ? 1.31942 1.03832 1.22243 -0.15980 0.02422  -0.14313 28  DG  B P     
592 O OP1   . DG  B 15 ? 1.35712 1.01852 1.21338 -0.16963 0.02668  -0.14173 28  DG  B OP1   
593 O OP2   . DG  B 15 ? 1.29044 1.03518 1.21736 -0.17473 0.04403  -0.16229 28  DG  B OP2   
594 O "O5'" . DG  B 15 ? 1.32096 1.03645 1.20242 -0.15193 0.00331  -0.13513 28  DG  B "O5'" 
595 C "C5'" . DG  B 15 ? 1.31543 1.00343 1.17044 -0.14045 -0.01609 -0.12132 28  DG  B "C5'" 
596 C "C4'" . DG  B 15 ? 1.27886 1.00799 1.16007 -0.11877 -0.03410 -0.11048 28  DG  B "C4'" 
597 O "O4'" . DG  B 15 ? 1.24914 1.03204 1.18337 -0.10429 -0.03109 -0.10360 28  DG  B "O4'" 
598 C "C3'" . DG  B 15 ? 1.28678 1.02849 1.16123 -0.12150 -0.03916 -0.11878 28  DG  B "C3'" 
599 O "O3'" . DG  B 15 ? 1.29642 1.03528 1.15893 -0.10742 -0.05879 -0.11092 28  DG  B "O3'" 
600 C "C2'" . DG  B 15 ? 1.25475 1.05996 1.18001 -0.11321 -0.03404 -0.12131 28  DG  B "C2'" 
601 C "C1'" . DG  B 15 ? 1.22378 1.05147 1.17974 -0.09564 -0.03698 -0.10491 28  DG  B "C1'" 
602 N N9    . DG  B 15 ? 1.18550 1.05766 1.18783 -0.08987 -0.02861 -0.10643 28  DG  B N9    
603 C C8    . DG  B 15 ? 1.18535 1.05918 1.20360 -0.10334 -0.01114 -0.12150 28  DG  B C8    
604 N N7    . DG  B 15 ? 1.15152 1.07056 1.21722 -0.09132 -0.00991 -0.12073 28  DG  B N7    
605 C C5    . DG  B 15 ? 1.13860 1.08424 1.21464 -0.06948 -0.02715 -0.10150 28  DG  B C5    
606 C C6    . DG  B 15 ? 1.12716 1.11865 1.24266 -0.04890 -0.03520 -0.08992 28  DG  B C6    
607 O O6    . DG  B 15 ? 1.11979 1.13930 1.27430 -0.04365 -0.03113 -0.09563 28  DG  B O6    
608 N N1    . DG  B 15 ? 1.12315 1.12647 1.22937 -0.03294 -0.04970 -0.07012 28  DG  B N1    
609 C C2    . DG  B 15 ? 1.14180 1.12051 1.21260 -0.03558 -0.05569 -0.06526 28  DG  B C2    
610 N N2    . DG  B 15 ? 1.14804 1.14742 1.21832 -0.01958 -0.06667 -0.04776 28  DG  B N2    
611 N N3    . DG  B 15 ? 1.17173 1.10771 1.20913 -0.05244 -0.05137 -0.07704 28  DG  B N3    
612 C C4    . DG  B 15 ? 1.16162 1.08120 1.20059 -0.06914 -0.03706 -0.09348 28  DG  B C4    
613 P P     . DC  B 16 ? 1.32230 1.05636 1.16545 -0.10978 -0.06830 -0.12081 29  DC  B P     
614 O OP1   . DC  B 16 ? 1.33335 1.03916 1.15208 -0.09899 -0.08727 -0.11487 29  DC  B OP1   
615 O OP2   . DC  B 16 ? 1.32875 1.03561 1.15112 -0.13394 -0.05378 -0.13597 29  DC  B OP2   
616 O "O5'" . DC  B 16 ? 1.25234 1.05569 1.13861 -0.09414 -0.07192 -0.11986 29  DC  B "O5'" 
617 C "C5'" . DC  B 16 ? 1.22569 1.06236 1.13386 -0.07285 -0.08164 -0.10479 29  DC  B "C5'" 
618 C "C4'" . DC  B 16 ? 1.18562 1.08414 1.12819 -0.06121 -0.08209 -0.10356 29  DC  B "C4'" 
619 O "O4'" . DC  B 16 ? 1.17667 1.09475 1.14739 -0.06462 -0.07001 -0.10298 29  DC  B "O4'" 
620 C "C3'" . DC  B 16 ? 1.21515 1.12988 1.15312 -0.06556 -0.08614 -0.12079 29  DC  B "C3'" 
621 O "O3'" . DC  B 16 ? 1.21332 1.16251 1.15616 -0.04810 -0.09848 -0.11663 29  DC  B "O3'" 
622 C "C2'" . DC  B 16 ? 1.18246 1.13141 1.15072 -0.07145 -0.07609 -0.12956 29  DC  B "C2'" 
623 C "C1'" . DC  B 16 ? 1.15911 1.12205 1.15225 -0.06174 -0.07102 -0.11248 29  DC  B "C1'" 
624 N N1    . DC  B 16 ? 1.15549 1.12701 1.17410 -0.07170 -0.05716 -0.12139 29  DC  B N1    
625 C C2    . DC  B 16 ? 1.13183 1.14900 1.19060 -0.05713 -0.05850 -0.11436 29  DC  B C2    
626 O O2    . DC  B 16 ? 1.11730 1.16393 1.18358 -0.03754 -0.07061 -0.09856 29  DC  B O2    
627 N N3    . DC  B 16 ? 1.11573 1.14271 1.20355 -0.06483 -0.04629 -0.12559 29  DC  B N3    
628 C C4    . DC  B 16 ? 1.11752 1.11152 1.19271 -0.08833 -0.03007 -0.14285 29  DC  B C4    
629 N N4    . DC  B 16 ? 1.10784 1.11657 1.21595 -0.09592 -0.01591 -0.15632 29  DC  B N4    
630 C C5    . DC  B 16 ? 1.14734 1.09039 1.17463 -0.10491 -0.02758 -0.14730 29  DC  B C5    
631 C C6    . DC  B 16 ? 1.16798 1.10107 1.16979 -0.09468 -0.04297 -0.13627 29  DC  B C6    
632 P P     . DC  B 17 ? 1.21884 1.18973 1.15729 -0.04822 -0.10627 -0.13533 30  DC  B P     
633 O OP1   . DC  B 17 ? 1.22233 1.17375 1.13848 -0.04125 -0.11747 -0.13739 30  DC  B OP1   
634 O OP2   . DC  B 17 ? 1.19367 1.14892 1.13123 -0.06872 -0.09746 -0.15367 30  DC  B OP2   
635 O "O5'" . DC  B 17 ? 1.15684 1.19402 1.12283 -0.03073 -0.11055 -0.12830 30  DC  B "O5'" 
636 C "C5'" . DC  B 17 ? 1.14321 1.20155 1.11464 -0.01316 -0.11372 -0.10710 30  DC  B "C5'" 
637 C "C4'" . DC  B 17 ? 1.11782 1.23063 1.11050 0.00059  -0.11661 -0.09836 30  DC  B "C4'" 
638 O "O4'" . DC  B 17 ? 1.12279 1.23825 1.13954 -0.00392 -0.10964 -0.09513 30  DC  B "O4'" 
639 C "C3'" . DC  B 17 ? 1.12704 1.27705 1.11908 0.00392  -0.12581 -0.11655 30  DC  B "C3'" 
640 O "O3'" . DC  B 17 ? 1.11617 1.31145 1.11003 0.02262  -0.13282 -0.10310 30  DC  B "O3'" 
641 C "C2'" . DC  B 17 ? 1.11802 1.27472 1.13218 -0.00741 -0.12207 -0.13099 30  DC  B "C2'" 
642 C "C1'" . DC  B 17 ? 1.09530 1.24469 1.12846 -0.00500 -0.11377 -0.11162 30  DC  B "C1'" 
643 N N1    . DC  B 17 ? 1.07768 1.20648 1.12668 -0.02273 -0.10220 -0.12505 30  DC  B N1    
644 C C2    . DC  B 17 ? 1.07016 1.22466 1.15397 -0.01834 -0.09941 -0.12315 30  DC  B C2    
645 O O2    . DC  B 17 ? 1.06390 1.25407 1.16188 0.00135  -0.10908 -0.10790 30  DC  B O2    
646 N N3    . DC  B 17 ? 1.07420 1.21242 1.17437 -0.03582 -0.08582 -0.13846 30  DC  B N3    
647 C C4    . DC  B 17 ? 1.08923 1.18372 1.16586 -0.05798 -0.07494 -0.15220 30  DC  B C4    
648 N N4    . DC  B 17 ? 1.09812 1.17729 1.18798 -0.07681 -0.05852 -0.16697 30  DC  B N4    
649 C C5    . DC  B 17 ? 1.11602 1.17916 1.15369 -0.06154 -0.08029 -0.15168 30  DC  B C5    
650 C C6    . DC  B 17 ? 1.11000 1.19346 1.13844 -0.04301 -0.09406 -0.13936 30  DC  B C6    
651 P P     . DC  B 18 ? 1.09467 1.33463 1.08280 0.03028  -0.14508 -0.12044 31  DC  B P     
652 O OP1   . DC  B 18 ? 1.10608 1.37715 1.07972 0.04820  -0.14915 -0.10287 31  DC  B OP1   
653 O OP2   . DC  B 18 ? 1.10194 1.31896 1.07922 0.01671  -0.14639 -0.14782 31  DC  B OP2   
654 O "O5'" . DC  B 18 ? 1.09138 1.36133 1.10702 0.03118  -0.14968 -0.12599 31  DC  B "O5'" 
655 C "C5'" . DC  B 18 ? 1.08903 1.38220 1.11834 0.04599  -0.15248 -0.10254 31  DC  B "C5'" 
656 C "C4'" . DC  B 18 ? 1.08838 1.40767 1.15021 0.04596  -0.15853 -0.11516 31  DC  B "C4'" 
657 O "O4'" . DC  B 18 ? 1.07857 1.36500 1.16105 0.02830  -0.14484 -0.12372 31  DC  B "O4'" 
658 C "C3'" . DC  B 18 ? 1.09712 1.44778 1.16338 0.04244  -0.16971 -0.14604 31  DC  B "C3'" 
659 O "O3'" . DC  B 18 ? 1.11088 1.50905 1.16987 0.06312  -0.18746 -0.14037 31  DC  B "O3'" 
660 C "C2'" . DC  B 18 ? 1.09074 1.44318 1.19673 0.02918  -0.16481 -0.16544 31  DC  B "C2'" 
661 C "C1'" . DC  B 18 ? 1.07952 1.39185 1.19330 0.02262  -0.14835 -0.14721 31  DC  B "C1'" 
662 N N1    . DC  B 18 ? 1.07815 1.35289 1.19884 -0.00316 -0.13143 -0.16618 31  DC  B N1    
663 C C2    . DC  B 18 ? 1.07411 1.35315 1.23184 -0.01171 -0.12223 -0.17644 31  DC  B C2    
664 O O2    . DC  B 18 ? 1.06972 1.38468 1.25795 0.00458  -0.13104 -0.17034 31  DC  B O2    
665 N N3    . DC  B 18 ? 1.07948 1.32215 1.23746 -0.03739 -0.10383 -0.19305 31  DC  B N3    
666 C C4    . DC  B 18 ? 1.09073 1.29043 1.21180 -0.05257 -0.09771 -0.19728 31  DC  B C4    
667 N N4    . DC  B 18 ? 1.10420 1.26374 1.21957 -0.07833 -0.07958 -0.21130 31  DC  B N4    
668 C C5    . DC  B 18 ? 1.09305 1.28799 1.18058 -0.04174 -0.10972 -0.18777 31  DC  B C5    
669 C C6    . DC  B 18 ? 1.08540 1.32031 1.17505 -0.01794 -0.12480 -0.17342 31  DC  B C6    
670 N N9    . ADE C .  ? 1.43142 1.89224 0.86242 -0.69568 -0.05053 0.44246  101 ADE A N9    
671 C C8    . ADE C .  ? 1.39723 1.79184 0.79578 -0.75635 -0.09752 0.37094  101 ADE A C8    
672 N N7    . ADE C .  ? 1.39182 1.68528 0.74669 -0.79985 -0.13364 0.31532  101 ADE A N7    
673 C C5    . ADE C .  ? 1.41564 1.71879 0.78786 -0.76943 -0.10884 0.35593  101 ADE A C5    
674 C C6    . ADE C .  ? 1.42835 1.65535 0.76955 -0.78684 -0.12479 0.33243  101 ADE A C6    
675 N N6    . ADE C .  ? 1.43917 1.55425 0.70828 -0.83458 -0.17039 0.25810  101 ADE A N6    
676 N N1    . ADE C .  ? 1.45342 1.71831 0.82558 -0.74604 -0.09009 0.38867  101 ADE A N1    
677 C C2    . ADE C .  ? 1.47310 1.83707 0.89231 -0.68731 -0.04112 0.46117  101 ADE A C2    
678 N N3    . ADE C .  ? 1.47364 1.90960 0.91379 -0.66059 -0.02072 0.48872  101 ADE A N3    
679 C C4    . ADE C .  ? 1.43972 1.84507 0.85950 -0.70560 -0.05710 0.43427  101 ADE A C4    
# 
